data_4TU5
# 
_entry.id   4TU5 
# 
_audit_conform.dict_name       mmcif_pdbx.dic 
_audit_conform.dict_version    5.379 
_audit_conform.dict_location   http://mmcif.pdb.org/dictionaries/ascii/mmcif_pdbx.dic 
# 
loop_
_database_2.database_id 
_database_2.database_code 
_database_2.pdbx_database_accession 
_database_2.pdbx_DOI 
PDB   4TU5         pdb_00004tu5 10.2210/pdb4tu5/pdb 
WWPDB D_1000202284 ?            ?                   
# 
_pdbx_database_related.db_name        PDB 
_pdbx_database_related.details        '4TU2 contains the same protein complexed with enantiomer of ligand in this structure.' 
_pdbx_database_related.db_id          4TU2 
_pdbx_database_related.content_type   unspecified 
# 
_pdbx_database_status.status_code                     REL 
_pdbx_database_status.status_code_sf                  REL 
_pdbx_database_status.status_code_mr                  ? 
_pdbx_database_status.entry_id                        4TU5 
_pdbx_database_status.recvd_initial_deposition_date   2014-06-23 
_pdbx_database_status.SG_entry                        N 
_pdbx_database_status.deposit_site                    RCSB 
_pdbx_database_status.process_site                    RCSB 
_pdbx_database_status.status_code_cs                  ? 
_pdbx_database_status.methods_development_category    ? 
_pdbx_database_status.pdb_format_compatible           Y 
_pdbx_database_status.status_code_nmr_data            ? 
# 
loop_
_audit_author.name 
_audit_author.pdbx_ordinal 
'Reeve, S.M.'    1 
'Anderson, A.C.' 2 
# 
_citation.abstract                  ? 
_citation.abstract_id_CAS           ? 
_citation.book_id_ISBN              ? 
_citation.book_publisher            ? 
_citation.book_publisher_city       ? 
_citation.book_title                ? 
_citation.coordinate_linkage        ? 
_citation.country                   US 
_citation.database_id_Medline       ? 
_citation.details                   ? 
_citation.id                        primary 
_citation.journal_abbrev            J.Am.Chem.Soc. 
_citation.journal_id_ASTM           JACSAT 
_citation.journal_id_CSD            ? 
_citation.journal_id_ISSN           1520-5126 
_citation.journal_full              ? 
_citation.journal_issue             ? 
_citation.journal_volume            137 
_citation.language                  ? 
_citation.page_first                8983 
_citation.page_last                 8990 
_citation.title                     
'Nonracemic Antifolates Stereoselectively Recruit Alternate Cofactors and Overcome Resistance in S. aureus.' 
_citation.year                      2015 
_citation.database_id_CSD           ? 
_citation.pdbx_database_id_DOI      10.1021/jacs.5b01442 
_citation.pdbx_database_id_PubMed   26098608 
_citation.unpublished_flag          ? 
# 
loop_
_citation_author.citation_id 
_citation_author.name 
_citation_author.ordinal 
_citation_author.identifier_ORCID 
primary 'Keshipeddy, S.' 1 ? 
primary 'Reeve, S.M.'    2 ? 
primary 'Anderson, A.C.' 3 ? 
primary 'Wright, D.L.'   4 ? 
# 
_cell.entry_id           4TU5 
_cell.length_a           79.529 
_cell.length_b           79.529 
_cell.length_c           109.581 
_cell.angle_alpha        90.00 
_cell.angle_beta         90.00 
_cell.angle_gamma        120.00 
_cell.Z_PDB              12 
_cell.pdbx_unique_axis   ? 
# 
_symmetry.entry_id                         4TU5 
_symmetry.cell_setting                     ? 
_symmetry.Int_Tables_number                178 
_symmetry.space_group_name_Hall            ? 
_symmetry.space_group_name_H-M             'P 61 2 2' 
_symmetry.pdbx_full_space_group_name_H-M   ? 
# 
loop_
_entity.id 
_entity.type 
_entity.src_method 
_entity.pdbx_description 
_entity.formula_weight 
_entity.pdbx_number_of_molecules 
_entity.pdbx_ec 
_entity.pdbx_mutation 
_entity.pdbx_fragment 
_entity.details 
1 polymer     man 'Dihydrofolate reductase'                                                                  18015.557 1   1.5.1.3 
? ? ? 
2 non-polymer syn 'NADPH DIHYDRO-NICOTINAMIDE-ADENINE-DINUCLEOTIDE PHOSPHATE'                                745.421   1   ?       
? ? ? 
3 non-polymer syn '6-ethyl-5-{(3S)-3-[3-methoxy-5-(pyridin-4-yl)phenyl]but-1-yn-1-yl}pyrimidine-2,4-diamine' 373.451   1   ?       
? ? ? 
4 water       nat water                                                                                      18.015    138 ?       
? ? ? 
# 
_entity_poly.entity_id                      1 
_entity_poly.type                           'polypeptide(L)' 
_entity_poly.nstd_linkage                   no 
_entity_poly.nstd_monomer                   no 
_entity_poly.pdbx_seq_one_letter_code       
;TLSILVAHDLQRVIGFENQLPWHLPNDLKHVKKLSTGHTLVMGRKTFESIGKPLPNRRNVVLTSDTSFNVEGVDVIHSIE
DIYQLPGHVFIFGGQTLFEEMIDKVDDMYITVIEGKFRGDTFFPPYTFEDWEVASSVEGKLDEKNTIPHTFLHLIRK
;
_entity_poly.pdbx_seq_one_letter_code_can   
;TLSILVAHDLQRVIGFENQLPWHLPNDLKHVKKLSTGHTLVMGRKTFESIGKPLPNRRNVVLTSDTSFNVEGVDVIHSIE
DIYQLPGHVFIFGGQTLFEEMIDKVDDMYITVIEGKFRGDTFFPPYTFEDWEVASSVEGKLDEKNTIPHTFLHLIRK
;
_entity_poly.pdbx_strand_id                 X 
_entity_poly.pdbx_target_identifier         ? 
# 
loop_
_entity_poly_seq.entity_id 
_entity_poly_seq.num 
_entity_poly_seq.mon_id 
_entity_poly_seq.hetero 
1 1   THR n 
1 2   LEU n 
1 3   SER n 
1 4   ILE n 
1 5   LEU n 
1 6   VAL n 
1 7   ALA n 
1 8   HIS n 
1 9   ASP n 
1 10  LEU n 
1 11  GLN n 
1 12  ARG n 
1 13  VAL n 
1 14  ILE n 
1 15  GLY n 
1 16  PHE n 
1 17  GLU n 
1 18  ASN n 
1 19  GLN n 
1 20  LEU n 
1 21  PRO n 
1 22  TRP n 
1 23  HIS n 
1 24  LEU n 
1 25  PRO n 
1 26  ASN n 
1 27  ASP n 
1 28  LEU n 
1 29  LYS n 
1 30  HIS n 
1 31  VAL n 
1 32  LYS n 
1 33  LYS n 
1 34  LEU n 
1 35  SER n 
1 36  THR n 
1 37  GLY n 
1 38  HIS n 
1 39  THR n 
1 40  LEU n 
1 41  VAL n 
1 42  MET n 
1 43  GLY n 
1 44  ARG n 
1 45  LYS n 
1 46  THR n 
1 47  PHE n 
1 48  GLU n 
1 49  SER n 
1 50  ILE n 
1 51  GLY n 
1 52  LYS n 
1 53  PRO n 
1 54  LEU n 
1 55  PRO n 
1 56  ASN n 
1 57  ARG n 
1 58  ARG n 
1 59  ASN n 
1 60  VAL n 
1 61  VAL n 
1 62  LEU n 
1 63  THR n 
1 64  SER n 
1 65  ASP n 
1 66  THR n 
1 67  SER n 
1 68  PHE n 
1 69  ASN n 
1 70  VAL n 
1 71  GLU n 
1 72  GLY n 
1 73  VAL n 
1 74  ASP n 
1 75  VAL n 
1 76  ILE n 
1 77  HIS n 
1 78  SER n 
1 79  ILE n 
1 80  GLU n 
1 81  ASP n 
1 82  ILE n 
1 83  TYR n 
1 84  GLN n 
1 85  LEU n 
1 86  PRO n 
1 87  GLY n 
1 88  HIS n 
1 89  VAL n 
1 90  PHE n 
1 91  ILE n 
1 92  PHE n 
1 93  GLY n 
1 94  GLY n 
1 95  GLN n 
1 96  THR n 
1 97  LEU n 
1 98  PHE n 
1 99  GLU n 
1 100 GLU n 
1 101 MET n 
1 102 ILE n 
1 103 ASP n 
1 104 LYS n 
1 105 VAL n 
1 106 ASP n 
1 107 ASP n 
1 108 MET n 
1 109 TYR n 
1 110 ILE n 
1 111 THR n 
1 112 VAL n 
1 113 ILE n 
1 114 GLU n 
1 115 GLY n 
1 116 LYS n 
1 117 PHE n 
1 118 ARG n 
1 119 GLY n 
1 120 ASP n 
1 121 THR n 
1 122 PHE n 
1 123 PHE n 
1 124 PRO n 
1 125 PRO n 
1 126 TYR n 
1 127 THR n 
1 128 PHE n 
1 129 GLU n 
1 130 ASP n 
1 131 TRP n 
1 132 GLU n 
1 133 VAL n 
1 134 ALA n 
1 135 SER n 
1 136 SER n 
1 137 VAL n 
1 138 GLU n 
1 139 GLY n 
1 140 LYS n 
1 141 LEU n 
1 142 ASP n 
1 143 GLU n 
1 144 LYS n 
1 145 ASN n 
1 146 THR n 
1 147 ILE n 
1 148 PRO n 
1 149 HIS n 
1 150 THR n 
1 151 PHE n 
1 152 LEU n 
1 153 HIS n 
1 154 LEU n 
1 155 ILE n 
1 156 ARG n 
1 157 LYS n 
# 
_entity_src_gen.entity_id                          1 
_entity_src_gen.pdbx_src_id                        1 
_entity_src_gen.pdbx_alt_source_flag               sample 
_entity_src_gen.pdbx_seq_type                      'Biological sequence' 
_entity_src_gen.pdbx_beg_seq_num                   1 
_entity_src_gen.pdbx_end_seq_num                   157 
_entity_src_gen.gene_src_common_name               ? 
_entity_src_gen.gene_src_genus                     ? 
_entity_src_gen.pdbx_gene_src_gene                 'dfrB, SAB1281c' 
_entity_src_gen.gene_src_species                   ? 
_entity_src_gen.gene_src_strain                    'bovine RF122 / ET3-1' 
_entity_src_gen.gene_src_tissue                    ? 
_entity_src_gen.gene_src_tissue_fraction           ? 
_entity_src_gen.gene_src_details                   ? 
_entity_src_gen.pdbx_gene_src_fragment             ? 
_entity_src_gen.pdbx_gene_src_scientific_name      'Staphylococcus aureus' 
_entity_src_gen.pdbx_gene_src_ncbi_taxonomy_id     273036 
_entity_src_gen.pdbx_gene_src_variant              ? 
_entity_src_gen.pdbx_gene_src_cell_line            ? 
_entity_src_gen.pdbx_gene_src_atcc                 29213 
_entity_src_gen.pdbx_gene_src_organ                ? 
_entity_src_gen.pdbx_gene_src_organelle            ? 
_entity_src_gen.pdbx_gene_src_cell                 ? 
_entity_src_gen.pdbx_gene_src_cellular_location    ? 
_entity_src_gen.host_org_common_name               ? 
_entity_src_gen.pdbx_host_org_scientific_name      'Escherichia coli' 
_entity_src_gen.pdbx_host_org_ncbi_taxonomy_id     511693 
_entity_src_gen.host_org_genus                     ? 
_entity_src_gen.pdbx_host_org_gene                 ? 
_entity_src_gen.pdbx_host_org_organ                ? 
_entity_src_gen.host_org_species                   ? 
_entity_src_gen.pdbx_host_org_tissue               ? 
_entity_src_gen.pdbx_host_org_tissue_fraction      ? 
_entity_src_gen.pdbx_host_org_strain               BL21 
_entity_src_gen.pdbx_host_org_variant              DE3 
_entity_src_gen.pdbx_host_org_cell_line            ? 
_entity_src_gen.pdbx_host_org_atcc                 ? 
_entity_src_gen.pdbx_host_org_culture_collection   ? 
_entity_src_gen.pdbx_host_org_cell                 ? 
_entity_src_gen.pdbx_host_org_organelle            ? 
_entity_src_gen.pdbx_host_org_cellular_location    ? 
_entity_src_gen.pdbx_host_org_vector_type          Plasmid 
_entity_src_gen.pdbx_host_org_vector               ? 
_entity_src_gen.host_org_details                   'Expression Vector' 
_entity_src_gen.expression_system_id               ? 
_entity_src_gen.plasmid_name                       'pET-41a(+)' 
_entity_src_gen.plasmid_details                    ? 
_entity_src_gen.pdbx_description                   ? 
# 
_struct_ref.id                         1 
_struct_ref.db_name                    UNP 
_struct_ref.db_code                    Q2YY41_STAAB 
_struct_ref.pdbx_db_accession          Q2YY41 
_struct_ref.entity_id                  1 
_struct_ref.pdbx_seq_one_letter_code   
;TLSILVAHDLQRVIGFENQLPWHLPNDLKHVKKLSTGHTLVMGRKTFESIGKPLPNRRNVVLTSDTSFNVEGVDVIHSIE
DIYQLPGHVFIFGGQTLFEEMIDKVDDMYITVIEGKFRGDTFFPPYTFEDWEVASSVEGKLDEKNTIPHTFLHLIRK
;
_struct_ref.pdbx_align_begin           2 
_struct_ref.pdbx_db_isoform            ? 
# 
_struct_ref_seq.align_id                      1 
_struct_ref_seq.ref_id                        1 
_struct_ref_seq.pdbx_PDB_id_code              4TU5 
_struct_ref_seq.pdbx_strand_id                X 
_struct_ref_seq.seq_align_beg                 1 
_struct_ref_seq.pdbx_seq_align_beg_ins_code   ? 
_struct_ref_seq.seq_align_end                 157 
_struct_ref_seq.pdbx_seq_align_end_ins_code   ? 
_struct_ref_seq.pdbx_db_accession             Q2YY41 
_struct_ref_seq.db_align_beg                  2 
_struct_ref_seq.pdbx_db_align_beg_ins_code    ? 
_struct_ref_seq.db_align_end                  158 
_struct_ref_seq.pdbx_db_align_end_ins_code    ? 
_struct_ref_seq.pdbx_auth_seq_align_beg       1 
_struct_ref_seq.pdbx_auth_seq_align_end       157 
# 
loop_
_chem_comp.id 
_chem_comp.type 
_chem_comp.mon_nstd_flag 
_chem_comp.name 
_chem_comp.pdbx_synonyms 
_chem_comp.formula 
_chem_comp.formula_weight 
06W non-polymer         . '6-ethyl-5-{(3S)-3-[3-methoxy-5-(pyridin-4-yl)phenyl]but-1-yn-1-yl}pyrimidine-2,4-diamine' ? 
'C22 H23 N5 O'      373.451 
ALA 'L-peptide linking' y ALANINE                                                                                    ? 
'C3 H7 N O2'        89.093  
ARG 'L-peptide linking' y ARGININE                                                                                   ? 
'C6 H15 N4 O2 1'    175.209 
ASN 'L-peptide linking' y ASPARAGINE                                                                                 ? 
'C4 H8 N2 O3'       132.118 
ASP 'L-peptide linking' y 'ASPARTIC ACID'                                                                            ? 
'C4 H7 N O4'        133.103 
GLN 'L-peptide linking' y GLUTAMINE                                                                                  ? 
'C5 H10 N2 O3'      146.144 
GLU 'L-peptide linking' y 'GLUTAMIC ACID'                                                                            ? 
'C5 H9 N O4'        147.129 
GLY 'peptide linking'   y GLYCINE                                                                                    ? 
'C2 H5 N O2'        75.067  
HIS 'L-peptide linking' y HISTIDINE                                                                                  ? 
'C6 H10 N3 O2 1'    156.162 
HOH non-polymer         . WATER                                                                                      ? 'H2 O' 
18.015  
ILE 'L-peptide linking' y ISOLEUCINE                                                                                 ? 
'C6 H13 N O2'       131.173 
LEU 'L-peptide linking' y LEUCINE                                                                                    ? 
'C6 H13 N O2'       131.173 
LYS 'L-peptide linking' y LYSINE                                                                                     ? 
'C6 H15 N2 O2 1'    147.195 
MET 'L-peptide linking' y METHIONINE                                                                                 ? 
'C5 H11 N O2 S'     149.211 
NDP non-polymer         . 'NADPH DIHYDRO-NICOTINAMIDE-ADENINE-DINUCLEOTIDE PHOSPHATE'                                ? 
'C21 H30 N7 O17 P3' 745.421 
PHE 'L-peptide linking' y PHENYLALANINE                                                                              ? 
'C9 H11 N O2'       165.189 
PRO 'L-peptide linking' y PROLINE                                                                                    ? 
'C5 H9 N O2'        115.130 
SER 'L-peptide linking' y SERINE                                                                                     ? 
'C3 H7 N O3'        105.093 
THR 'L-peptide linking' y THREONINE                                                                                  ? 
'C4 H9 N O3'        119.119 
TRP 'L-peptide linking' y TRYPTOPHAN                                                                                 ? 
'C11 H12 N2 O2'     204.225 
TYR 'L-peptide linking' y TYROSINE                                                                                   ? 
'C9 H11 N O3'       181.189 
VAL 'L-peptide linking' y VALINE                                                                                     ? 
'C5 H11 N O2'       117.146 
# 
_exptl.absorpt_coefficient_mu     ? 
_exptl.absorpt_correction_T_max   ? 
_exptl.absorpt_correction_T_min   ? 
_exptl.absorpt_correction_type    ? 
_exptl.absorpt_process_details    ? 
_exptl.entry_id                   4TU5 
_exptl.crystals_number            ? 
_exptl.details                    ? 
_exptl.method                     'X-RAY DIFFRACTION' 
_exptl.method_details             ? 
# 
_exptl_crystal.colour                      ? 
_exptl_crystal.density_diffrn              ? 
_exptl_crystal.density_Matthews            2.78 
_exptl_crystal.density_method              ? 
_exptl_crystal.density_percent_sol         55.70 
_exptl_crystal.description                 ? 
_exptl_crystal.F_000                       ? 
_exptl_crystal.id                          1 
_exptl_crystal.preparation                 ? 
_exptl_crystal.size_max                    ? 
_exptl_crystal.size_mid                    ? 
_exptl_crystal.size_min                    ? 
_exptl_crystal.size_rad                    ? 
_exptl_crystal.colour_lustre               ? 
_exptl_crystal.colour_modifier             ? 
_exptl_crystal.colour_primary              ? 
_exptl_crystal.density_meas                ? 
_exptl_crystal.density_meas_esd            ? 
_exptl_crystal.density_meas_gt             ? 
_exptl_crystal.density_meas_lt             ? 
_exptl_crystal.density_meas_temp           ? 
_exptl_crystal.density_meas_temp_esd       ? 
_exptl_crystal.density_meas_temp_gt        ? 
_exptl_crystal.density_meas_temp_lt        ? 
_exptl_crystal.pdbx_crystal_image_url      ? 
_exptl_crystal.pdbx_crystal_image_format   ? 
_exptl_crystal.pdbx_mosaicity              ? 
_exptl_crystal.pdbx_mosaicity_esd          ? 
# 
_exptl_crystal_grow.apparatus       ? 
_exptl_crystal_grow.atmosphere      ? 
_exptl_crystal_grow.crystal_id      1 
_exptl_crystal_grow.details         ? 
_exptl_crystal_grow.method          'VAPOR DIFFUSION, HANGING DROP' 
_exptl_crystal_grow.method_ref      ? 
_exptl_crystal_grow.pH              6.0 
_exptl_crystal_grow.pressure        ? 
_exptl_crystal_grow.pressure_esd    ? 
_exptl_crystal_grow.seeding         ? 
_exptl_crystal_grow.seeding_ref     ? 
_exptl_crystal_grow.temp            277 
_exptl_crystal_grow.temp_details    ? 
_exptl_crystal_grow.temp_esd        ? 
_exptl_crystal_grow.time            ? 
_exptl_crystal_grow.pdbx_details    '0.1M MES pH 6.0, 0.1M Sodium acetate, 13% PEG 10,000, 5% gamma-Butyrlactone' 
_exptl_crystal_grow.pdbx_pH_range   ? 
# 
_diffrn.ambient_environment    ? 
_diffrn.ambient_temp           100 
_diffrn.ambient_temp_details   ? 
_diffrn.ambient_temp_esd       ? 
_diffrn.crystal_id             1 
_diffrn.crystal_support        ? 
_diffrn.crystal_treatment      ? 
_diffrn.details                ? 
_diffrn.id                     1 
_diffrn.ambient_pressure       ? 
_diffrn.ambient_pressure_esd   ? 
_diffrn.ambient_pressure_gt    ? 
_diffrn.ambient_pressure_lt    ? 
_diffrn.ambient_temp_gt        ? 
_diffrn.ambient_temp_lt        ? 
# 
_diffrn_detector.details                      ? 
_diffrn_detector.detector                     'IMAGE PLATE' 
_diffrn_detector.diffrn_id                    1 
_diffrn_detector.type                         'RIGAKU RAXIS IV' 
_diffrn_detector.area_resol_mean              ? 
_diffrn_detector.dtime                        ? 
_diffrn_detector.pdbx_frames_total            ? 
_diffrn_detector.pdbx_collection_time_total   ? 
_diffrn_detector.pdbx_collection_date         2013-08-22 
# 
_diffrn_radiation.collimation                      ? 
_diffrn_radiation.diffrn_id                        1 
_diffrn_radiation.filter_edge                      ? 
_diffrn_radiation.inhomogeneity                    ? 
_diffrn_radiation.monochromator                    ? 
_diffrn_radiation.polarisn_norm                    ? 
_diffrn_radiation.polarisn_ratio                   ? 
_diffrn_radiation.probe                            ? 
_diffrn_radiation.type                             ? 
_diffrn_radiation.xray_symbol                      ? 
_diffrn_radiation.wavelength_id                    1 
_diffrn_radiation.pdbx_monochromatic_or_laue_m_l   M 
_diffrn_radiation.pdbx_wavelength_list             ? 
_diffrn_radiation.pdbx_wavelength                  ? 
_diffrn_radiation.pdbx_diffrn_protocol             'SINGLE WAVELENGTH' 
_diffrn_radiation.pdbx_analyzer                    ? 
_diffrn_radiation.pdbx_scattering_type             x-ray 
# 
_diffrn_radiation_wavelength.id           1 
_diffrn_radiation_wavelength.wavelength   1.5417 
_diffrn_radiation_wavelength.wt           1.0 
# 
_diffrn_source.current                     ? 
_diffrn_source.details                     ? 
_diffrn_source.diffrn_id                   1 
_diffrn_source.power                       ? 
_diffrn_source.size                        ? 
_diffrn_source.source                      'ROTATING ANODE' 
_diffrn_source.target                      ? 
_diffrn_source.type                        'RIGAKU MICROMAX-007 HF' 
_diffrn_source.voltage                     ? 
_diffrn_source.take-off_angle              ? 
_diffrn_source.pdbx_wavelength_list        1.5417 
_diffrn_source.pdbx_wavelength             ? 
_diffrn_source.pdbx_synchrotron_beamline   ? 
_diffrn_source.pdbx_synchrotron_site       ? 
# 
_reflns.B_iso_Wilson_estimate            30.75 
_reflns.entry_id                         4TU5 
_reflns.data_reduction_details           ? 
_reflns.data_reduction_method            ? 
_reflns.d_resolution_high                2.15 
_reflns.d_resolution_low                 58.02 
_reflns.details                          ? 
_reflns.limit_h_max                      ? 
_reflns.limit_h_min                      ? 
_reflns.limit_k_max                      ? 
_reflns.limit_k_min                      ? 
_reflns.limit_l_max                      ? 
_reflns.limit_l_min                      ? 
_reflns.number_all                       ? 
_reflns.number_obs                       11499 
_reflns.observed_criterion               ? 
_reflns.observed_criterion_F_max         ? 
_reflns.observed_criterion_F_min         ? 
_reflns.observed_criterion_I_max         ? 
_reflns.observed_criterion_I_min         ? 
_reflns.observed_criterion_sigma_F       0 
_reflns.observed_criterion_sigma_I       0 
_reflns.percent_possible_obs             99.8 
_reflns.R_free_details                   ? 
_reflns.Rmerge_F_all                     ? 
_reflns.Rmerge_F_obs                     ? 
_reflns.Friedel_coverage                 ? 
_reflns.number_gt                        ? 
_reflns.threshold_expression             ? 
_reflns.pdbx_redundancy                  12.94 
_reflns.pdbx_Rmerge_I_obs                0.148 
_reflns.pdbx_Rmerge_I_all                ? 
_reflns.pdbx_Rsym_value                  ? 
_reflns.pdbx_netI_over_av_sigmaI         ? 
_reflns.pdbx_netI_over_sigmaI            8.8 
_reflns.pdbx_res_netI_over_av_sigmaI_2   ? 
_reflns.pdbx_res_netI_over_sigmaI_2      ? 
_reflns.pdbx_chi_squared                 ? 
_reflns.pdbx_scaling_rejects             ? 
_reflns.pdbx_d_res_high_opt              ? 
_reflns.pdbx_d_res_low_opt               ? 
_reflns.pdbx_d_res_opt_method            ? 
_reflns.phase_calculation_details        ? 
_reflns.pdbx_Rrim_I_all                  ? 
_reflns.pdbx_Rpim_I_all                  ? 
_reflns.pdbx_d_opt                       ? 
_reflns.pdbx_number_measured_all         ? 
_reflns.pdbx_diffrn_id                   1 
_reflns.pdbx_ordinal                     1 
_reflns.pdbx_CC_half                     ? 
_reflns.pdbx_R_split                     ? 
# 
_reflns_shell.d_res_high                  2.15 
_reflns_shell.d_res_low                   2.23 
_reflns_shell.meanI_over_sigI_all         ? 
_reflns_shell.meanI_over_sigI_obs         3.6 
_reflns_shell.number_measured_all         ? 
_reflns_shell.number_measured_obs         ? 
_reflns_shell.number_possible             ? 
_reflns_shell.number_unique_all           ? 
_reflns_shell.number_unique_obs           ? 
_reflns_shell.percent_possible_all        100.00 
_reflns_shell.percent_possible_obs        ? 
_reflns_shell.Rmerge_F_all                ? 
_reflns_shell.Rmerge_F_obs                ? 
_reflns_shell.Rmerge_I_all                ? 
_reflns_shell.Rmerge_I_obs                0.455 
_reflns_shell.meanI_over_sigI_gt          ? 
_reflns_shell.meanI_over_uI_all           ? 
_reflns_shell.meanI_over_uI_gt            ? 
_reflns_shell.number_measured_gt          ? 
_reflns_shell.number_unique_gt            ? 
_reflns_shell.percent_possible_gt         ? 
_reflns_shell.Rmerge_F_gt                 ? 
_reflns_shell.Rmerge_I_gt                 ? 
_reflns_shell.pdbx_redundancy             13.26 
_reflns_shell.pdbx_Rsym_value             ? 
_reflns_shell.pdbx_chi_squared            ? 
_reflns_shell.pdbx_netI_over_sigmaI_all   ? 
_reflns_shell.pdbx_netI_over_sigmaI_obs   ? 
_reflns_shell.pdbx_Rrim_I_all             ? 
_reflns_shell.pdbx_Rpim_I_all             ? 
_reflns_shell.pdbx_rejects                ? 
_reflns_shell.pdbx_ordinal                1 
_reflns_shell.pdbx_diffrn_id              1 
_reflns_shell.pdbx_CC_half                ? 
_reflns_shell.pdbx_R_split                ? 
# 
_refine.aniso_B[1][1]                            ? 
_refine.aniso_B[1][2]                            ? 
_refine.aniso_B[1][3]                            ? 
_refine.aniso_B[2][2]                            ? 
_refine.aniso_B[2][3]                            ? 
_refine.aniso_B[3][3]                            ? 
_refine.B_iso_max                                ? 
_refine.B_iso_mean                               4.78 
_refine.B_iso_min                                ? 
_refine.correlation_coeff_Fo_to_Fc               ? 
_refine.correlation_coeff_Fo_to_Fc_free          ? 
_refine.details                                  ? 
_refine.diff_density_max                         ? 
_refine.diff_density_max_esd                     ? 
_refine.diff_density_min                         ? 
_refine.diff_density_min_esd                     ? 
_refine.diff_density_rms                         ? 
_refine.diff_density_rms_esd                     ? 
_refine.entry_id                                 4TU5 
_refine.pdbx_refine_id                           'X-RAY DIFFRACTION' 
_refine.ls_abs_structure_details                 ? 
_refine.ls_abs_structure_Flack                   ? 
_refine.ls_abs_structure_Flack_esd               ? 
_refine.ls_abs_structure_Rogers                  ? 
_refine.ls_abs_structure_Rogers_esd              ? 
_refine.ls_d_res_high                            2.161 
_refine.ls_d_res_low                             39.765 
_refine.ls_extinction_coef                       ? 
_refine.ls_extinction_coef_esd                   ? 
_refine.ls_extinction_expression                 ? 
_refine.ls_extinction_method                     ? 
_refine.ls_goodness_of_fit_all                   ? 
_refine.ls_goodness_of_fit_all_esd               ? 
_refine.ls_goodness_of_fit_obs                   ? 
_refine.ls_goodness_of_fit_obs_esd               ? 
_refine.ls_hydrogen_treatment                    ? 
_refine.ls_matrix_type                           ? 
_refine.ls_number_constraints                    ? 
_refine.ls_number_parameters                     ? 
_refine.ls_number_reflns_all                     ? 
_refine.ls_number_reflns_obs                     11493 
_refine.ls_number_reflns_R_free                  552 
_refine.ls_number_reflns_R_work                  ? 
_refine.ls_number_restraints                     ? 
_refine.ls_percent_reflns_obs                    99.71 
_refine.ls_percent_reflns_R_free                 4.80 
_refine.ls_R_factor_all                          ? 
_refine.ls_R_factor_obs                          0.1990 
_refine.ls_R_factor_R_free                       0.2495 
_refine.ls_R_factor_R_free_error                 ? 
_refine.ls_R_factor_R_free_error_details         ? 
_refine.ls_R_factor_R_work                       0.1965 
_refine.ls_R_Fsqd_factor_obs                     ? 
_refine.ls_R_I_factor_obs                        ? 
_refine.ls_redundancy_reflns_all                 ? 
_refine.ls_redundancy_reflns_obs                 ? 
_refine.ls_restrained_S_all                      ? 
_refine.ls_restrained_S_obs                      ? 
_refine.ls_shift_over_esd_max                    ? 
_refine.ls_shift_over_esd_mean                   ? 
_refine.ls_structure_factor_coef                 ? 
_refine.ls_weighting_details                     ? 
_refine.ls_weighting_scheme                      ? 
_refine.ls_wR_factor_all                         ? 
_refine.ls_wR_factor_obs                         ? 
_refine.ls_wR_factor_R_free                      ? 
_refine.ls_wR_factor_R_work                      ? 
_refine.occupancy_max                            ? 
_refine.occupancy_min                            ? 
_refine.solvent_model_details                    'FLAT BULK SOLVENT MODEL' 
_refine.solvent_model_param_bsol                 ? 
_refine.solvent_model_param_ksol                 ? 
_refine.ls_R_factor_gt                           ? 
_refine.ls_goodness_of_fit_gt                    ? 
_refine.ls_goodness_of_fit_ref                   ? 
_refine.ls_shift_over_su_max                     ? 
_refine.ls_shift_over_su_max_lt                  ? 
_refine.ls_shift_over_su_mean                    ? 
_refine.ls_shift_over_su_mean_lt                 ? 
_refine.pdbx_ls_sigma_I                          ? 
_refine.pdbx_ls_sigma_F                          1.34 
_refine.pdbx_ls_sigma_Fsqd                       ? 
_refine.pdbx_data_cutoff_high_absF               ? 
_refine.pdbx_data_cutoff_high_rms_absF           ? 
_refine.pdbx_data_cutoff_low_absF                ? 
_refine.pdbx_isotropic_thermal_model             ? 
_refine.pdbx_ls_cross_valid_method               'FREE R-VALUE' 
_refine.pdbx_method_to_determine_struct          'MOLECULAR REPLACEMENT' 
_refine.pdbx_starting_model                      3F0Q 
_refine.pdbx_stereochemistry_target_values       ML 
_refine.pdbx_R_Free_selection_details            ? 
_refine.pdbx_stereochem_target_val_spec_case     ? 
_refine.pdbx_overall_ESU_R                       ? 
_refine.pdbx_overall_ESU_R_Free                  ? 
_refine.pdbx_solvent_vdw_probe_radii             1.11 
_refine.pdbx_solvent_ion_probe_radii             ? 
_refine.pdbx_solvent_shrinkage_radii             0.90 
_refine.pdbx_real_space_R                        ? 
_refine.pdbx_density_correlation                 ? 
_refine.pdbx_pd_number_of_powder_patterns        ? 
_refine.pdbx_pd_number_of_points                 ? 
_refine.pdbx_pd_meas_number_of_points            ? 
_refine.pdbx_pd_proc_ls_prof_R_factor            ? 
_refine.pdbx_pd_proc_ls_prof_wR_factor           ? 
_refine.pdbx_pd_Marquardt_correlation_coeff      ? 
_refine.pdbx_pd_Fsqrd_R_factor                   ? 
_refine.pdbx_pd_ls_matrix_band_width             ? 
_refine.pdbx_overall_phase_error                 27.39 
_refine.pdbx_overall_SU_R_free_Cruickshank_DPI   ? 
_refine.pdbx_overall_SU_R_free_Blow_DPI          ? 
_refine.pdbx_overall_SU_R_Blow_DPI               ? 
_refine.pdbx_TLS_residual_ADP_flag               ? 
_refine.pdbx_diffrn_id                           1 
_refine.overall_SU_B                             ? 
_refine.overall_SU_ML                            0.20 
_refine.overall_SU_R_Cruickshank_DPI             ? 
_refine.overall_SU_R_free                        ? 
_refine.overall_FOM_free_R_set                   ? 
_refine.overall_FOM_work_R_set                   ? 
# 
_refine_hist.pdbx_refine_id                   'X-RAY DIFFRACTION' 
_refine_hist.cycle_id                         LAST 
_refine_hist.pdbx_number_atoms_protein        1273 
_refine_hist.pdbx_number_atoms_nucleic_acid   0 
_refine_hist.pdbx_number_atoms_ligand         76 
_refine_hist.number_atoms_solvent             138 
_refine_hist.number_atoms_total               1487 
_refine_hist.d_res_high                       2.161 
_refine_hist.d_res_low                        39.765 
# 
loop_
_refine_ls_restr.pdbx_refine_id 
_refine_ls_restr.criterion 
_refine_ls_restr.dev_ideal 
_refine_ls_restr.dev_ideal_target 
_refine_ls_restr.number 
_refine_ls_restr.rejects 
_refine_ls_restr.type 
_refine_ls_restr.weight 
_refine_ls_restr.pdbx_restraint_function 
'X-RAY DIFFRACTION' ? 0.008  ? 1398 ? f_bond_d           ? ? 
'X-RAY DIFFRACTION' ? 1.248  ? 1908 ? f_angle_d          ? ? 
'X-RAY DIFFRACTION' ? 14.739 ? 514  ? f_dihedral_angle_d ? ? 
'X-RAY DIFFRACTION' ? 0.081  ? 209  ? f_chiral_restr     ? ? 
'X-RAY DIFFRACTION' ? 0.006  ? 236  ? f_plane_restr      ? ? 
# 
loop_
_refine_ls_shell.pdbx_refine_id 
_refine_ls_shell.d_res_high 
_refine_ls_shell.d_res_low 
_refine_ls_shell.number_reflns_all 
_refine_ls_shell.number_reflns_obs 
_refine_ls_shell.number_reflns_R_free 
_refine_ls_shell.number_reflns_R_work 
_refine_ls_shell.percent_reflns_obs 
_refine_ls_shell.percent_reflns_R_free 
_refine_ls_shell.R_factor_all 
_refine_ls_shell.R_factor_obs 
_refine_ls_shell.R_factor_R_free 
_refine_ls_shell.R_factor_R_free_error 
_refine_ls_shell.R_factor_R_work 
_refine_ls_shell.redundancy_reflns_all 
_refine_ls_shell.redundancy_reflns_obs 
_refine_ls_shell.wR_factor_all 
_refine_ls_shell.wR_factor_obs 
_refine_ls_shell.wR_factor_R_free 
_refine_ls_shell.wR_factor_R_work 
_refine_ls_shell.pdbx_total_number_of_bins_used 
_refine_ls_shell.pdbx_phase_error 
'X-RAY DIFFRACTION' 2.161  2.3783  . . 155 2645 100.00 . . . 0.3009 . 0.2383 . . . . . . . . 
'X-RAY DIFFRACTION' 2.3783 2.7224  . . 126 2681 100.00 . . . 0.2778 . 0.2290 . . . . . . . . 
'X-RAY DIFFRACTION' 2.7224 3.4296  . . 139 2726 100.00 . . . 0.3022 . 0.2161 . . . . . . . . 
'X-RAY DIFFRACTION' 3.4296 39.7712 . . 132 2889 99.00  . . . 0.1990 . 0.1681 . . . . . . . . 
# 
_struct.entry_id                     4TU5 
_struct.title                        
;Staphylococcus aureus Dihydrofolate Reductase complexed with NADPH and 6-ETHYL-5-[(3S)-3-[3-METHOXY-5-(PYRIDIN-4-YL)PHENYL]BUT-1-YN-1-YL]PYRIMIDINE-2,4-DIAMINE (UCP1062)
;
_struct.pdbx_model_details           ? 
_struct.pdbx_formula_weight          ? 
_struct.pdbx_formula_weight_method   ? 
_struct.pdbx_model_type_details      ? 
_struct.pdbx_CASP_flag               ? 
# 
_struct_keywords.entry_id        4TU5 
_struct_keywords.text            
;Dihydrofolate reductase, Oxidoreductase, Methicillin-resistant Staphylococcus aureus, Antifolates, Enantiopure Inhibitors, OXIDOREDUCTASE-OXIDOREDUCTASE Inhibitor complex
;
_struct_keywords.pdbx_keywords   'OXIDOREDUCTASE/OXIDOREDUCTASE Inhibitor' 
# 
loop_
_struct_asym.id 
_struct_asym.pdbx_blank_PDB_chainid_flag 
_struct_asym.pdbx_modified 
_struct_asym.entity_id 
_struct_asym.details 
A N N 1 ? 
B N N 2 ? 
C N N 3 ? 
D N N 4 ? 
# 
loop_
_struct_conf.conf_type_id 
_struct_conf.id 
_struct_conf.pdbx_PDB_helix_id 
_struct_conf.beg_label_comp_id 
_struct_conf.beg_label_asym_id 
_struct_conf.beg_label_seq_id 
_struct_conf.pdbx_beg_PDB_ins_code 
_struct_conf.end_label_comp_id 
_struct_conf.end_label_asym_id 
_struct_conf.end_label_seq_id 
_struct_conf.pdbx_end_PDB_ins_code 
_struct_conf.beg_auth_comp_id 
_struct_conf.beg_auth_asym_id 
_struct_conf.beg_auth_seq_id 
_struct_conf.end_auth_comp_id 
_struct_conf.end_auth_asym_id 
_struct_conf.end_auth_seq_id 
_struct_conf.pdbx_PDB_helix_class 
_struct_conf.details 
_struct_conf.pdbx_PDB_helix_length 
HELX_P HELX_P1 AA1 LEU A 24  ? THR A 36  ? LEU X 24  THR X 36  1 ? 13 
HELX_P HELX_P2 AA2 ARG A 44  ? GLY A 51  ? ARG X 44  GLY X 51  1 ? 8  
HELX_P HELX_P3 AA3 SER A 78  ? LEU A 85  ? SER X 78  LEU X 85  5 ? 8  
HELX_P HELX_P4 AA4 GLY A 94  ? ILE A 102 ? GLY X 94  ILE X 102 1 ? 9  
HELX_P HELX_P5 AA5 THR A 127 ? GLU A 129 ? THR X 127 GLU X 129 5 ? 3  
# 
_struct_conf_type.id          HELX_P 
_struct_conf_type.criteria    ? 
_struct_conf_type.reference   ? 
# 
_struct_mon_prot_cis.pdbx_id                1 
_struct_mon_prot_cis.label_comp_id          GLY 
_struct_mon_prot_cis.label_seq_id           93 
_struct_mon_prot_cis.label_asym_id          A 
_struct_mon_prot_cis.label_alt_id           . 
_struct_mon_prot_cis.pdbx_PDB_ins_code      ? 
_struct_mon_prot_cis.auth_comp_id           GLY 
_struct_mon_prot_cis.auth_seq_id            93 
_struct_mon_prot_cis.auth_asym_id           X 
_struct_mon_prot_cis.pdbx_label_comp_id_2   GLY 
_struct_mon_prot_cis.pdbx_label_seq_id_2    94 
_struct_mon_prot_cis.pdbx_label_asym_id_2   A 
_struct_mon_prot_cis.pdbx_PDB_ins_code_2    ? 
_struct_mon_prot_cis.pdbx_auth_comp_id_2    GLY 
_struct_mon_prot_cis.pdbx_auth_seq_id_2     94 
_struct_mon_prot_cis.pdbx_auth_asym_id_2    X 
_struct_mon_prot_cis.pdbx_PDB_model_num     1 
_struct_mon_prot_cis.pdbx_omega_angle       -1.14 
# 
loop_
_struct_sheet.id 
_struct_sheet.type 
_struct_sheet.number_strands 
_struct_sheet.details 
AA1 ? 8 ? 
AA2 ? 2 ? 
# 
loop_
_struct_sheet_order.sheet_id 
_struct_sheet_order.range_id_1 
_struct_sheet_order.range_id_2 
_struct_sheet_order.offset 
_struct_sheet_order.sense 
AA1 1 2 ? parallel      
AA1 2 3 ? parallel      
AA1 3 4 ? parallel      
AA1 4 5 ? parallel      
AA1 5 6 ? parallel      
AA1 6 7 ? anti-parallel 
AA1 7 8 ? anti-parallel 
AA2 1 2 ? anti-parallel 
# 
loop_
_struct_sheet_range.sheet_id 
_struct_sheet_range.id 
_struct_sheet_range.beg_label_comp_id 
_struct_sheet_range.beg_label_asym_id 
_struct_sheet_range.beg_label_seq_id 
_struct_sheet_range.pdbx_beg_PDB_ins_code 
_struct_sheet_range.end_label_comp_id 
_struct_sheet_range.end_label_asym_id 
_struct_sheet_range.end_label_seq_id 
_struct_sheet_range.pdbx_end_PDB_ins_code 
_struct_sheet_range.beg_auth_comp_id 
_struct_sheet_range.beg_auth_asym_id 
_struct_sheet_range.beg_auth_seq_id 
_struct_sheet_range.end_auth_comp_id 
_struct_sheet_range.end_auth_asym_id 
_struct_sheet_range.end_auth_seq_id 
AA1 1 ASP A 74  ? ILE A 76  ? ASP X 74  ILE X 76  
AA1 2 ARG A 58  ? LEU A 62  ? ARG X 58  LEU X 62  
AA1 3 THR A 39  ? GLY A 43  ? THR X 39  GLY X 43  
AA1 4 VAL A 89  ? GLY A 93  ? VAL X 89  GLY X 93  
AA1 5 LEU A 2   ? ASP A 9   ? LEU X 2   ASP X 9   
AA1 6 ASP A 107 ? ILE A 113 ? ASP X 107 ILE X 113 
AA1 7 HIS A 149 ? ARG A 156 ? HIS X 149 ARG X 156 
AA1 8 TRP A 131 ? GLU A 138 ? TRP X 131 GLU X 138 
AA2 1 VAL A 13  ? GLY A 15  ? VAL X 13  GLY X 15  
AA2 2 THR A 121 ? PHE A 122 ? THR X 121 PHE X 122 
# 
loop_
_pdbx_struct_sheet_hbond.sheet_id 
_pdbx_struct_sheet_hbond.range_id_1 
_pdbx_struct_sheet_hbond.range_id_2 
_pdbx_struct_sheet_hbond.range_1_label_atom_id 
_pdbx_struct_sheet_hbond.range_1_label_comp_id 
_pdbx_struct_sheet_hbond.range_1_label_asym_id 
_pdbx_struct_sheet_hbond.range_1_label_seq_id 
_pdbx_struct_sheet_hbond.range_1_PDB_ins_code 
_pdbx_struct_sheet_hbond.range_1_auth_atom_id 
_pdbx_struct_sheet_hbond.range_1_auth_comp_id 
_pdbx_struct_sheet_hbond.range_1_auth_asym_id 
_pdbx_struct_sheet_hbond.range_1_auth_seq_id 
_pdbx_struct_sheet_hbond.range_2_label_atom_id 
_pdbx_struct_sheet_hbond.range_2_label_comp_id 
_pdbx_struct_sheet_hbond.range_2_label_asym_id 
_pdbx_struct_sheet_hbond.range_2_label_seq_id 
_pdbx_struct_sheet_hbond.range_2_PDB_ins_code 
_pdbx_struct_sheet_hbond.range_2_auth_atom_id 
_pdbx_struct_sheet_hbond.range_2_auth_comp_id 
_pdbx_struct_sheet_hbond.range_2_auth_asym_id 
_pdbx_struct_sheet_hbond.range_2_auth_seq_id 
AA1 1 2 O ASP A 74  ? O ASP X 74  N ASN A 59  ? N ASN X 59  
AA1 2 3 O VAL A 60  ? O VAL X 60  N LEU A 40  ? N LEU X 40  
AA1 3 4 N THR A 39  ? N THR X 39  O PHE A 90  ? O PHE X 90  
AA1 4 5 O ILE A 91  ? O ILE X 91  N SER A 3   ? N SER X 3   
AA1 5 6 N ILE A 4   ? N ILE X 4   O TYR A 109 ? O TYR X 109 
AA1 6 7 N ILE A 110 ? N ILE X 110 O LEU A 152 ? O LEU X 152 
AA1 7 8 O ILE A 155 ? O ILE X 155 N GLU A 132 ? N GLU X 132 
AA2 1 2 N ILE A 14  ? N ILE X 14  O THR A 121 ? O THR X 121 
# 
loop_
_struct_site.id 
_struct_site.pdbx_evidence_code 
_struct_site.pdbx_auth_asym_id 
_struct_site.pdbx_auth_comp_id 
_struct_site.pdbx_auth_seq_id 
_struct_site.pdbx_auth_ins_code 
_struct_site.pdbx_num_residues 
_struct_site.details 
AC1 Software X NDP 201 ? 32 'binding site for residue NDP X 201' 
AC2 Software X 06W 202 ? 15 'binding site for residue 06W X 202' 
# 
loop_
_struct_site_gen.id 
_struct_site_gen.site_id 
_struct_site_gen.pdbx_num_res 
_struct_site_gen.label_comp_id 
_struct_site_gen.label_asym_id 
_struct_site_gen.label_seq_id 
_struct_site_gen.pdbx_auth_ins_code 
_struct_site_gen.auth_comp_id 
_struct_site_gen.auth_asym_id 
_struct_site_gen.auth_seq_id 
_struct_site_gen.label_atom_id 
_struct_site_gen.label_alt_id 
_struct_site_gen.symmetry 
_struct_site_gen.details 
1  AC1 32 VAL A 6   ? VAL X 6   . ? 1_555 ? 
2  AC1 32 ALA A 7   ? ALA X 7   . ? 1_555 ? 
3  AC1 32 ILE A 14  ? ILE X 14  . ? 1_555 ? 
4  AC1 32 GLY A 15  ? GLY X 15  . ? 1_555 ? 
5  AC1 32 ASN A 18  ? ASN X 18  . ? 1_555 ? 
6  AC1 32 GLN A 19  ? GLN X 19  . ? 1_555 ? 
7  AC1 32 LEU A 20  ? LEU X 20  . ? 1_555 ? 
8  AC1 32 GLY A 43  ? GLY X 43  . ? 1_555 ? 
9  AC1 32 ARG A 44  ? ARG X 44  . ? 1_555 ? 
10 AC1 32 LYS A 45  ? LYS X 45  . ? 1_555 ? 
11 AC1 32 THR A 46  ? THR X 46  . ? 1_555 ? 
12 AC1 32 LEU A 62  ? LEU X 62  . ? 1_555 ? 
13 AC1 32 THR A 63  ? THR X 63  . ? 1_555 ? 
14 AC1 32 SER A 64  ? SER X 64  . ? 1_555 ? 
15 AC1 32 HIS A 77  ? HIS X 77  . ? 1_555 ? 
16 AC1 32 ILE A 79  ? ILE X 79  . ? 1_555 ? 
17 AC1 32 PHE A 92  ? PHE X 92  . ? 1_555 ? 
18 AC1 32 GLY A 93  ? GLY X 93  . ? 1_555 ? 
19 AC1 32 GLY A 94  ? GLY X 94  . ? 1_555 ? 
20 AC1 32 GLN A 95  ? GLN X 95  . ? 1_555 ? 
21 AC1 32 THR A 96  ? THR X 96  . ? 1_555 ? 
22 AC1 32 LEU A 97  ? LEU X 97  . ? 1_555 ? 
23 AC1 32 GLU A 100 ? GLU X 100 . ? 1_555 ? 
24 AC1 32 THR A 121 ? THR X 121 . ? 1_555 ? 
25 AC1 32 06W C .   ? 06W X 202 . ? 1_555 ? 
26 AC1 32 HOH D .   ? HOH X 308 . ? 1_555 ? 
27 AC1 32 HOH D .   ? HOH X 310 . ? 1_555 ? 
28 AC1 32 HOH D .   ? HOH X 314 . ? 1_555 ? 
29 AC1 32 HOH D .   ? HOH X 324 . ? 1_555 ? 
30 AC1 32 HOH D .   ? HOH X 385 . ? 1_555 ? 
31 AC1 32 HOH D .   ? HOH X 397 . ? 1_555 ? 
32 AC1 32 HOH D .   ? HOH X 399 . ? 1_555 ? 
33 AC2 15 LEU A 5   ? LEU X 5   . ? 1_555 ? 
34 AC2 15 VAL A 6   ? VAL X 6   . ? 1_555 ? 
35 AC2 15 ALA A 7   ? ALA X 7   . ? 1_555 ? 
36 AC2 15 ASP A 27  ? ASP X 27  . ? 1_555 ? 
37 AC2 15 LEU A 28  ? LEU X 28  . ? 1_555 ? 
38 AC2 15 VAL A 31  ? VAL X 31  . ? 1_555 ? 
39 AC2 15 MET A 42  ? MET X 42  . ? 1_555 ? 
40 AC2 15 ILE A 50  ? ILE X 50  . ? 1_555 ? 
41 AC2 15 LYS A 52  ? LYS X 52  . ? 1_555 ? 
42 AC2 15 LEU A 54  ? LEU X 54  . ? 1_555 ? 
43 AC2 15 PHE A 92  ? PHE X 92  . ? 1_555 ? 
44 AC2 15 THR A 111 ? THR X 111 . ? 1_555 ? 
45 AC2 15 NDP B .   ? NDP X 201 . ? 1_555 ? 
46 AC2 15 HOH D .   ? HOH X 381 . ? 1_555 ? 
47 AC2 15 HOH D .   ? HOH X 385 . ? 1_555 ? 
# 
_atom_sites.entry_id                    4TU5 
_atom_sites.fract_transf_matrix[1][1]   0.00566794 
_atom_sites.fract_transf_matrix[1][2]   0.00672709 
_atom_sites.fract_transf_matrix[1][3]   0.01155135 
_atom_sites.fract_transf_matrix[2][1]   0.01293552 
_atom_sites.fract_transf_matrix[2][2]   -0.00409852 
_atom_sites.fract_transf_matrix[2][3]   0.00516487 
_atom_sites.fract_transf_matrix[3][1]   0.00410345 
_atom_sites.fract_transf_matrix[3][2]   0.00600605 
_atom_sites.fract_transf_matrix[3][3]   -0.00551116 
_atom_sites.fract_transf_vector[1]      0.227043 
_atom_sites.fract_transf_vector[2]      0.400061 
_atom_sites.fract_transf_vector[3]      0.024471 
# 
loop_
_atom_type.symbol 
C 
N 
O 
P 
S 
# 
loop_
_atom_site.group_PDB 
_atom_site.id 
_atom_site.type_symbol 
_atom_site.label_atom_id 
_atom_site.label_alt_id 
_atom_site.label_comp_id 
_atom_site.label_asym_id 
_atom_site.label_entity_id 
_atom_site.label_seq_id 
_atom_site.pdbx_PDB_ins_code 
_atom_site.Cartn_x 
_atom_site.Cartn_y 
_atom_site.Cartn_z 
_atom_site.occupancy 
_atom_site.B_iso_or_equiv 
_atom_site.pdbx_formal_charge 
_atom_site.auth_seq_id 
_atom_site.auth_comp_id 
_atom_site.auth_asym_id 
_atom_site.auth_atom_id 
_atom_site.pdbx_PDB_model_num 
ATOM   1    N N   . THR A 1 1   ? -9.513  -10.439 7.509   1.00 43.51 ? 1   THR X N   1 
ATOM   2    C CA  . THR A 1 1   ? -9.691  -9.194  6.770   1.00 45.52 ? 1   THR X CA  1 
ATOM   3    C C   . THR A 1 1   ? -8.551  -8.960  5.757   1.00 42.67 ? 1   THR X C   1 
ATOM   4    O O   . THR A 1 1   ? -7.371  -8.971  6.113   1.00 36.70 ? 1   THR X O   1 
ATOM   5    C CB  . THR A 1 1   ? -9.760  -7.988  7.720   1.00 44.81 ? 1   THR X CB  1 
ATOM   6    O OG1 . THR A 1 1   ? -10.422 -8.366  8.931   1.00 60.98 ? 1   THR X OG1 1 
ATOM   7    C CG2 . THR A 1 1   ? -10.502 -6.815  7.055   1.00 37.01 ? 1   THR X CG2 1 
ATOM   8    N N   . LEU A 1 2   ? -8.916  -8.741  4.499   1.00 33.41 ? 2   LEU X N   1 
ATOM   9    C CA  . LEU A 1 2   ? -7.934  -8.436  3.473   1.00 33.92 ? 2   LEU X CA  1 
ATOM   10   C C   . LEU A 1 2   ? -8.118  -7.013  2.908   1.00 29.00 ? 2   LEU X C   1 
ATOM   11   O O   . LEU A 1 2   ? -9.134  -6.700  2.289   1.00 30.67 ? 2   LEU X O   1 
ATOM   12   C CB  . LEU A 1 2   ? -7.986  -9.496  2.371   1.00 27.99 ? 2   LEU X CB  1 
ATOM   13   C CG  . LEU A 1 2   ? -7.021  -9.344  1.193   1.00 37.57 ? 2   LEU X CG  1 
ATOM   14   C CD1 . LEU A 1 2   ? -5.557  -9.351  1.650   1.00 30.95 ? 2   LEU X CD1 1 
ATOM   15   C CD2 . LEU A 1 2   ? -7.294  -10.431 0.145   1.00 35.59 ? 2   LEU X CD2 1 
ATOM   16   N N   . SER A 1 3   ? -7.110  -6.172  3.119   1.00 26.55 ? 3   SER X N   1 
ATOM   17   C CA  . SER A 1 3   ? -7.186  -4.747  2.794   1.00 29.73 ? 3   SER X CA  1 
ATOM   18   C C   . SER A 1 3   ? -6.082  -4.285  1.848   1.00 29.55 ? 3   SER X C   1 
ATOM   19   O O   . SER A 1 3   ? -4.966  -4.800  1.869   1.00 27.20 ? 3   SER X O   1 
ATOM   20   C CB  . SER A 1 3   ? -7.092  -3.925  4.080   1.00 22.11 ? 3   SER X CB  1 
ATOM   21   O OG  . SER A 1 3   ? -8.105  -4.326  5.008   1.00 28.98 ? 3   SER X OG  1 
ATOM   22   N N   . ILE A 1 4   ? -6.399  -3.305  1.018   1.00 20.10 ? 4   ILE X N   1 
ATOM   23   C CA  . ILE A 1 4   ? -5.357  -2.550  0.332   1.00 19.91 ? 4   ILE X CA  1 
ATOM   24   C C   . ILE A 1 4   ? -4.930  -1.338  1.171   1.00 21.98 ? 4   ILE X C   1 
ATOM   25   O O   . ILE A 1 4   ? -5.757  -0.683  1.820   1.00 20.89 ? 4   ILE X O   1 
ATOM   26   C CB  . ILE A 1 4   ? -5.813  -2.144  -1.105  1.00 22.52 ? 4   ILE X CB  1 
ATOM   27   C CG1 . ILE A 1 4   ? -5.457  -3.258  -2.097  1.00 18.70 ? 4   ILE X CG1 1 
ATOM   28   C CG2 . ILE A 1 4   ? -5.176  -0.824  -1.545  1.00 20.64 ? 4   ILE X CG2 1 
ATOM   29   C CD1 . ILE A 1 4   ? -6.048  -3.058  -3.501  1.00 19.94 ? 4   ILE X CD1 1 
ATOM   30   N N   . LEU A 1 5   ? -3.629  -1.074  1.198   1.00 21.66 ? 5   LEU X N   1 
ATOM   31   C CA  . LEU A 1 5   ? -3.091  0.144   1.799   1.00 21.40 ? 5   LEU X CA  1 
ATOM   32   C C   . LEU A 1 5   ? -2.222  0.820   0.740   1.00 22.24 ? 5   LEU X C   1 
ATOM   33   O O   . LEU A 1 5   ? -1.225  0.243   0.320   1.00 23.30 ? 5   LEU X O   1 
ATOM   34   C CB  . LEU A 1 5   ? -2.254  -0.228  3.025   1.00 20.10 ? 5   LEU X CB  1 
ATOM   35   C CG  . LEU A 1 5   ? -1.666  0.827   3.959   1.00 30.94 ? 5   LEU X CG  1 
ATOM   36   C CD1 . LEU A 1 5   ? -2.696  1.878   4.317   1.00 25.93 ? 5   LEU X CD1 1 
ATOM   37   C CD2 . LEU A 1 5   ? -1.128  0.145   5.235   1.00 28.19 ? 5   LEU X CD2 1 
ATOM   38   N N   . VAL A 1 6   ? -2.600  2.025   0.307   1.00 20.59 ? 6   VAL X N   1 
ATOM   39   C CA  . VAL A 1 6   ? -1.918  2.715   -0.808  1.00 21.39 ? 6   VAL X CA  1 
ATOM   40   C C   . VAL A 1 6   ? -1.987  4.264   -0.685  1.00 23.52 ? 6   VAL X C   1 
ATOM   41   O O   . VAL A 1 6   ? -2.956  4.809   -0.144  1.00 18.31 ? 6   VAL X O   1 
ATOM   42   C CB  . VAL A 1 6   ? -2.514  2.253   -2.180  1.00 18.50 ? 6   VAL X CB  1 
ATOM   43   C CG1 . VAL A 1 6   ? -4.011  2.600   -2.279  1.00 17.45 ? 6   VAL X CG1 1 
ATOM   44   C CG2 . VAL A 1 6   ? -1.754  2.856   -3.381  1.00 19.73 ? 6   VAL X CG2 1 
ATOM   45   N N   . ALA A 1 7   ? -0.954  4.966   -1.157  1.00 14.28 ? 7   ALA X N   1 
ATOM   46   C CA  . ALA A 1 7   ? -1.061  6.410   -1.389  1.00 20.56 ? 7   ALA X CA  1 
ATOM   47   C C   . ALA A 1 7   ? -0.989  6.704   -2.897  1.00 23.48 ? 7   ALA X C   1 
ATOM   48   O O   . ALA A 1 7   ? -0.019  6.313   -3.556  1.00 17.84 ? 7   ALA X O   1 
ATOM   49   C CB  . ALA A 1 7   ? 0.054   7.170   -0.638  1.00 17.40 ? 7   ALA X CB  1 
ATOM   50   N N   . HIS A 1 8   ? -1.998  7.382   -3.447  1.00 17.45 ? 8   HIS X N   1 
ATOM   51   C CA  . HIS A 1 8   ? -1.969  7.744   -4.869  1.00 19.16 ? 8   HIS X CA  1 
ATOM   52   C C   . HIS A 1 8   ? -2.339  9.202   -5.112  1.00 24.16 ? 8   HIS X C   1 
ATOM   53   O O   . HIS A 1 8   ? -3.061  9.804   -4.302  1.00 17.99 ? 8   HIS X O   1 
ATOM   54   C CB  . HIS A 1 8   ? -2.813  6.784   -5.737  1.00 15.97 ? 8   HIS X CB  1 
ATOM   55   C CG  . HIS A 1 8   ? -4.298  7.005   -5.674  1.00 19.23 ? 8   HIS X CG  1 
ATOM   56   N ND1 . HIS A 1 8   ? -4.911  8.144   -6.156  1.00 16.46 ? 8   HIS X ND1 1 
ATOM   57   C CD2 . HIS A 1 8   ? -5.300  6.192   -5.253  1.00 16.01 ? 8   HIS X CD2 1 
ATOM   58   C CE1 . HIS A 1 8   ? -6.219  8.038   -6.006  1.00 20.83 ? 8   HIS X CE1 1 
ATOM   59   N NE2 . HIS A 1 8   ? -6.482  6.865   -5.458  1.00 26.02 ? 8   HIS X NE2 1 
ATOM   60   N N   . ASP A 1 9   ? -1.819  9.775   -6.203  1.00 16.44 ? 9   ASP X N   1 
ATOM   61   C CA  . ASP A 1 9   ? -2.079  11.181  -6.513  1.00 16.22 ? 9   ASP X CA  1 
ATOM   62   C C   . ASP A 1 9   ? -3.378  11.356  -7.326  1.00 17.27 ? 9   ASP X C   1 
ATOM   63   O O   . ASP A 1 9   ? -4.126  10.392  -7.519  1.00 19.98 ? 9   ASP X O   1 
ATOM   64   C CB  . ASP A 1 9   ? -0.841  11.855  -7.146  1.00 16.77 ? 9   ASP X CB  1 
ATOM   65   C CG  . ASP A 1 9   ? -0.743  11.660  -8.660  1.00 18.35 ? 9   ASP X CG  1 
ATOM   66   O OD1 . ASP A 1 9   ? -1.520  10.883  -9.260  1.00 20.75 ? 9   ASP X OD1 1 
ATOM   67   O OD2 . ASP A 1 9   ? 0.150   12.298  -9.265  1.00 21.25 ? 9   ASP X OD2 1 
ATOM   68   N N   . LEU A 1 10  ? -3.651  12.572  -7.785  1.00 16.32 ? 10  LEU X N   1 
ATOM   69   C CA  . LEU A 1 10  ? -4.896  12.855  -8.504  1.00 20.59 ? 10  LEU X CA  1 
ATOM   70   C C   . LEU A 1 10  ? -5.084  12.030  -9.788  1.00 24.07 ? 10  LEU X C   1 
ATOM   71   O O   . LEU A 1 10  ? -6.212  11.866  -10.262 1.00 20.07 ? 10  LEU X O   1 
ATOM   72   C CB  . LEU A 1 10  ? -5.003  14.352  -8.814  1.00 17.98 ? 10  LEU X CB  1 
ATOM   73   C CG  . LEU A 1 10  ? -5.114  15.203  -7.543  1.00 26.71 ? 10  LEU X CG  1 
ATOM   74   C CD1 . LEU A 1 10  ? -4.787  16.659  -7.817  1.00 24.34 ? 10  LEU X CD1 1 
ATOM   75   C CD2 . LEU A 1 10  ? -6.505  15.064  -6.948  1.00 20.65 ? 10  LEU X CD2 1 
ATOM   76   N N   . GLN A 1 11  ? -3.990  11.494  -10.330 1.00 19.39 ? 11  GLN X N   1 
ATOM   77   C CA  . GLN A 1 11  ? -4.051  10.698  -11.557 1.00 26.72 ? 11  GLN X CA  1 
ATOM   78   C C   . GLN A 1 11  ? -3.719  9.218   -11.297 1.00 24.72 ? 11  GLN X C   1 
ATOM   79   O O   . GLN A 1 11  ? -3.520  8.427   -12.227 1.00 22.43 ? 11  GLN X O   1 
ATOM   80   C CB  . GLN A 1 11  ? -3.143  11.319  -12.617 1.00 22.58 ? 11  GLN X CB  1 
ATOM   81   C CG  . GLN A 1 11  ? -3.556  12.768  -12.904 1.00 33.39 ? 11  GLN X CG  1 
ATOM   82   C CD  . GLN A 1 11  ? -2.707  13.462  -13.962 1.00 40.03 ? 11  GLN X CD  1 
ATOM   83   O OE1 . GLN A 1 11  ? -3.245  14.018  -14.923 1.00 39.99 ? 11  GLN X OE1 1 
ATOM   84   N NE2 . GLN A 1 11  ? -1.382  13.458  -13.777 1.00 30.93 ? 11  GLN X NE2 1 
ATOM   85   N N   . ARG A 1 12  ? -3.705  8.870   -10.018 1.00 17.41 ? 12  ARG X N   1 
ATOM   86   C CA  . ARG A 1 12  ? -3.431  7.525   -9.534  1.00 15.66 ? 12  ARG X CA  1 
ATOM   87   C C   . ARG A 1 12  ? -1.968  7.125   -9.684  1.00 16.43 ? 12  ARG X C   1 
ATOM   88   O O   . ARG A 1 12  ? -1.663  5.958   -9.727  1.00 18.35 ? 12  ARG X O   1 
ATOM   89   C CB  . ARG A 1 12  ? -4.364  6.487   -10.157 1.00 15.56 ? 12  ARG X CB  1 
ATOM   90   C CG  . ARG A 1 12  ? -5.774  6.461   -9.559  1.00 19.59 ? 12  ARG X CG  1 
ATOM   91   C CD  . ARG A 1 12  ? -6.706  5.494   -10.320 1.00 20.57 ? 12  ARG X CD  1 
ATOM   92   N NE  . ARG A 1 12  ? -6.999  6.008   -11.652 1.00 19.96 ? 12  ARG X NE  1 
ATOM   93   C CZ  . ARG A 1 12  ? -6.340  5.656   -12.757 1.00 27.68 ? 12  ARG X CZ  1 
ATOM   94   N NH1 . ARG A 1 12  ? -5.360  4.755   -12.703 1.00 17.97 ? 12  ARG X NH1 1 
ATOM   95   N NH2 . ARG A 1 12  ? -6.664  6.206   -13.921 1.00 28.63 ? 12  ARG X NH2 1 
ATOM   96   N N   . VAL A 1 13  ? -1.064  8.098   -9.736  1.00 15.28 ? 13  VAL X N   1 
ATOM   97   C CA  . VAL A 1 13  ? 0.352   7.794   -9.690  1.00 18.72 ? 13  VAL X CA  1 
ATOM   98   C C   . VAL A 1 13  ? 0.704   7.275   -8.292  1.00 22.93 ? 13  VAL X C   1 
ATOM   99   O O   . VAL A 1 13  ? 0.258   7.842   -7.298  1.00 19.43 ? 13  VAL X O   1 
ATOM   100  C CB  . VAL A 1 13  ? 1.209   9.048   -10.035 1.00 23.29 ? 13  VAL X CB  1 
ATOM   101  C CG1 . VAL A 1 13  ? 2.651   8.882   -9.593  1.00 19.01 ? 13  VAL X CG1 1 
ATOM   102  C CG2 . VAL A 1 13  ? 1.152   9.331   -11.516 1.00 17.75 ? 13  VAL X CG2 1 
ATOM   103  N N   . ILE A 1 14  ? 1.474   6.185   -8.222  1.00 15.80 ? 14  ILE X N   1 
ATOM   104  C CA  . ILE A 1 14  ? 1.920   5.650   -6.933  1.00 18.18 ? 14  ILE X CA  1 
ATOM   105  C C   . ILE A 1 14  ? 3.453   5.658   -6.801  1.00 21.48 ? 14  ILE X C   1 
ATOM   106  O O   . ILE A 1 14  ? 4.004   5.529   -5.695  1.00 21.61 ? 14  ILE X O   1 
ATOM   107  C CB  . ILE A 1 14  ? 1.368   4.204   -6.641  1.00 25.21 ? 14  ILE X CB  1 
ATOM   108  C CG1 . ILE A 1 14  ? 1.886   3.188   -7.671  1.00 15.90 ? 14  ILE X CG1 1 
ATOM   109  C CG2 . ILE A 1 14  ? -0.177  4.189   -6.558  1.00 15.15 ? 14  ILE X CG2 1 
ATOM   110  C CD1 . ILE A 1 14  ? 1.552   1.766   -7.324  1.00 20.78 ? 14  ILE X CD1 1 
ATOM   111  N N   . GLY A 1 15  ? 4.145   5.830   -7.922  1.00 18.62 ? 15  GLY X N   1 
ATOM   112  C CA  . GLY A 1 15  ? 5.592   5.709   -7.903  1.00 20.13 ? 15  GLY X CA  1 
ATOM   113  C C   . GLY A 1 15  ? 6.346   6.223   -9.116  1.00 26.84 ? 15  GLY X C   1 
ATOM   114  O O   . GLY A 1 15  ? 5.771   6.481   -10.191 1.00 18.74 ? 15  GLY X O   1 
ATOM   115  N N   . PHE A 1 16  ? 7.657   6.377   -8.928  1.00 22.32 ? 16  PHE X N   1 
ATOM   116  C CA  . PHE A 1 16  ? 8.545   6.826   -9.995  1.00 28.30 ? 16  PHE X CA  1 
ATOM   117  C C   . PHE A 1 16  ? 9.962   6.332   -9.755  1.00 27.94 ? 16  PHE X C   1 
ATOM   118  O O   . PHE A 1 16  ? 10.597  6.693   -8.752  1.00 19.11 ? 16  PHE X O   1 
ATOM   119  C CB  . PHE A 1 16  ? 8.548   8.356   -10.113 1.00 19.15 ? 16  PHE X CB  1 
ATOM   120  C CG  . PHE A 1 16  ? 9.348   8.866   -11.286 1.00 26.85 ? 16  PHE X CG  1 
ATOM   121  C CD1 . PHE A 1 16  ? 10.484  9.642   -11.087 1.00 26.07 ? 16  PHE X CD1 1 
ATOM   122  C CD2 . PHE A 1 16  ? 8.969   8.555   -12.588 1.00 22.02 ? 16  PHE X CD2 1 
ATOM   123  C CE1 . PHE A 1 16  ? 11.236  10.104  -12.176 1.00 23.79 ? 16  PHE X CE1 1 
ATOM   124  C CE2 . PHE A 1 16  ? 9.712   9.015   -13.676 1.00 27.17 ? 16  PHE X CE2 1 
ATOM   125  C CZ  . PHE A 1 16  ? 10.845  9.787   -13.462 1.00 27.50 ? 16  PHE X CZ  1 
ATOM   126  N N   . GLU A 1 17  ? 10.443  5.520   -10.691 1.00 23.61 ? 17  GLU X N   1 
ATOM   127  C CA  . GLU A 1 17  ? 11.783  4.941   -10.627 1.00 26.57 ? 17  GLU X CA  1 
ATOM   128  C C   . GLU A 1 17  ? 12.034  4.260   -9.303  1.00 23.61 ? 17  GLU X C   1 
ATOM   129  O O   . GLU A 1 17  ? 13.045  4.517   -8.649  1.00 27.50 ? 17  GLU X O   1 
ATOM   130  C CB  . GLU A 1 17  ? 12.853  5.995   -10.907 1.00 24.54 ? 17  GLU X CB  1 
ATOM   131  C CG  . GLU A 1 17  ? 12.886  6.405   -12.366 1.00 29.46 ? 17  GLU X CG  1 
ATOM   132  C CD  . GLU A 1 17  ? 13.881  7.518   -12.639 1.00 33.15 ? 17  GLU X CD  1 
ATOM   133  O OE1 . GLU A 1 17  ? 14.304  8.196   -11.677 1.00 34.92 ? 17  GLU X OE1 1 
ATOM   134  O OE2 . GLU A 1 17  ? 14.234  7.721   -13.818 1.00 30.07 ? 17  GLU X OE2 1 
ATOM   135  N N   . ASN A 1 18  ? 11.087  3.401   -8.926  1.00 28.01 ? 18  ASN X N   1 
ATOM   136  C CA  . ASN A 1 18  ? 11.142  2.606   -7.701  1.00 27.04 ? 18  ASN X CA  1 
ATOM   137  C C   . ASN A 1 18  ? 11.219  3.400   -6.402  1.00 28.44 ? 18  ASN X C   1 
ATOM   138  O O   . ASN A 1 18  ? 11.783  2.937   -5.419  1.00 27.97 ? 18  ASN X O   1 
ATOM   139  C CB  . ASN A 1 18  ? 12.258  1.570   -7.782  1.00 27.73 ? 18  ASN X CB  1 
ATOM   140  C CG  . ASN A 1 18  ? 11.955  0.504   -8.788  1.00 30.06 ? 18  ASN X CG  1 
ATOM   141  O OD1 . ASN A 1 18  ? 10.790  0.206   -9.043  1.00 35.24 ? 18  ASN X OD1 1 
ATOM   142  N ND2 . ASN A 1 18  ? 12.989  -0.088  -9.371  1.00 32.32 ? 18  ASN X ND2 1 
ATOM   143  N N   A GLN A 1 19  ? 10.642  4.597   -6.415  0.45 27.17 ? 19  GLN X N   1 
ATOM   144  N N   B GLN A 1 19  ? 10.653  4.603   -6.409  0.55 27.16 ? 19  GLN X N   1 
ATOM   145  C CA  A GLN A 1 19  ? 10.522  5.418   -5.217  0.45 27.58 ? 19  GLN X CA  1 
ATOM   146  C CA  B GLN A 1 19  ? 10.542  5.414   -5.202  0.55 27.59 ? 19  GLN X CA  1 
ATOM   147  C C   A GLN A 1 19  ? 9.174   6.116   -5.210  0.45 28.96 ? 19  GLN X C   1 
ATOM   148  C C   B GLN A 1 19  ? 9.195   6.122   -5.206  0.55 28.88 ? 19  GLN X C   1 
ATOM   149  O O   A GLN A 1 19  ? 8.521   6.229   -6.251  0.45 26.86 ? 19  GLN X O   1 
ATOM   150  O O   B GLN A 1 19  ? 8.559   6.244   -6.258  0.55 26.87 ? 19  GLN X O   1 
ATOM   151  C CB  A GLN A 1 19  ? 11.637  6.461   -5.158  0.45 30.45 ? 19  GLN X CB  1 
ATOM   152  C CB  B GLN A 1 19  ? 11.671  6.448   -5.132  0.55 30.33 ? 19  GLN X CB  1 
ATOM   153  C CG  A GLN A 1 19  ? 12.996  5.874   -4.857  0.45 33.10 ? 19  GLN X CG  1 
ATOM   154  C CG  B GLN A 1 19  ? 13.080  5.858   -5.085  0.55 33.09 ? 19  GLN X CG  1 
ATOM   155  C CD  A GLN A 1 19  ? 13.010  5.104   -3.555  0.45 34.82 ? 19  GLN X CD  1 
ATOM   156  C CD  B GLN A 1 19  ? 14.159  6.930   -5.119  0.55 37.22 ? 19  GLN X CD  1 
ATOM   157  O OE1 A GLN A 1 19  ? 12.502  5.577   -2.531  0.45 34.51 ? 19  GLN X OE1 1 
ATOM   158  O OE1 B GLN A 1 19  ? 13.866  8.120   -5.009  0.55 41.80 ? 19  GLN X OE1 1 
ATOM   159  N NE2 A GLN A 1 19  ? 13.585  3.906   -3.584  0.45 32.77 ? 19  GLN X NE2 1 
ATOM   160  N NE2 B GLN A 1 19  ? 15.414  6.511   -5.283  0.55 37.82 ? 19  GLN X NE2 1 
ATOM   161  N N   . LEU A 1 20  ? 8.759   6.578   -4.037  1.00 25.23 ? 20  LEU X N   1 
ATOM   162  C CA  . LEU A 1 20  ? 7.545   7.376   -3.924  1.00 28.35 ? 20  LEU X CA  1 
ATOM   163  C C   . LEU A 1 20  ? 7.905   8.758   -4.436  1.00 25.84 ? 20  LEU X C   1 
ATOM   164  O O   . LEU A 1 20  ? 9.004   9.218   -4.193  1.00 32.88 ? 20  LEU X O   1 
ATOM   165  C CB  . LEU A 1 20  ? 7.103   7.491   -2.462  1.00 27.22 ? 20  LEU X CB  1 
ATOM   166  C CG  . LEU A 1 20  ? 6.992   6.175   -1.687  1.00 34.91 ? 20  LEU X CG  1 
ATOM   167  C CD1 . LEU A 1 20  ? 6.809   6.460   -0.198  1.00 39.95 ? 20  LEU X CD1 1 
ATOM   168  C CD2 . LEU A 1 20  ? 5.856   5.321   -2.227  1.00 23.03 ? 20  LEU X CD2 1 
ATOM   169  N N   . PRO A 1 21  ? 6.983   9.427   -5.149  1.00 29.06 ? 21  PRO X N   1 
ATOM   170  C CA  . PRO A 1 21  ? 7.294   10.759  -5.689  1.00 22.91 ? 21  PRO X CA  1 
ATOM   171  C C   . PRO A 1 21  ? 7.172   11.875  -4.655  1.00 26.44 ? 21  PRO X C   1 
ATOM   172  O O   . PRO A 1 21  ? 7.640   12.964  -4.933  1.00 26.51 ? 21  PRO X O   1 
ATOM   173  C CB  . PRO A 1 21  ? 6.237   10.957  -6.807  1.00 25.12 ? 21  PRO X CB  1 
ATOM   174  C CG  . PRO A 1 21  ? 5.549   9.600   -6.974  1.00 27.22 ? 21  PRO X CG  1 
ATOM   175  C CD  . PRO A 1 21  ? 5.687   8.921   -5.632  1.00 28.53 ? 21  PRO X CD  1 
ATOM   176  N N   . TRP A 1 22  ? 6.550   11.614  -3.502  1.00 29.35 ? 22  TRP X N   1 
ATOM   177  C CA  . TRP A 1 22  ? 6.355   12.634  -2.458  1.00 22.48 ? 22  TRP X CA  1 
ATOM   178  C C   . TRP A 1 22  ? 6.950   12.190  -1.126  1.00 27.99 ? 22  TRP X C   1 
ATOM   179  O O   . TRP A 1 22  ? 7.169   10.995  -0.901  1.00 25.23 ? 22  TRP X O   1 
ATOM   180  C CB  . TRP A 1 22  ? 4.863   12.900  -2.251  1.00 18.52 ? 22  TRP X CB  1 
ATOM   181  C CG  . TRP A 1 22  ? 4.086   11.627  -2.192  1.00 20.23 ? 22  TRP X CG  1 
ATOM   182  C CD1 . TRP A 1 22  ? 3.913   10.803  -1.099  1.00 25.70 ? 22  TRP X CD1 1 
ATOM   183  C CD2 . TRP A 1 22  ? 3.379   11.011  -3.274  1.00 20.04 ? 22  TRP X CD2 1 
ATOM   184  N NE1 . TRP A 1 22  ? 3.159   9.702   -1.451  1.00 24.49 ? 22  TRP X NE1 1 
ATOM   185  C CE2 . TRP A 1 22  ? 2.817   9.808   -2.778  1.00 24.30 ? 22  TRP X CE2 1 
ATOM   186  C CE3 . TRP A 1 22  ? 3.177   11.351  -4.622  1.00 18.19 ? 22  TRP X CE3 1 
ATOM   187  C CZ2 . TRP A 1 22  ? 2.056   8.956   -3.583  1.00 18.71 ? 22  TRP X CZ2 1 
ATOM   188  C CZ3 . TRP A 1 22  ? 2.435   10.500  -5.415  1.00 18.35 ? 22  TRP X CZ3 1 
ATOM   189  C CH2 . TRP A 1 22  ? 1.878   9.319   -4.895  1.00 19.89 ? 22  TRP X CH2 1 
ATOM   190  N N   . HIS A 1 23  ? 7.184   13.152  -0.238  0.75 30.15 ? 23  HIS X N   1 
ATOM   191  C CA  . HIS A 1 23  ? 7.663   12.844  1.106   0.75 37.86 ? 23  HIS X CA  1 
ATOM   192  C C   . HIS A 1 23  ? 6.679   13.328  2.166   0.75 33.27 ? 23  HIS X C   1 
ATOM   193  O O   . HIS A 1 23  ? 6.654   14.511  2.503   0.75 38.35 ? 23  HIS X O   1 
ATOM   194  C CB  . HIS A 1 23  ? 9.033   13.471  1.373   0.75 37.10 ? 23  HIS X CB  1 
ATOM   195  C CG  . HIS A 1 23  ? 9.467   13.342  2.801   0.75 54.05 ? 23  HIS X CG  1 
ATOM   196  N ND1 . HIS A 1 23  ? 9.646   12.118  3.413   0.75 53.76 ? 23  HIS X ND1 1 
ATOM   197  C CD2 . HIS A 1 23  ? 9.710   14.277  3.752   0.75 42.68 ? 23  HIS X CD2 1 
ATOM   198  C CE1 . HIS A 1 23  ? 10.000  12.306  4.673   0.75 48.87 ? 23  HIS X CE1 1 
ATOM   199  N NE2 . HIS A 1 23  ? 10.045  13.606  4.903   0.75 46.65 ? 23  HIS X NE2 1 
ATOM   200  N N   . LEU A 1 24  ? 5.888   12.413  2.713   1.00 32.81 ? 24  LEU X N   1 
ATOM   201  C CA  . LEU A 1 24  ? 4.787   12.823  3.572   1.00 26.73 ? 24  LEU X CA  1 
ATOM   202  C C   . LEU A 1 24  ? 4.783   12.095  4.912   1.00 32.36 ? 24  LEU X C   1 
ATOM   203  O O   . LEU A 1 24  ? 4.218   11.005  5.025   1.00 31.21 ? 24  LEU X O   1 
ATOM   204  C CB  . LEU A 1 24  ? 3.466   12.611  2.836   1.00 31.66 ? 24  LEU X CB  1 
ATOM   205  C CG  . LEU A 1 24  ? 2.289   13.512  3.217   1.00 35.58 ? 24  LEU X CG  1 
ATOM   206  C CD1 . LEU A 1 24  ? 2.670   14.983  3.149   1.00 34.31 ? 24  LEU X CD1 1 
ATOM   207  C CD2 . LEU A 1 24  ? 1.134   13.228  2.284   1.00 35.13 ? 24  LEU X CD2 1 
ATOM   208  N N   . PRO A 1 25  ? 5.418   12.698  5.938   1.00 35.03 ? 25  PRO X N   1 
ATOM   209  C CA  . PRO A 1 25  ? 5.543   12.058  7.257   1.00 31.77 ? 25  PRO X CA  1 
ATOM   210  C C   . PRO A 1 25  ? 4.211   11.624  7.859   1.00 27.62 ? 25  PRO X C   1 
ATOM   211  O O   . PRO A 1 25  ? 4.138   10.536  8.435   1.00 35.68 ? 25  PRO X O   1 
ATOM   212  C CB  . PRO A 1 25  ? 6.198   13.152  8.114   1.00 34.99 ? 25  PRO X CB  1 
ATOM   213  C CG  . PRO A 1 25  ? 7.037   13.926  7.141   1.00 33.39 ? 25  PRO X CG  1 
ATOM   214  C CD  . PRO A 1 25  ? 6.193   13.955  5.861   1.00 31.99 ? 25  PRO X CD  1 
ATOM   215  N N   . ASN A 1 26  ? 3.167   12.438  7.709   1.00 30.25 ? 26  ASN X N   1 
ATOM   216  C CA  . ASN A 1 26  ? 1.837   12.065  8.206   1.00 29.92 ? 26  ASN X CA  1 
ATOM   217  C C   . ASN A 1 26  ? 1.329   10.757  7.605   1.00 36.97 ? 26  ASN X C   1 
ATOM   218  O O   . ASN A 1 26  ? 0.607   9.997   8.269   1.00 31.15 ? 26  ASN X O   1 
ATOM   219  C CB  . ASN A 1 26  ? 0.808   13.175  7.959   1.00 31.04 ? 26  ASN X CB  1 
ATOM   220  C CG  . ASN A 1 26  ? 1.072   14.406  8.802   1.00 41.54 ? 26  ASN X CG  1 
ATOM   221  O OD1 . ASN A 1 26  ? 1.889   14.372  9.726   1.00 51.89 ? 26  ASN X OD1 1 
ATOM   222  N ND2 . ASN A 1 26  ? 0.391   15.510  8.483   1.00 42.99 ? 26  ASN X ND2 1 
ATOM   223  N N   . ASP A 1 27  ? 1.695   10.496  6.348   1.00 25.78 ? 27  ASP X N   1 
ATOM   224  C CA  . ASP A 1 27  ? 1.273   9.255   5.701   1.00 30.09 ? 27  ASP X CA  1 
ATOM   225  C C   . ASP A 1 27  ? 2.019   8.034   6.265   1.00 27.73 ? 27  ASP X C   1 
ATOM   226  O O   . ASP A 1 27  ? 1.449   6.939   6.370   1.00 25.03 ? 27  ASP X O   1 
ATOM   227  C CB  . ASP A 1 27  ? 1.439   9.335   4.180   1.00 24.87 ? 27  ASP X CB  1 
ATOM   228  C CG  . ASP A 1 27  ? 0.973   8.076   3.479   1.00 27.55 ? 27  ASP X CG  1 
ATOM   229  O OD1 . ASP A 1 27  ? 1.767   7.544   2.683   1.00 27.34 ? 27  ASP X OD1 1 
ATOM   230  O OD2 . ASP A 1 27  ? -0.183  7.612   3.714   1.00 26.34 ? 27  ASP X OD2 1 
ATOM   231  N N   . LEU A 1 28  ? 3.289   8.226   6.624   1.00 25.05 ? 28  LEU X N   1 
ATOM   232  C CA  . LEU A 1 28  ? 4.075   7.143   7.207   1.00 32.67 ? 28  LEU X CA  1 
ATOM   233  C C   . LEU A 1 28  ? 3.537   6.780   8.589   1.00 26.73 ? 28  LEU X C   1 
ATOM   234  O O   . LEU A 1 28  ? 3.408   5.602   8.903   1.00 36.48 ? 28  LEU X O   1 
ATOM   235  C CB  . LEU A 1 28  ? 5.564   7.490   7.316   1.00 35.84 ? 28  LEU X CB  1 
ATOM   236  C CG  . LEU A 1 28  ? 6.402   8.102   6.182   1.00 50.58 ? 28  LEU X CG  1 
ATOM   237  C CD1 . LEU A 1 28  ? 7.861   7.640   6.319   1.00 44.96 ? 28  LEU X CD1 1 
ATOM   238  C CD2 . LEU A 1 28  ? 5.867   7.849   4.765   1.00 39.66 ? 28  LEU X CD2 1 
ATOM   239  N N   . LYS A 1 29  ? 3.233   7.789   9.411   1.00 28.48 ? 29  LYS X N   1 
ATOM   240  C CA  . LYS A 1 29  ? 2.565   7.568   10.696  1.00 28.44 ? 29  LYS X CA  1 
ATOM   241  C C   . LYS A 1 29  ? 1.264   6.802   10.520  1.00 32.09 ? 29  LYS X C   1 
ATOM   242  O O   . LYS A 1 29  ? 0.990   5.844   11.240  1.00 35.55 ? 29  LYS X O   1 
ATOM   243  C CB  . LYS A 1 29  ? 2.243   8.895   11.381  1.00 35.45 ? 29  LYS X CB  1 
ATOM   244  C CG  . LYS A 1 29  ? 3.332   9.445   12.269  1.00 52.37 ? 29  LYS X CG  1 
ATOM   245  C CD  . LYS A 1 29  ? 2.789   10.593  13.119  1.00 50.77 ? 29  LYS X CD  1 
ATOM   246  C CE  . LYS A 1 29  ? 1.746   10.091  14.120  1.00 65.79 ? 29  LYS X CE  1 
ATOM   247  N NZ  . LYS A 1 29  ? 2.360   9.411   15.311  1.00 65.92 ? 29  LYS X NZ  1 
ATOM   248  N N   . HIS A 1 30  ? 0.452   7.263   9.576   1.00 36.77 ? 30  HIS X N   1 
ATOM   249  C CA  . HIS A 1 30  ? -0.806  6.618   9.217   1.00 26.96 ? 30  HIS X CA  1 
ATOM   250  C C   . HIS A 1 30  ? -0.584  5.147   8.921   1.00 29.64 ? 30  HIS X C   1 
ATOM   251  O O   . HIS A 1 30  ? -1.304  4.282   9.437   1.00 32.25 ? 30  HIS X O   1 
ATOM   252  C CB  . HIS A 1 30  ? -1.370  7.305   7.984   1.00 26.30 ? 30  HIS X CB  1 
ATOM   253  C CG  . HIS A 1 30  ? -2.612  6.679   7.444   1.00 24.34 ? 30  HIS X CG  1 
ATOM   254  N ND1 . HIS A 1 30  ? -3.806  6.691   8.126   1.00 23.49 ? 30  HIS X ND1 1 
ATOM   255  C CD2 . HIS A 1 30  ? -2.860  6.068   6.262   1.00 25.28 ? 30  HIS X CD2 1 
ATOM   256  C CE1 . HIS A 1 30  ? -4.735  6.101   7.397   1.00 25.04 ? 30  HIS X CE1 1 
ATOM   257  N NE2 . HIS A 1 30  ? -4.186  5.717   6.259   1.00 28.76 ? 30  HIS X NE2 1 
ATOM   258  N N   . VAL A 1 31  ? 0.418   4.857   8.092   1.00 30.74 ? 31  VAL X N   1 
ATOM   259  C CA  . VAL A 1 31  ? 0.724   3.472   7.733   1.00 24.37 ? 31  VAL X CA  1 
ATOM   260  C C   . VAL A 1 31  ? 1.151   2.655   8.953   1.00 30.55 ? 31  VAL X C   1 
ATOM   261  O O   . VAL A 1 31  ? 0.720   1.510   9.115   1.00 31.46 ? 31  VAL X O   1 
ATOM   262  C CB  . VAL A 1 31  ? 1.817   3.393   6.647   1.00 30.02 ? 31  VAL X CB  1 
ATOM   263  C CG1 . VAL A 1 31  ? 2.429   2.015   6.620   1.00 33.87 ? 31  VAL X CG1 1 
ATOM   264  C CG2 . VAL A 1 31  ? 1.230   3.735   5.275   1.00 27.65 ? 31  VAL X CG2 1 
ATOM   265  N N   . LYS A 1 32  ? 1.992   3.249   9.805   1.00 34.31 ? 32  LYS X N   1 
ATOM   266  C CA  . LYS A 1 32  ? 2.499   2.577   11.010  1.00 32.39 ? 32  LYS X CA  1 
ATOM   267  C C   . LYS A 1 32  ? 1.356   2.167   11.909  1.00 35.88 ? 32  LYS X C   1 
ATOM   268  O O   . LYS A 1 32  ? 1.246   1.017   12.321  1.00 33.80 ? 32  LYS X O   1 
ATOM   269  C CB  . LYS A 1 32  ? 3.407   3.514   11.805  1.00 33.65 ? 32  LYS X CB  1 
ATOM   270  C CG  . LYS A 1 32  ? 4.731   3.854   11.125  1.00 49.89 ? 32  LYS X CG  1 
ATOM   271  C CD  . LYS A 1 32  ? 5.478   2.620   10.628  1.00 42.48 ? 32  LYS X CD  1 
ATOM   272  C CE  . LYS A 1 32  ? 6.989   2.860   10.656  1.00 52.25 ? 32  LYS X CE  1 
ATOM   273  N NZ  . LYS A 1 32  ? 7.595   2.645   12.008  1.00 49.77 ? 32  LYS X NZ  1 
ATOM   274  N N   . LYS A 1 33  ? 0.505   3.144   12.204  1.00 36.17 ? 33  LYS X N   1 
ATOM   275  C CA  . LYS A 1 33  ? -0.628  2.979   13.095  1.00 33.82 ? 33  LYS X CA  1 
ATOM   276  C C   . LYS A 1 33  ? -1.574  1.890   12.601  1.00 36.23 ? 33  LYS X C   1 
ATOM   277  O O   . LYS A 1 33  ? -2.113  1.119   13.391  1.00 40.31 ? 33  LYS X O   1 
ATOM   278  C CB  . LYS A 1 33  ? -1.359  4.320   13.195  1.00 40.72 ? 33  LYS X CB  1 
ATOM   279  C CG  . LYS A 1 33  ? -2.467  4.389   14.210  1.00 48.41 ? 33  LYS X CG  1 
ATOM   280  C CD  . LYS A 1 33  ? -3.058  5.792   14.252  1.00 54.48 ? 33  LYS X CD  1 
ATOM   281  C CE  . LYS A 1 33  ? -2.282  6.728   15.190  1.00 65.84 ? 33  LYS X CE  1 
ATOM   282  N NZ  . LYS A 1 33  ? -0.845  6.959   14.824  1.00 63.42 ? 33  LYS X NZ  1 
ATOM   283  N N   . LEU A 1 34  ? -1.777  1.817   11.288  1.00 29.64 ? 34  LEU X N   1 
ATOM   284  C CA  . LEU A 1 34  ? -2.721  0.852   10.739  1.00 29.74 ? 34  LEU X CA  1 
ATOM   285  C C   . LEU A 1 34  ? -2.167  -0.571  10.786  1.00 30.41 ? 34  LEU X C   1 
ATOM   286  O O   . LEU A 1 34  ? -2.896  -1.519  11.091  1.00 33.09 ? 34  LEU X O   1 
ATOM   287  C CB  . LEU A 1 34  ? -3.077  1.206   9.287   1.00 34.69 ? 34  LEU X CB  1 
ATOM   288  C CG  . LEU A 1 34  ? -4.211  2.194   9.032   1.00 38.02 ? 34  LEU X CG  1 
ATOM   289  C CD1 . LEU A 1 34  ? -4.284  2.588   7.550   1.00 30.45 ? 34  LEU X CD1 1 
ATOM   290  C CD2 . LEU A 1 34  ? -5.515  1.564   9.482   1.00 39.30 ? 34  LEU X CD2 1 
ATOM   291  N N   . SER A 1 35  ? -0.876  -0.714  10.482  1.00 29.05 ? 35  SER X N   1 
ATOM   292  C CA  . SER A 1 35  ? -0.299  -2.038  10.235  1.00 30.21 ? 35  SER X CA  1 
ATOM   293  C C   . SER A 1 35  ? 0.499   -2.655  11.389  1.00 34.37 ? 35  SER X C   1 
ATOM   294  O O   . SER A 1 35  ? 0.762   -3.857  11.362  1.00 36.33 ? 35  SER X O   1 
ATOM   295  C CB  . SER A 1 35  ? 0.553   -2.043  8.957   1.00 26.13 ? 35  SER X CB  1 
ATOM   296  O OG  . SER A 1 35  ? 1.622   -1.111  9.037   1.00 29.40 ? 35  SER X OG  1 
ATOM   297  N N   . THR A 1 36  ? 0.887   -1.858  12.387  1.00 37.45 ? 36  THR X N   1 
ATOM   298  C CA  . THR A 1 36  ? 1.640   -2.396  13.527  1.00 37.79 ? 36  THR X CA  1 
ATOM   299  C C   . THR A 1 36  ? 0.883   -3.548  14.166  1.00 33.54 ? 36  THR X C   1 
ATOM   300  O O   . THR A 1 36  ? -0.282  -3.408  14.514  1.00 33.53 ? 36  THR X O   1 
ATOM   301  C CB  . THR A 1 36  ? 1.944   -1.327  14.592  1.00 38.14 ? 36  THR X CB  1 
ATOM   302  O OG1 . THR A 1 36  ? 2.959   -0.441  14.103  1.00 40.20 ? 36  THR X OG1 1 
ATOM   303  C CG2 . THR A 1 36  ? 2.450   -1.977  15.870  1.00 36.59 ? 36  THR X CG2 1 
ATOM   304  N N   . GLY A 1 37  ? 1.538   -4.700  14.274  1.00 37.61 ? 37  GLY X N   1 
ATOM   305  C CA  . GLY A 1 37  ? 0.912   -5.871  14.855  1.00 33.31 ? 37  GLY X CA  1 
ATOM   306  C C   . GLY A 1 37  ? 0.184   -6.734  13.851  1.00 37.18 ? 37  GLY X C   1 
ATOM   307  O O   . GLY A 1 37  ? -0.376  -7.767  14.211  1.00 32.32 ? 37  GLY X O   1 
ATOM   308  N N   . HIS A 1 38  ? 0.191   -6.323  12.585  1.00 34.32 ? 38  HIS X N   1 
ATOM   309  C CA  . HIS A 1 38  ? -0.529  -7.069  11.552  1.00 34.42 ? 38  HIS X CA  1 
ATOM   310  C C   . HIS A 1 38  ? 0.416   -7.578  10.460  1.00 35.24 ? 38  HIS X C   1 
ATOM   311  O O   . HIS A 1 38  ? 1.611   -7.760  10.712  1.00 33.96 ? 38  HIS X O   1 
ATOM   312  C CB  . HIS A 1 38  ? -1.679  -6.221  10.999  1.00 27.93 ? 38  HIS X CB  1 
ATOM   313  C CG  . HIS A 1 38  ? -2.631  -5.752  12.060  1.00 35.23 ? 38  HIS X CG  1 
ATOM   314  N ND1 . HIS A 1 38  ? -3.597  -6.569  12.608  1.00 39.42 ? 38  HIS X ND1 1 
ATOM   315  C CD2 . HIS A 1 38  ? -2.747  -4.557  12.689  1.00 38.58 ? 38  HIS X CD2 1 
ATOM   316  C CE1 . HIS A 1 38  ? -4.274  -5.895  13.523  1.00 38.46 ? 38  HIS X CE1 1 
ATOM   317  N NE2 . HIS A 1 38  ? -3.781  -4.672  13.588  1.00 37.99 ? 38  HIS X NE2 1 
ATOM   318  N N   . THR A 1 39  ? -0.101  -7.817  9.258   1.00 30.57 ? 39  THR X N   1 
ATOM   319  C CA  . THR A 1 39  ? 0.759   -8.283  8.160   1.00 35.74 ? 39  THR X CA  1 
ATOM   320  C C   . THR A 1 39  ? 0.738   -7.401  6.896   1.00 31.88 ? 39  THR X C   1 
ATOM   321  O O   . THR A 1 39  ? -0.336  -7.017  6.413   1.00 30.88 ? 39  THR X O   1 
ATOM   322  C CB  . THR A 1 39  ? 0.418   -9.735  7.764   1.00 33.00 ? 39  THR X CB  1 
ATOM   323  O OG1 . THR A 1 39  ? 0.548   -10.572 8.915   1.00 35.20 ? 39  THR X OG1 1 
ATOM   324  C CG2 . THR A 1 39  ? 1.362   -10.236 6.669   1.00 31.88 ? 39  THR X CG2 1 
ATOM   325  N N   . LEU A 1 40  ? 1.934   -7.101  6.382   1.00 27.43 ? 40  LEU X N   1 
ATOM   326  C CA  . LEU A 1 40  ? 2.141   -6.419  5.093   1.00 23.98 ? 40  LEU X CA  1 
ATOM   327  C C   . LEU A 1 40  ? 2.543   -7.423  4.011   1.00 29.32 ? 40  LEU X C   1 
ATOM   328  O O   . LEU A 1 40  ? 3.476   -8.195  4.199   1.00 32.92 ? 40  LEU X O   1 
ATOM   329  C CB  . LEU A 1 40  ? 3.248   -5.365  5.207   1.00 24.64 ? 40  LEU X CB  1 
ATOM   330  C CG  . LEU A 1 40  ? 3.077   -4.239  6.237   1.00 22.94 ? 40  LEU X CG  1 
ATOM   331  C CD1 . LEU A 1 40  ? 4.315   -3.375  6.296   1.00 31.24 ? 40  LEU X CD1 1 
ATOM   332  C CD2 . LEU A 1 40  ? 1.865   -3.392  5.908   1.00 27.84 ? 40  LEU X CD2 1 
ATOM   333  N N   . VAL A 1 41  ? 1.822   -7.432  2.894   1.00 24.79 ? 41  VAL X N   1 
ATOM   334  C CA  . VAL A 1 41  ? 2.205   -8.226  1.731   1.00 20.11 ? 41  VAL X CA  1 
ATOM   335  C C   . VAL A 1 41  ? 2.652   -7.291  0.602   1.00 30.79 ? 41  VAL X C   1 
ATOM   336  O O   . VAL A 1 41  ? 1.911   -6.389  0.196   1.00 24.83 ? 41  VAL X O   1 
ATOM   337  C CB  . VAL A 1 41  ? 1.055   -9.121  1.264   1.00 23.48 ? 41  VAL X CB  1 
ATOM   338  C CG1 . VAL A 1 41  ? 1.413   -9.852  -0.030  1.00 19.49 ? 41  VAL X CG1 1 
ATOM   339  C CG2 . VAL A 1 41  ? 0.733   -10.132 2.342   1.00 26.32 ? 41  VAL X CG2 1 
ATOM   340  N N   . MET A 1 42  ? 3.871   -7.487  0.105   1.00 25.44 ? 42  MET X N   1 
ATOM   341  C CA  . MET A 1 42  ? 4.392   -6.621  -0.956  1.00 24.83 ? 42  MET X CA  1 
ATOM   342  C C   . MET A 1 42  ? 5.137   -7.370  -2.072  1.00 28.09 ? 42  MET X C   1 
ATOM   343  O O   . MET A 1 42  ? 5.665   -8.470  -1.863  1.00 25.36 ? 42  MET X O   1 
ATOM   344  C CB  . MET A 1 42  ? 5.308   -5.565  -0.348  1.00 23.82 ? 42  MET X CB  1 
ATOM   345  C CG  . MET A 1 42  ? 6.638   -6.126  0.132   1.00 22.24 ? 42  MET X CG  1 
ATOM   346  S SD  . MET A 1 42  ? 7.470   -4.938  1.187   1.00 27.66 ? 42  MET X SD  1 
ATOM   347  C CE  . MET A 1 42  ? 6.475   -5.061  2.677   1.00 27.31 ? 42  MET X CE  1 
ATOM   348  N N   . GLY A 1 43  ? 5.185   -6.760  -3.256  1.00 26.85 ? 43  GLY X N   1 
ATOM   349  C CA  . GLY A 1 43  ? 5.917   -7.326  -4.380  1.00 23.72 ? 43  GLY X CA  1 
ATOM   350  C C   . GLY A 1 43  ? 7.408   -7.153  -4.171  1.00 18.28 ? 43  GLY X C   1 
ATOM   351  O O   . GLY A 1 43  ? 7.837   -6.332  -3.352  1.00 20.06 ? 43  GLY X O   1 
ATOM   352  N N   . ARG A 1 44  ? 8.201   -7.910  -4.926  1.00 20.48 ? 44  ARG X N   1 
ATOM   353  C CA  . ARG A 1 44  ? 9.651   -7.931  -4.749  1.00 20.06 ? 44  ARG X CA  1 
ATOM   354  C C   . ARG A 1 44  ? 10.305  -6.568  -5.007  1.00 24.91 ? 44  ARG X C   1 
ATOM   355  O O   . ARG A 1 44  ? 11.247  -6.188  -4.307  1.00 23.32 ? 44  ARG X O   1 
ATOM   356  C CB  . ARG A 1 44  ? 10.279  -9.017  -5.646  1.00 22.90 ? 44  ARG X CB  1 
ATOM   357  C CG  . ARG A 1 44  ? 11.784  -9.226  -5.459  1.00 28.30 ? 44  ARG X CG  1 
ATOM   358  C CD  . ARG A 1 44  ? 12.619  -8.412  -6.459  1.00 23.85 ? 44  ARG X CD  1 
ATOM   359  N NE  . ARG A 1 44  ? 12.257  -8.690  -7.852  1.00 25.15 ? 44  ARG X NE  1 
ATOM   360  C CZ  . ARG A 1 44  ? 12.725  -8.004  -8.894  1.00 26.45 ? 44  ARG X CZ  1 
ATOM   361  N NH1 . ARG A 1 44  ? 13.577  -6.999  -8.695  1.00 28.27 ? 44  ARG X NH1 1 
ATOM   362  N NH2 . ARG A 1 44  ? 12.343  -8.311  -10.129 1.00 24.57 ? 44  ARG X NH2 1 
ATOM   363  N N   . LYS A 1 45  ? 9.823   -5.839  -6.015  1.00 23.00 ? 45  LYS X N   1 
ATOM   364  C CA  . LYS A 1 45  ? 10.447  -4.562  -6.364  1.00 22.65 ? 45  LYS X CA  1 
ATOM   365  C C   . LYS A 1 45  ? 10.213  -3.539  -5.269  1.00 22.51 ? 45  LYS X C   1 
ATOM   366  O O   . LYS A 1 45  ? 11.125  -2.787  -4.890  1.00 20.21 ? 45  LYS X O   1 
ATOM   367  C CB  . LYS A 1 45  ? 9.939   -4.033  -7.711  1.00 23.17 ? 45  LYS X CB  1 
ATOM   368  C CG  . LYS A 1 45  ? 10.337  -4.917  -8.905  1.00 24.27 ? 45  LYS X CG  1 
ATOM   369  C CD  . LYS A 1 45  ? 9.853   -4.328  -10.231 1.00 25.63 ? 45  LYS X CD  1 
ATOM   370  C CE  . LYS A 1 45  ? 10.361  -5.135  -11.426 1.00 26.96 ? 45  LYS X CE  1 
ATOM   371  N NZ  . LYS A 1 45  ? 9.970   -4.539  -12.742 1.00 32.50 ? 45  LYS X NZ  1 
ATOM   372  N N   . THR A 1 46  ? 8.989   -3.527  -4.749  1.00 19.31 ? 46  THR X N   1 
ATOM   373  C CA  . THR A 1 46  ? 8.656   -2.667  -3.629  1.00 21.39 ? 46  THR X CA  1 
ATOM   374  C C   . THR A 1 46  ? 9.561   -2.942  -2.420  1.00 27.92 ? 46  THR X C   1 
ATOM   375  O O   . THR A 1 46  ? 10.133  -2.009  -1.834  1.00 21.99 ? 46  THR X O   1 
ATOM   376  C CB  . THR A 1 46  ? 7.179   -2.820  -3.226  1.00 24.86 ? 46  THR X CB  1 
ATOM   377  O OG1 . THR A 1 46  ? 6.360   -2.228  -4.239  1.00 22.42 ? 46  THR X OG1 1 
ATOM   378  C CG2 . THR A 1 46  ? 6.916   -2.116  -1.901  1.00 23.62 ? 46  THR X CG2 1 
ATOM   379  N N   . PHE A 1 47  ? 9.715   -4.210  -2.052  1.00 26.89 ? 47  PHE X N   1 
ATOM   380  C CA  . PHE A 1 47  ? 10.594  -4.501  -0.933  1.00 23.92 ? 47  PHE X CA  1 
ATOM   381  C C   . PHE A 1 47  ? 12.026  -4.015  -1.187  1.00 24.53 ? 47  PHE X C   1 
ATOM   382  O O   . PHE A 1 47  ? 12.649  -3.389  -0.308  1.00 24.09 ? 47  PHE X O   1 
ATOM   383  C CB  . PHE A 1 47  ? 10.611  -5.987  -0.552  1.00 25.08 ? 47  PHE X CB  1 
ATOM   384  C CG  . PHE A 1 47  ? 11.592  -6.286  0.547   1.00 33.33 ? 47  PHE X CG  1 
ATOM   385  C CD1 . PHE A 1 47  ? 12.867  -6.759  0.255   1.00 32.20 ? 47  PHE X CD1 1 
ATOM   386  C CD2 . PHE A 1 47  ? 11.267  -6.005  1.872   1.00 29.51 ? 47  PHE X CD2 1 
ATOM   387  C CE1 . PHE A 1 47  ? 13.788  -6.993  1.271   1.00 34.94 ? 47  PHE X CE1 1 
ATOM   388  C CE2 . PHE A 1 47  ? 12.182  -6.238  2.891   1.00 37.25 ? 47  PHE X CE2 1 
ATOM   389  C CZ  . PHE A 1 47  ? 13.446  -6.729  2.588   1.00 36.16 ? 47  PHE X CZ  1 
ATOM   390  N N   . GLU A 1 48  ? 12.548  -4.293  -2.378  1.00 23.08 ? 48  GLU X N   1 
ATOM   391  C CA  . GLU A 1 48  ? 13.953  -3.953  -2.676  1.00 25.64 ? 48  GLU X CA  1 
ATOM   392  C C   . GLU A 1 48  ? 14.194  -2.452  -2.729  1.00 35.16 ? 48  GLU X C   1 
ATOM   393  O O   . GLU A 1 48  ? 15.325  -2.004  -2.581  1.00 35.29 ? 48  GLU X O   1 
ATOM   394  C CB  . GLU A 1 48  ? 14.441  -4.603  -3.980  1.00 33.91 ? 48  GLU X CB  1 
ATOM   395  C CG  . GLU A 1 48  ? 14.486  -6.135  -3.940  1.00 35.14 ? 48  GLU X CG  1 
ATOM   396  C CD  . GLU A 1 48  ? 15.422  -6.674  -2.867  1.00 46.83 ? 48  GLU X CD  1 
ATOM   397  O OE1 . GLU A 1 48  ? 16.460  -6.026  -2.597  1.00 53.49 ? 48  GLU X OE1 1 
ATOM   398  O OE2 . GLU A 1 48  ? 15.122  -7.744  -2.283  1.00 54.56 ? 48  GLU X OE2 1 
ATOM   399  N N   . SER A 1 49  ? 13.135  -1.676  -2.948  1.00 33.31 ? 49  SER X N   1 
ATOM   400  C CA  . SER A 1 49  ? 13.271  -0.227  -2.962  1.00 26.91 ? 49  SER X CA  1 
ATOM   401  C C   . SER A 1 49  ? 13.546  0.301   -1.559  1.00 35.53 ? 49  SER X C   1 
ATOM   402  O O   . SER A 1 49  ? 14.133  1.375   -1.401  1.00 33.80 ? 49  SER X O   1 
ATOM   403  C CB  . SER A 1 49  ? 12.025  0.434   -3.539  1.00 29.71 ? 49  SER X CB  1 
ATOM   404  O OG  . SER A 1 49  ? 10.917  0.256   -2.680  1.00 27.31 ? 49  SER X OG  1 
ATOM   405  N N   . ILE A 1 50  ? 13.126  -0.436  -0.536  1.00 36.27 ? 50  ILE X N   1 
ATOM   406  C CA  . ILE A 1 50  ? 13.495  -0.050  0.827   1.00 35.49 ? 50  ILE X CA  1 
ATOM   407  C C   . ILE A 1 50  ? 14.608  -0.938  1.385   1.00 37.13 ? 50  ILE X C   1 
ATOM   408  O O   . ILE A 1 50  ? 15.547  -0.442  2.007   1.00 44.28 ? 50  ILE X O   1 
ATOM   409  C CB  . ILE A 1 50  ? 12.293  0.009   1.776   1.00 37.63 ? 50  ILE X CB  1 
ATOM   410  C CG1 . ILE A 1 50  ? 11.291  1.038   1.265   1.00 39.31 ? 50  ILE X CG1 1 
ATOM   411  C CG2 . ILE A 1 50  ? 12.734  0.429   3.167   1.00 42.64 ? 50  ILE X CG2 1 
ATOM   412  C CD1 . ILE A 1 50  ? 10.251  0.454   0.383   1.00 42.05 ? 50  ILE X CD1 1 
ATOM   413  N N   . GLY A 1 51  ? 14.505  -2.243  1.158   1.00 38.07 ? 51  GLY X N   1 
ATOM   414  C CA  . GLY A 1 51  ? 15.595  -3.160  1.465   1.00 36.89 ? 51  GLY X CA  1 
ATOM   415  C C   . GLY A 1 51  ? 15.679  -3.666  2.899   1.00 43.49 ? 51  GLY X C   1 
ATOM   416  O O   . GLY A 1 51  ? 16.595  -4.424  3.241   1.00 45.58 ? 51  GLY X O   1 
ATOM   417  N N   . LYS A 1 52  ? 14.718  -3.260  3.727   1.00 35.59 ? 52  LYS X N   1 
ATOM   418  C CA  . LYS A 1 52  ? 14.704  -3.574  5.154   1.00 39.73 ? 52  LYS X CA  1 
ATOM   419  C C   . LYS A 1 52  ? 13.253  -3.747  5.597   1.00 37.77 ? 52  LYS X C   1 
ATOM   420  O O   . LYS A 1 52  ? 12.405  -2.938  5.246   1.00 33.40 ? 52  LYS X O   1 
ATOM   421  C CB  . LYS A 1 52  ? 15.340  -2.415  5.928   1.00 40.49 ? 52  LYS X CB  1 
ATOM   422  C CG  . LYS A 1 52  ? 15.589  -2.657  7.404   0.70 48.47 ? 52  LYS X CG  1 
ATOM   423  C CD  . LYS A 1 52  ? 16.138  -1.385  8.054   1.00 49.50 ? 52  LYS X CD  1 
ATOM   424  C CE  . LYS A 1 52  ? 16.680  -1.641  9.452   1.00 64.91 ? 52  LYS X CE  1 
ATOM   425  N NZ  . LYS A 1 52  ? 17.914  -2.491  9.446   1.00 60.09 ? 52  LYS X NZ  1 
ATOM   426  N N   . PRO A 1 53  ? 12.960  -4.796  6.371   1.00 33.75 ? 53  PRO X N   1 
ATOM   427  C CA  . PRO A 1 53  ? 11.583  -4.972  6.843   1.00 33.08 ? 53  PRO X CA  1 
ATOM   428  C C   . PRO A 1 53  ? 11.165  -3.860  7.801   1.00 34.14 ? 53  PRO X C   1 
ATOM   429  O O   . PRO A 1 53  ? 12.023  -3.233  8.417   1.00 41.54 ? 53  PRO X O   1 
ATOM   430  C CB  . PRO A 1 53  ? 11.632  -6.319  7.577   1.00 38.61 ? 53  PRO X CB  1 
ATOM   431  C CG  . PRO A 1 53  ? 13.071  -6.490  7.957   1.00 41.27 ? 53  PRO X CG  1 
ATOM   432  C CD  . PRO A 1 53  ? 13.865  -5.853  6.862   1.00 36.56 ? 53  PRO X CD  1 
ATOM   433  N N   . LEU A 1 54  ? 9.864   -3.598  7.900   1.00 37.01 ? 54  LEU X N   1 
ATOM   434  C CA  . LEU A 1 54  ? 9.354   -2.638  8.876   1.00 37.68 ? 54  LEU X CA  1 
ATOM   435  C C   . LEU A 1 54  ? 9.193   -3.365  10.205  1.00 40.32 ? 54  LEU X C   1 
ATOM   436  O O   . LEU A 1 54  ? 8.601   -4.443  10.259  1.00 35.16 ? 54  LEU X O   1 
ATOM   437  C CB  . LEU A 1 54  ? 8.020   -2.036  8.425   1.00 36.42 ? 54  LEU X CB  1 
ATOM   438  C CG  . LEU A 1 54  ? 8.099   -0.731  7.625   1.00 50.99 ? 54  LEU X CG  1 
ATOM   439  C CD1 . LEU A 1 54  ? 6.739   -0.332  7.062   1.00 48.18 ? 54  LEU X CD1 1 
ATOM   440  C CD2 . LEU A 1 54  ? 8.672   0.394   8.481   1.00 47.60 ? 54  LEU X CD2 1 
ATOM   441  N N   . PRO A 1 55  ? 9.752   -2.791  11.280  1.00 39.94 ? 55  PRO X N   1 
ATOM   442  C CA  . PRO A 1 55  ? 9.687   -3.477  12.573  1.00 43.37 ? 55  PRO X CA  1 
ATOM   443  C C   . PRO A 1 55  ? 8.281   -3.470  13.138  1.00 44.82 ? 55  PRO X C   1 
ATOM   444  O O   . PRO A 1 55  ? 7.489   -2.572  12.817  1.00 38.67 ? 55  PRO X O   1 
ATOM   445  C CB  . PRO A 1 55  ? 10.602  -2.639  13.465  1.00 37.44 ? 55  PRO X CB  1 
ATOM   446  C CG  . PRO A 1 55  ? 11.451  -1.839  12.519  1.00 51.06 ? 55  PRO X CG  1 
ATOM   447  C CD  . PRO A 1 55  ? 10.579  -1.578  11.337  1.00 44.77 ? 55  PRO X CD  1 
ATOM   448  N N   . ASN A 1 56  ? 7.987   -4.486  13.948  1.00 41.55 ? 56  ASN X N   1 
ATOM   449  C CA  . ASN A 1 56  ? 6.771   -4.549  14.750  1.00 38.55 ? 56  ASN X CA  1 
ATOM   450  C C   . ASN A 1 56  ? 5.542   -5.034  13.988  1.00 45.27 ? 56  ASN X C   1 
ATOM   451  O O   . ASN A 1 56  ? 4.405   -4.804  14.412  1.00 40.35 ? 56  ASN X O   1 
ATOM   452  C CB  . ASN A 1 56  ? 6.502   -3.223  15.476  1.00 44.18 ? 56  ASN X CB  1 
ATOM   453  C CG  . ASN A 1 56  ? 7.672   -2.793  16.356  1.00 47.74 ? 56  ASN X CG  1 
ATOM   454  O OD1 . ASN A 1 56  ? 8.165   -3.570  17.182  1.00 47.81 ? 56  ASN X OD1 1 
ATOM   455  N ND2 . ASN A 1 56  ? 8.135   -1.559  16.166  1.00 43.48 ? 56  ASN X ND2 1 
ATOM   456  N N   . ARG A 1 57  ? 5.779   -5.723  12.873  1.00 39.20 ? 57  ARG X N   1 
ATOM   457  C CA  . ARG A 1 57  ? 4.714   -6.461  12.189  1.00 36.14 ? 57  ARG X CA  1 
ATOM   458  C C   . ARG A 1 57  ? 5.306   -7.493  11.247  1.00 40.02 ? 57  ARG X C   1 
ATOM   459  O O   . ARG A 1 57  ? 6.519   -7.500  11.005  1.00 34.16 ? 57  ARG X O   1 
ATOM   460  C CB  . ARG A 1 57  ? 3.729   -5.530  11.460  1.00 41.75 ? 57  ARG X CB  1 
ATOM   461  C CG  . ARG A 1 57  ? 4.206   -4.956  10.139  1.00 40.07 ? 57  ARG X CG  1 
ATOM   462  C CD  . ARG A 1 57  ? 5.379   -4.057  10.341  1.00 43.07 ? 57  ARG X CD  1 
ATOM   463  N NE  . ARG A 1 57  ? 5.168   -2.684  9.915   1.00 42.66 ? 57  ARG X NE  1 
ATOM   464  C CZ  . ARG A 1 57  ? 4.877   -1.683  10.735  1.00 47.06 ? 57  ARG X CZ  1 
ATOM   465  N NH1 . ARG A 1 57  ? 4.719   -1.910  12.032  1.00 43.33 ? 57  ARG X NH1 1 
ATOM   466  N NH2 . ARG A 1 57  ? 4.727   -0.456  10.247  1.00 47.58 ? 57  ARG X NH2 1 
ATOM   467  N N   . ARG A 1 58  ? 4.467   -8.383  10.732  1.00 31.89 ? 58  ARG X N   1 
ATOM   468  C CA  . ARG A 1 58  ? 4.964   -9.408  9.824   1.00 33.93 ? 58  ARG X CA  1 
ATOM   469  C C   . ARG A 1 58  ? 5.184   -8.824  8.420   1.00 44.25 ? 58  ARG X C   1 
ATOM   470  O O   . ARG A 1 58  ? 4.295   -8.171  7.866   1.00 40.37 ? 58  ARG X O   1 
ATOM   471  C CB  . ARG A 1 58  ? 4.003   -10.590 9.771   1.00 29.16 ? 58  ARG X CB  1 
ATOM   472  C CG  . ARG A 1 58  ? 4.581   -11.797 9.077   1.00 28.04 ? 58  ARG X CG  1 
ATOM   473  C CD  . ARG A 1 58  ? 3.577   -12.918 9.058   1.00 36.71 ? 58  ARG X CD  1 
ATOM   474  N NE  . ARG A 1 58  ? 4.071   -14.091 8.349   1.00 39.96 ? 58  ARG X NE  1 
ATOM   475  C CZ  . ARG A 1 58  ? 3.361   -15.196 8.167   1.00 38.24 ? 58  ARG X CZ  1 
ATOM   476  N NH1 . ARG A 1 58  ? 2.126   -15.274 8.644   1.00 36.76 ? 58  ARG X NH1 1 
ATOM   477  N NH2 . ARG A 1 58  ? 3.888   -16.221 7.513   1.00 38.07 ? 58  ARG X NH2 1 
ATOM   478  N N   . ASN A 1 59  ? 6.373   -9.048  7.861   1.00 39.64 ? 59  ASN X N   1 
ATOM   479  C CA  . ASN A 1 59  ? 6.690   -8.605  6.505   1.00 31.93 ? 59  ASN X CA  1 
ATOM   480  C C   . ASN A 1 59  ? 6.727   -9.787  5.549   1.00 33.99 ? 59  ASN X C   1 
ATOM   481  O O   . ASN A 1 59  ? 7.578   -10.661 5.692   1.00 33.42 ? 59  ASN X O   1 
ATOM   482  C CB  . ASN A 1 59  ? 8.047   -7.910  6.470   1.00 29.25 ? 59  ASN X CB  1 
ATOM   483  C CG  . ASN A 1 59  ? 8.059   -6.605  7.223   1.00 31.54 ? 59  ASN X CG  1 
ATOM   484  O OD1 . ASN A 1 59  ? 8.280   -5.543  6.642   1.00 32.48 ? 59  ASN X OD1 1 
ATOM   485  N ND2 . ASN A 1 59  ? 7.836   -6.672  8.529   1.00 33.90 ? 59  ASN X ND2 1 
ATOM   486  N N   . VAL A 1 60  ? 5.818   -9.804  4.572   1.00 29.18 ? 60  VAL X N   1 
ATOM   487  C CA  . VAL A 1 60  ? 5.744   -10.891 3.587   1.00 23.72 ? 60  VAL X CA  1 
ATOM   488  C C   . VAL A 1 60  ? 6.013   -10.398 2.149   1.00 27.33 ? 60  VAL X C   1 
ATOM   489  O O   . VAL A 1 60  ? 5.416   -9.425  1.684   1.00 24.36 ? 60  VAL X O   1 
ATOM   490  C CB  . VAL A 1 60  ? 4.382   -11.616 3.665   1.00 24.74 ? 60  VAL X CB  1 
ATOM   491  C CG1 . VAL A 1 60  ? 4.300   -12.759 2.660   1.00 20.95 ? 60  VAL X CG1 1 
ATOM   492  C CG2 . VAL A 1 60  ? 4.130   -12.126 5.092   1.00 21.79 ? 60  VAL X CG2 1 
ATOM   493  N N   . VAL A 1 61  ? 6.925   -11.069 1.452   1.00 29.48 ? 61  VAL X N   1 
ATOM   494  C CA  . VAL A 1 61  ? 7.275   -10.685 0.086   1.00 24.75 ? 61  VAL X CA  1 
ATOM   495  C C   . VAL A 1 61  ? 6.938   -11.777 -0.928  1.00 27.07 ? 61  VAL X C   1 
ATOM   496  O O   . VAL A 1 61  ? 7.318   -12.940 -0.777  1.00 27.93 ? 61  VAL X O   1 
ATOM   497  C CB  . VAL A 1 61  ? 8.760   -10.297 -0.026  1.00 25.40 ? 61  VAL X CB  1 
ATOM   498  C CG1 . VAL A 1 61  ? 9.149   -10.095 -1.453  1.00 25.70 ? 61  VAL X CG1 1 
ATOM   499  C CG2 . VAL A 1 61  ? 9.035   -9.039  0.785   1.00 25.66 ? 61  VAL X CG2 1 
ATOM   500  N N   . LEU A 1 62  ? 6.206   -11.382 -1.961  1.00 23.15 ? 62  LEU X N   1 
ATOM   501  C CA  . LEU A 1 62  ? 5.865   -12.260 -3.065  1.00 22.45 ? 62  LEU X CA  1 
ATOM   502  C C   . LEU A 1 62  ? 6.878   -12.077 -4.191  1.00 25.16 ? 62  LEU X C   1 
ATOM   503  O O   . LEU A 1 62  ? 7.149   -10.949 -4.621  1.00 20.90 ? 62  LEU X O   1 
ATOM   504  C CB  . LEU A 1 62  ? 4.461   -11.924 -3.567  1.00 27.58 ? 62  LEU X CB  1 
ATOM   505  C CG  . LEU A 1 62  ? 3.953   -12.580 -4.847  1.00 31.39 ? 62  LEU X CG  1 
ATOM   506  C CD1 . LEU A 1 62  ? 3.832   -14.092 -4.686  1.00 26.67 ? 62  LEU X CD1 1 
ATOM   507  C CD2 . LEU A 1 62  ? 2.607   -11.952 -5.222  1.00 29.38 ? 62  LEU X CD2 1 
ATOM   508  N N   . THR A 1 63  ? 7.444   -13.196 -4.648  1.00 28.43 ? 63  THR X N   1 
ATOM   509  C CA  . THR A 1 63  ? 8.477   -13.210 -5.683  1.00 23.97 ? 63  THR X CA  1 
ATOM   510  C C   . THR A 1 63  ? 8.522   -14.596 -6.333  1.00 26.98 ? 63  THR X C   1 
ATOM   511  O O   . THR A 1 63  ? 8.155   -15.586 -5.697  1.00 28.73 ? 63  THR X O   1 
ATOM   512  C CB  . THR A 1 63  ? 9.864   -12.887 -5.080  1.00 26.28 ? 63  THR X CB  1 
ATOM   513  O OG1 . THR A 1 63  ? 10.891  -13.050 -6.074  1.00 24.46 ? 63  THR X OG1 1 
ATOM   514  C CG2 . THR A 1 63  ? 10.159  -13.800 -3.904  1.00 26.47 ? 63  THR X CG2 1 
ATOM   515  N N   . SER A 1 64  ? 8.960   -14.681 -7.589  1.00 23.57 ? 64  SER X N   1 
ATOM   516  C CA  . SER A 1 64  ? 9.182   -15.999 -8.206  1.00 25.38 ? 64  SER X CA  1 
ATOM   517  C C   . SER A 1 64  ? 10.527  -16.603 -7.796  1.00 28.66 ? 64  SER X C   1 
ATOM   518  O O   . SER A 1 64  ? 10.785  -17.766 -8.072  1.00 30.02 ? 64  SER X O   1 
ATOM   519  C CB  . SER A 1 64  ? 9.080   -15.947 -9.738  1.00 23.94 ? 64  SER X CB  1 
ATOM   520  O OG  . SER A 1 64  ? 10.127  -15.164 -10.314 1.00 28.00 ? 64  SER X OG  1 
ATOM   521  N N   . ASP A 1 65  ? 11.365  -15.813 -7.121  1.00 33.48 ? 65  ASP X N   1 
ATOM   522  C CA  . ASP A 1 65  ? 12.764  -16.183 -6.838  1.00 26.74 ? 65  ASP X CA  1 
ATOM   523  C C   . ASP A 1 65  ? 12.909  -17.159 -5.662  1.00 26.52 ? 65  ASP X C   1 
ATOM   524  O O   . ASP A 1 65  ? 12.743  -16.788 -4.500  1.00 26.83 ? 65  ASP X O   1 
ATOM   525  C CB  . ASP A 1 65  ? 13.596  -14.911 -6.602  1.00 21.84 ? 65  ASP X CB  1 
ATOM   526  C CG  . ASP A 1 65  ? 15.095  -15.183 -6.427  1.00 29.88 ? 65  ASP X CG  1 
ATOM   527  O OD1 . ASP A 1 65  ? 15.821  -14.213 -6.123  1.00 31.86 ? 65  ASP X OD1 1 
ATOM   528  O OD2 . ASP A 1 65  ? 15.557  -16.336 -6.576  1.00 28.75 ? 65  ASP X OD2 1 
ATOM   529  N N   . THR A 1 66  ? 13.255  -18.404 -5.979  1.00 28.17 ? 66  THR X N   1 
ATOM   530  C CA  . THR A 1 66  ? 13.358  -19.461 -4.975  1.00 27.87 ? 66  THR X CA  1 
ATOM   531  C C   . THR A 1 66  ? 14.600  -19.341 -4.086  1.00 29.74 ? 66  THR X C   1 
ATOM   532  O O   . THR A 1 66  ? 14.758  -20.115 -3.133  1.00 32.15 ? 66  THR X O   1 
ATOM   533  C CB  . THR A 1 66  ? 13.318  -20.851 -5.622  1.00 31.33 ? 66  THR X CB  1 
ATOM   534  O OG1 . THR A 1 66  ? 14.377  -20.960 -6.576  1.00 38.04 ? 66  THR X OG1 1 
ATOM   535  C CG2 . THR A 1 66  ? 11.990  -21.063 -6.331  1.00 31.55 ? 66  THR X CG2 1 
ATOM   536  N N   . SER A 1 67  ? 15.463  -18.371 -4.395  1.00 27.98 ? 67  SER X N   1 
ATOM   537  C CA  . SER A 1 67  ? 16.676  -18.104 -3.613  1.00 24.05 ? 67  SER X CA  1 
ATOM   538  C C   . SER A 1 67  ? 16.451  -16.979 -2.631  1.00 26.94 ? 67  SER X C   1 
ATOM   539  O O   . SER A 1 67  ? 17.313  -16.686 -1.815  1.00 27.90 ? 67  SER X O   1 
ATOM   540  C CB  . SER A 1 67  ? 17.851  -17.711 -4.523  1.00 27.98 ? 67  SER X CB  1 
ATOM   541  O OG  . SER A 1 67  ? 18.452  -18.850 -5.117  1.00 26.81 ? 67  SER X OG  1 
ATOM   542  N N   . PHE A 1 68  ? 15.291  -16.340 -2.712  1.00 27.05 ? 68  PHE X N   1 
ATOM   543  C CA  . PHE A 1 68  ? 15.000  -15.222 -1.830  1.00 27.77 ? 68  PHE X CA  1 
ATOM   544  C C   . PHE A 1 68  ? 14.928  -15.713 -0.398  1.00 31.37 ? 68  PHE X C   1 
ATOM   545  O O   . PHE A 1 68  ? 14.175  -16.629 -0.090  1.00 32.59 ? 68  PHE X O   1 
ATOM   546  C CB  . PHE A 1 68  ? 13.667  -14.565 -2.219  1.00 29.40 ? 68  PHE X CB  1 
ATOM   547  C CG  . PHE A 1 68  ? 13.463  -13.198 -1.632  1.00 28.09 ? 68  PHE X CG  1 
ATOM   548  C CD1 . PHE A 1 68  ? 13.828  -12.060 -2.345  1.00 32.06 ? 68  PHE X CD1 1 
ATOM   549  C CD2 . PHE A 1 68  ? 12.885  -13.041 -0.378  1.00 30.84 ? 68  PHE X CD2 1 
ATOM   550  C CE1 . PHE A 1 68  ? 13.623  -10.789 -1.817  1.00 31.43 ? 68  PHE X CE1 1 
ATOM   551  C CE2 . PHE A 1 68  ? 12.671  -11.772 0.155   1.00 31.36 ? 68  PHE X CE2 1 
ATOM   552  C CZ  . PHE A 1 68  ? 13.051  -10.646 -0.564  1.00 34.89 ? 68  PHE X CZ  1 
ATOM   553  N N   . ASN A 1 69  ? 15.715  -15.103 0.476   1.00 35.06 ? 69  ASN X N   1 
ATOM   554  C CA  . ASN A 1 69  ? 15.586  -15.359 1.907   1.00 46.81 ? 69  ASN X CA  1 
ATOM   555  C C   . ASN A 1 69  ? 16.250  -14.262 2.712   1.00 44.02 ? 69  ASN X C   1 
ATOM   556  O O   . ASN A 1 69  ? 17.456  -14.307 2.951   1.00 52.53 ? 69  ASN X O   1 
ATOM   557  C CB  . ASN A 1 69  ? 16.174  -16.713 2.291   1.00 46.10 ? 69  ASN X CB  1 
ATOM   558  C CG  . ASN A 1 69  ? 16.011  -17.015 3.769   1.00 60.25 ? 69  ASN X CG  1 
ATOM   559  O OD1 . ASN A 1 69  ? 16.990  -17.059 4.511   1.00 68.33 ? 69  ASN X OD1 1 
ATOM   560  N ND2 . ASN A 1 69  ? 14.766  -17.202 4.207   1.00 53.21 ? 69  ASN X ND2 1 
ATOM   561  N N   . VAL A 1 70  ? 15.452  -13.281 3.124   1.00 37.05 ? 70  VAL X N   1 
ATOM   562  C CA  . VAL A 1 70  ? 15.960  -12.126 3.854   1.00 41.58 ? 70  VAL X CA  1 
ATOM   563  C C   . VAL A 1 70  ? 15.643  -12.241 5.349   1.00 44.02 ? 70  VAL X C   1 
ATOM   564  O O   . VAL A 1 70  ? 14.587  -12.744 5.745   1.00 38.10 ? 70  VAL X O   1 
ATOM   565  C CB  . VAL A 1 70  ? 15.423  -10.790 3.254   1.00 37.07 ? 70  VAL X CB  1 
ATOM   566  C CG1 . VAL A 1 70  ? 15.935  -9.583  4.032   1.00 36.51 ? 70  VAL X CG1 1 
ATOM   567  C CG2 . VAL A 1 70  ? 15.820  -10.679 1.788   1.00 29.60 ? 70  VAL X CG2 1 
ATOM   568  N N   . GLU A 1 71  ? 16.589  -11.800 6.167   1.00 43.10 ? 71  GLU X N   1 
ATOM   569  C CA  . GLU A 1 71  ? 16.450  -11.813 7.613   1.00 51.88 ? 71  GLU X CA  1 
ATOM   570  C C   . GLU A 1 71  ? 15.246  -10.952 8.036   1.00 51.56 ? 71  GLU X C   1 
ATOM   571  O O   . GLU A 1 71  ? 15.254  -9.729  7.857   1.00 42.79 ? 71  GLU X O   1 
ATOM   572  C CB  . GLU A 1 71  ? 17.737  -11.250 8.213   1.00 53.72 ? 71  GLU X CB  1 
ATOM   573  C CG  . GLU A 1 71  ? 18.057  -11.646 9.638   1.00 62.34 ? 71  GLU X CG  1 
ATOM   574  C CD  . GLU A 1 71  ? 19.262  -10.872 10.161  1.00 71.63 ? 71  GLU X CD  1 
ATOM   575  O OE1 . GLU A 1 71  ? 19.569  -9.804  9.585   1.00 68.91 ? 71  GLU X OE1 1 
ATOM   576  O OE2 . GLU A 1 71  ? 19.906  -11.322 11.132  1.00 68.78 ? 71  GLU X OE2 1 
ATOM   577  N N   . GLY A 1 72  ? 14.211  -11.592 8.573   1.00 41.36 ? 72  GLY X N   1 
ATOM   578  C CA  . GLY A 1 72  ? 13.059  -10.872 9.091   1.00 41.02 ? 72  GLY X CA  1 
ATOM   579  C C   . GLY A 1 72  ? 11.943  -10.700 8.076   1.00 42.80 ? 72  GLY X C   1 
ATOM   580  O O   . GLY A 1 72  ? 11.035  -9.884  8.257   1.00 38.02 ? 72  GLY X O   1 
ATOM   581  N N   . VAL A 1 73  ? 12.006  -11.471 6.999   1.00 41.09 ? 73  VAL X N   1 
ATOM   582  C CA  . VAL A 1 73  ? 10.996  -11.414 5.955   1.00 31.76 ? 73  VAL X CA  1 
ATOM   583  C C   . VAL A 1 73  ? 10.496  -12.814 5.682   1.00 34.79 ? 73  VAL X C   1 
ATOM   584  O O   . VAL A 1 73  ? 11.285  -13.750 5.620   1.00 34.40 ? 73  VAL X O   1 
ATOM   585  C CB  . VAL A 1 73  ? 11.584  -10.818 4.642   1.00 33.62 ? 73  VAL X CB  1 
ATOM   586  C CG1 . VAL A 1 73  ? 10.657  -11.062 3.455   1.00 29.90 ? 73  VAL X CG1 1 
ATOM   587  C CG2 . VAL A 1 73  ? 11.897  -9.343  4.805   1.00 33.48 ? 73  VAL X CG2 1 
ATOM   588  N N   . ASP A 1 74  ? 9.185   -12.970 5.530   1.00 32.29 ? 74  ASP X N   1 
ATOM   589  C CA  . ASP A 1 74  ? 8.638   -14.235 5.054   1.00 30.45 ? 74  ASP X CA  1 
ATOM   590  C C   . ASP A 1 74  ? 8.401   -14.171 3.539   1.00 32.64 ? 74  ASP X C   1 
ATOM   591  O O   . ASP A 1 74  ? 8.133   -13.100 2.994   1.00 31.96 ? 74  ASP X O   1 
ATOM   592  C CB  . ASP A 1 74  ? 7.357   -14.586 5.815   1.00 38.20 ? 74  ASP X CB  1 
ATOM   593  C CG  . ASP A 1 74  ? 7.596   -14.752 7.317   1.00 42.76 ? 74  ASP X CG  1 
ATOM   594  O OD1 . ASP A 1 74  ? 8.723   -15.144 7.694   1.00 35.18 ? 74  ASP X OD1 1 
ATOM   595  O OD2 . ASP A 1 74  ? 6.666   -14.495 8.122   1.00 42.38 ? 74  ASP X OD2 1 
ATOM   596  N N   . VAL A 1 75  ? 8.515   -15.308 2.858   1.00 26.16 ? 75  VAL X N   1 
ATOM   597  C CA  . VAL A 1 75  ? 8.403   -15.327 1.401   1.00 28.36 ? 75  VAL X CA  1 
ATOM   598  C C   . VAL A 1 75  ? 7.217   -16.135 0.937   1.00 24.08 ? 75  VAL X C   1 
ATOM   599  O O   . VAL A 1 75  ? 6.915   -17.183 1.497   1.00 38.73 ? 75  VAL X O   1 
ATOM   600  C CB  . VAL A 1 75  ? 9.648   -15.955 0.719   1.00 36.11 ? 75  VAL X CB  1 
ATOM   601  C CG1 . VAL A 1 75  ? 9.770   -15.472 -0.701  1.00 28.40 ? 75  VAL X CG1 1 
ATOM   602  C CG2 . VAL A 1 75  ? 10.900  -15.614 1.476   1.00 46.39 ? 75  VAL X CG2 1 
ATOM   603  N N   . ILE A 1 76  ? 6.551   -15.658 -0.106  1.00 26.91 ? 76  ILE X N   1 
ATOM   604  C CA  . ILE A 1 76  ? 5.568   -16.471 -0.814  1.00 28.54 ? 76  ILE X CA  1 
ATOM   605  C C   . ILE A 1 76  ? 5.824   -16.396 -2.324  1.00 28.58 ? 76  ILE X C   1 
ATOM   606  O O   . ILE A 1 76  ? 6.513   -15.494 -2.796  1.00 28.81 ? 76  ILE X O   1 
ATOM   607  C CB  . ILE A 1 76  ? 4.114   -16.068 -0.468  1.00 34.20 ? 76  ILE X CB  1 
ATOM   608  C CG1 . ILE A 1 76  ? 3.823   -14.628 -0.897  1.00 31.91 ? 76  ILE X CG1 1 
ATOM   609  C CG2 . ILE A 1 76  ? 3.854   -16.250 1.030   1.00 29.38 ? 76  ILE X CG2 1 
ATOM   610  C CD1 . ILE A 1 76  ? 2.386   -14.197 -0.681  1.00 21.95 ? 76  ILE X CD1 1 
ATOM   611  N N   . HIS A 1 77  ? 5.272   -17.346 -3.070  1.00 30.20 ? 77  HIS X N   1 
ATOM   612  C CA  . HIS A 1 77  ? 5.566   -17.493 -4.492  1.00 30.67 ? 77  HIS X CA  1 
ATOM   613  C C   . HIS A 1 77  ? 4.307   -17.542 -5.339  1.00 33.27 ? 77  HIS X C   1 
ATOM   614  O O   . HIS A 1 77  ? 4.370   -17.652 -6.570  1.00 28.39 ? 77  HIS X O   1 
ATOM   615  C CB  . HIS A 1 77  ? 6.381   -18.772 -4.716  1.00 35.14 ? 77  HIS X CB  1 
ATOM   616  C CG  . HIS A 1 77  ? 7.697   -18.765 -4.009  1.00 35.31 ? 77  HIS X CG  1 
ATOM   617  N ND1 . HIS A 1 77  ? 8.672   -17.827 -4.270  1.00 34.35 ? 77  HIS X ND1 1 
ATOM   618  C CD2 . HIS A 1 77  ? 8.198   -19.569 -3.043  1.00 42.12 ? 77  HIS X CD2 1 
ATOM   619  C CE1 . HIS A 1 77  ? 9.719   -18.054 -3.498  1.00 36.08 ? 77  HIS X CE1 1 
ATOM   620  N NE2 . HIS A 1 77  ? 9.458   -19.108 -2.744  1.00 41.29 ? 77  HIS X NE2 1 
ATOM   621  N N   . SER A 1 78  ? 3.161   -17.472 -4.668  1.00 34.11 ? 78  SER X N   1 
ATOM   622  C CA  . SER A 1 78  ? 1.869   -17.493 -5.345  1.00 36.80 ? 78  SER X CA  1 
ATOM   623  C C   . SER A 1 78  ? 0.909   -16.502 -4.697  1.00 31.97 ? 78  SER X C   1 
ATOM   624  O O   . SER A 1 78  ? 0.930   -16.311 -3.483  1.00 35.75 ? 78  SER X O   1 
ATOM   625  C CB  . SER A 1 78  ? 1.263   -18.903 -5.311  1.00 33.85 ? 78  SER X CB  1 
ATOM   626  O OG  . SER A 1 78  ? -0.022  -18.922 -5.911  1.00 47.78 ? 78  SER X OG  1 
ATOM   627  N N   . ILE A 1 79  ? 0.083   -15.869 -5.520  1.00 34.43 ? 79  ILE X N   1 
ATOM   628  C CA  . ILE A 1 79  ? -1.013  -15.043 -5.044  1.00 31.81 ? 79  ILE X CA  1 
ATOM   629  C C   . ILE A 1 79  ? -1.854  -15.861 -4.079  1.00 34.72 ? 79  ILE X C   1 
ATOM   630  O O   . ILE A 1 79  ? -2.237  -15.374 -3.013  1.00 36.77 ? 79  ILE X O   1 
ATOM   631  C CB  . ILE A 1 79  ? -1.891  -14.575 -6.218  1.00 33.89 ? 79  ILE X CB  1 
ATOM   632  C CG1 . ILE A 1 79  ? -1.187  -13.444 -6.969  1.00 33.28 ? 79  ILE X CG1 1 
ATOM   633  C CG2 . ILE A 1 79  ? -3.232  -14.080 -5.716  1.00 39.86 ? 79  ILE X CG2 1 
ATOM   634  C CD1 . ILE A 1 79  ? -1.080  -12.153 -6.164  1.00 28.51 ? 79  ILE X CD1 1 
ATOM   635  N N   . GLU A 1 80  ? -2.096  -17.118 -4.449  1.00 37.09 ? 80  GLU X N   1 
ATOM   636  C CA  . GLU A 1 80  ? -2.846  -18.063 -3.615  1.00 40.51 ? 80  GLU X CA  1 
ATOM   637  C C   . GLU A 1 80  ? -2.345  -18.164 -2.178  1.00 37.71 ? 80  GLU X C   1 
ATOM   638  O O   . GLU A 1 80  ? -3.130  -18.426 -1.268  1.00 40.75 ? 80  GLU X O   1 
ATOM   639  C CB  . GLU A 1 80  ? -2.866  -19.455 -4.256  1.00 38.70 ? 80  GLU X CB  1 
ATOM   640  C CG  . GLU A 1 80  ? -3.751  -19.536 -5.480  1.00 53.83 ? 80  GLU X CG  1 
ATOM   641  C CD  . GLU A 1 80  ? -5.191  -19.152 -5.170  1.00 68.58 ? 80  GLU X CD  1 
ATOM   642  O OE1 . GLU A 1 80  ? -5.757  -19.698 -4.189  1.00 67.01 ? 80  GLU X OE1 1 
ATOM   643  O OE2 . GLU A 1 80  ? -5.751  -18.298 -5.899  1.00 58.61 ? 80  GLU X OE2 1 
ATOM   644  N N   . ASP A 1 81  ? -1.047  -17.955 -1.969  1.00 29.00 ? 81  ASP X N   1 
ATOM   645  C CA  . ASP A 1 81  ? -0.480  -18.047 -0.621  1.00 29.31 ? 81  ASP X CA  1 
ATOM   646  C C   . ASP A 1 81  ? -0.984  -16.939 0.292   1.00 36.73 ? 81  ASP X C   1 
ATOM   647  O O   . ASP A 1 81  ? -0.885  -17.049 1.519   1.00 30.49 ? 81  ASP X O   1 
ATOM   648  C CB  . ASP A 1 81  ? 1.048   -17.974 -0.649  1.00 32.21 ? 81  ASP X CB  1 
ATOM   649  C CG  . ASP A 1 81  ? 1.683   -19.093 -1.460  1.00 43.83 ? 81  ASP X CG  1 
ATOM   650  O OD1 . ASP A 1 81  ? 1.023   -20.134 -1.670  1.00 44.75 ? 81  ASP X OD1 1 
ATOM   651  O OD2 . ASP A 1 81  ? 2.852   -18.925 -1.882  1.00 40.86 ? 81  ASP X OD2 1 
ATOM   652  N N   . ILE A 1 82  ? -1.478  -15.851 -0.302  1.00 35.20 ? 82  ILE X N   1 
ATOM   653  C CA  . ILE A 1 82  ? -1.912  -14.698 0.488   1.00 31.04 ? 82  ILE X CA  1 
ATOM   654  C C   . ILE A 1 82  ? -3.088  -15.092 1.381   1.00 33.35 ? 82  ILE X C   1 
ATOM   655  O O   . ILE A 1 82  ? -3.156  -14.689 2.547   1.00 35.42 ? 82  ILE X O   1 
ATOM   656  C CB  . ILE A 1 82  ? -2.274  -13.475 -0.409  1.00 35.44 ? 82  ILE X CB  1 
ATOM   657  C CG1 . ILE A 1 82  ? -1.013  -12.909 -1.079  1.00 35.19 ? 82  ILE X CG1 1 
ATOM   658  C CG2 . ILE A 1 82  ? -2.946  -12.370 0.410   1.00 28.55 ? 82  ILE X CG2 1 
ATOM   659  C CD1 . ILE A 1 82  ? -1.288  -12.016 -2.278  1.00 30.59 ? 82  ILE X CD1 1 
ATOM   660  N N   . TYR A 1 83  ? -3.981  -15.918 0.845   1.00 35.45 ? 83  TYR X N   1 
ATOM   661  C CA  . TYR A 1 83  ? -5.194  -16.327 1.560   1.00 41.87 ? 83  TYR X CA  1 
ATOM   662  C C   . TYR A 1 83  ? -4.948  -17.232 2.762   1.00 44.48 ? 83  TYR X C   1 
ATOM   663  O O   . TYR A 1 83  ? -5.820  -17.380 3.614   1.00 47.84 ? 83  TYR X O   1 
ATOM   664  C CB  . TYR A 1 83  ? -6.181  -16.996 0.604   1.00 39.05 ? 83  TYR X CB  1 
ATOM   665  C CG  . TYR A 1 83  ? -6.479  -16.150 -0.605  1.00 36.81 ? 83  TYR X CG  1 
ATOM   666  C CD1 . TYR A 1 83  ? -7.244  -14.990 -0.497  1.00 43.65 ? 83  TYR X CD1 1 
ATOM   667  C CD2 . TYR A 1 83  ? -5.979  -16.494 -1.853  1.00 45.95 ? 83  TYR X CD2 1 
ATOM   668  C CE1 . TYR A 1 83  ? -7.508  -14.197 -1.616  1.00 48.48 ? 83  TYR X CE1 1 
ATOM   669  C CE2 . TYR A 1 83  ? -6.240  -15.715 -2.975  1.00 49.57 ? 83  TYR X CE2 1 
ATOM   670  C CZ  . TYR A 1 83  ? -6.999  -14.568 -2.851  1.00 49.54 ? 83  TYR X CZ  1 
ATOM   671  O OH  . TYR A 1 83  ? -7.245  -13.802 -3.971  1.00 50.02 ? 83  TYR X OH  1 
ATOM   672  N N   . GLN A 1 84  ? -3.767  -17.836 2.834   1.00 41.69 ? 84  GLN X N   1 
ATOM   673  C CA  . GLN A 1 84  ? -3.435  -18.704 3.961   1.00 43.91 ? 84  GLN X CA  1 
ATOM   674  C C   . GLN A 1 84  ? -2.861  -17.899 5.112   1.00 45.02 ? 84  GLN X C   1 
ATOM   675  O O   . GLN A 1 84  ? -2.672  -18.418 6.211   1.00 42.79 ? 84  GLN X O   1 
ATOM   676  C CB  . GLN A 1 84  ? -2.443  -19.790 3.538   1.00 47.61 ? 84  GLN X CB  1 
ATOM   677  C CG  . GLN A 1 84  ? -3.007  -20.748 2.513   1.00 49.98 ? 84  GLN X CG  1 
ATOM   678  C CD  . GLN A 1 84  ? -4.287  -21.409 2.997   1.00 65.68 ? 84  GLN X CD  1 
ATOM   679  O OE1 . GLN A 1 84  ? -4.287  -22.139 3.995   1.00 71.68 ? 84  GLN X OE1 1 
ATOM   680  N NE2 . GLN A 1 84  ? -5.392  -21.149 2.296   1.00 55.22 ? 84  GLN X NE2 1 
ATOM   681  N N   . LEU A 1 85  ? -2.576  -16.627 4.853   1.00 42.17 ? 85  LEU X N   1 
ATOM   682  C CA  . LEU A 1 85  ? -2.006  -15.763 5.876   1.00 42.37 ? 85  LEU X CA  1 
ATOM   683  C C   . LEU A 1 85  ? -3.070  -15.409 6.913   1.00 44.45 ? 85  LEU X C   1 
ATOM   684  O O   . LEU A 1 85  ? -4.178  -15.002 6.560   1.00 40.10 ? 85  LEU X O   1 
ATOM   685  C CB  . LEU A 1 85  ? -1.412  -14.499 5.247   1.00 39.47 ? 85  LEU X CB  1 
ATOM   686  C CG  . LEU A 1 85  ? -0.271  -14.727 4.251   1.00 38.55 ? 85  LEU X CG  1 
ATOM   687  C CD1 . LEU A 1 85  ? 0.104   -13.413 3.584   1.00 29.21 ? 85  LEU X CD1 1 
ATOM   688  C CD2 . LEU A 1 85  ? 0.945   -15.333 4.938   1.00 28.20 ? 85  LEU X CD2 1 
ATOM   689  N N   . PRO A 1 86  ? -2.741  -15.606 8.196   1.00 45.86 ? 86  PRO X N   1 
ATOM   690  C CA  . PRO A 1 86  ? -3.627  -15.299 9.326   1.00 48.70 ? 86  PRO X CA  1 
ATOM   691  C C   . PRO A 1 86  ? -3.689  -13.812 9.691   1.00 41.57 ? 86  PRO X C   1 
ATOM   692  O O   . PRO A 1 86  ? -2.713  -13.058 9.516   1.00 32.79 ? 86  PRO X O   1 
ATOM   693  C CB  . PRO A 1 86  ? -2.998  -16.091 10.493  1.00 43.29 ? 86  PRO X CB  1 
ATOM   694  C CG  . PRO A 1 86  ? -2.104  -17.121 9.832   1.00 40.13 ? 86  PRO X CG  1 
ATOM   695  C CD  . PRO A 1 86  ? -1.590  -16.430 8.608   1.00 44.68 ? 86  PRO X CD  1 
ATOM   696  N N   . GLY A 1 87  ? -4.842  -13.412 10.222  1.00 32.31 ? 87  GLY X N   1 
ATOM   697  C CA  . GLY A 1 87  ? -5.009  -12.094 10.807  1.00 31.57 ? 87  GLY X CA  1 
ATOM   698  C C   . GLY A 1 87  ? -5.411  -11.035 9.796   1.00 31.66 ? 87  GLY X C   1 
ATOM   699  O O   . GLY A 1 87  ? -5.967  -11.343 8.749   1.00 27.09 ? 87  GLY X O   1 
ATOM   700  N N   . HIS A 1 88  ? -5.145  -9.776  10.125  1.00 36.70 ? 88  HIS X N   1 
ATOM   701  C CA  . HIS A 1 88  ? -5.402  -8.681  9.200   1.00 33.64 ? 88  HIS X CA  1 
ATOM   702  C C   . HIS A 1 88  ? -4.222  -8.512  8.240   1.00 30.68 ? 88  HIS X C   1 
ATOM   703  O O   . HIS A 1 88  ? -3.112  -8.160  8.659   1.00 29.10 ? 88  HIS X O   1 
ATOM   704  C CB  . HIS A 1 88  ? -5.632  -7.374  9.960   1.00 34.83 ? 88  HIS X CB  1 
ATOM   705  C CG  . HIS A 1 88  ? -6.310  -6.322  9.141   1.00 33.54 ? 88  HIS X CG  1 
ATOM   706  N ND1 . HIS A 1 88  ? -6.770  -5.138  9.677   1.00 33.91 ? 88  HIS X ND1 1 
ATOM   707  C CD2 . HIS A 1 88  ? -6.626  -6.287  7.824   1.00 34.45 ? 88  HIS X CD2 1 
ATOM   708  C CE1 . HIS A 1 88  ? -7.336  -4.418  8.722   1.00 36.78 ? 88  HIS X CE1 1 
ATOM   709  N NE2 . HIS A 1 88  ? -7.254  -5.089  7.588   1.00 30.56 ? 88  HIS X NE2 1 
ATOM   710  N N   . VAL A 1 89  ? -4.477  -8.758  6.956   1.00 29.80 ? 89  VAL X N   1 
ATOM   711  C CA  . VAL A 1 89  ? -3.448  -8.682  5.927   1.00 28.67 ? 89  VAL X CA  1 
ATOM   712  C C   . VAL A 1 89  ? -3.644  -7.445  5.054   1.00 31.64 ? 89  VAL X C   1 
ATOM   713  O O   . VAL A 1 89  ? -4.732  -7.232  4.506   1.00 26.01 ? 89  VAL X O   1 
ATOM   714  C CB  . VAL A 1 89  ? -3.467  -9.946  5.042   1.00 33.70 ? 89  VAL X CB  1 
ATOM   715  C CG1 . VAL A 1 89  ? -2.543  -9.785  3.831   1.00 28.09 ? 89  VAL X CG1 1 
ATOM   716  C CG2 . VAL A 1 89  ? -3.065  -11.161 5.862   1.00 33.51 ? 89  VAL X CG2 1 
ATOM   717  N N   . PHE A 1 90  ? -2.590  -6.636  4.940   1.00 27.45 ? 90  PHE X N   1 
ATOM   718  C CA  . PHE A 1 90  ? -2.587  -5.448  4.083   1.00 27.90 ? 90  PHE X CA  1 
ATOM   719  C C   . PHE A 1 90  ? -1.740  -5.643  2.826   1.00 28.34 ? 90  PHE X C   1 
ATOM   720  O O   . PHE A 1 90  ? -0.527  -5.855  2.920   1.00 23.15 ? 90  PHE X O   1 
ATOM   721  C CB  . PHE A 1 90  ? -2.038  -4.240  4.842   1.00 20.92 ? 90  PHE X CB  1 
ATOM   722  C CG  . PHE A 1 90  ? -2.860  -3.848  6.044   1.00 30.89 ? 90  PHE X CG  1 
ATOM   723  C CD1 . PHE A 1 90  ? -3.875  -2.904  5.931   1.00 25.92 ? 90  PHE X CD1 1 
ATOM   724  C CD2 . PHE A 1 90  ? -2.617  -4.419  7.286   1.00 28.44 ? 90  PHE X CD2 1 
ATOM   725  C CE1 . PHE A 1 90  ? -4.631  -2.538  7.040   1.00 27.22 ? 90  PHE X CE1 1 
ATOM   726  C CE2 . PHE A 1 90  ? -3.376  -4.069  8.395   1.00 27.94 ? 90  PHE X CE2 1 
ATOM   727  C CZ  . PHE A 1 90  ? -4.385  -3.126  8.265   1.00 31.95 ? 90  PHE X CZ  1 
ATOM   728  N N   . ILE A 1 91  ? -2.381  -5.554  1.662   1.00 25.19 ? 91  ILE X N   1 
ATOM   729  C CA  . ILE A 1 91  ? -1.680  -5.567  0.381   1.00 22.19 ? 91  ILE X CA  1 
ATOM   730  C C   . ILE A 1 91  ? -1.047  -4.209  0.228   1.00 25.11 ? 91  ILE X C   1 
ATOM   731  O O   . ILE A 1 91  ? -1.753  -3.203  0.164   1.00 20.82 ? 91  ILE X O   1 
ATOM   732  C CB  . ILE A 1 91  ? -2.639  -5.751  -0.771  1.00 22.77 ? 91  ILE X CB  1 
ATOM   733  C CG1 . ILE A 1 91  ? -3.401  -7.073  -0.617  1.00 25.55 ? 91  ILE X CG1 1 
ATOM   734  C CG2 . ILE A 1 91  ? -1.873  -5.693  -2.090  1.00 21.12 ? 91  ILE X CG2 1 
ATOM   735  C CD1 . ILE A 1 91  ? -2.484  -8.279  -0.477  1.00 25.10 ? 91  ILE X CD1 1 
ATOM   736  N N   . PHE A 1 92  ? 0.282   -4.189  0.166   1.00 20.77 ? 92  PHE X N   1 
ATOM   737  C CA  . PHE A 1 92  ? 1.063   -2.994  0.456   1.00 22.08 ? 92  PHE X CA  1 
ATOM   738  C C   . PHE A 1 92  ? 1.745   -2.447  -0.792  1.00 22.32 ? 92  PHE X C   1 
ATOM   739  O O   . PHE A 1 92  ? 2.410   -1.416  -0.731  1.00 20.19 ? 92  PHE X O   1 
ATOM   740  C CB  . PHE A 1 92  ? 2.114   -3.332  1.527   1.00 22.68 ? 92  PHE X CB  1 
ATOM   741  C CG  . PHE A 1 92  ? 2.596   -2.154  2.330   1.00 26.79 ? 92  PHE X CG  1 
ATOM   742  C CD1 . PHE A 1 92  ? 3.956   -1.933  2.508   1.00 31.97 ? 92  PHE X CD1 1 
ATOM   743  C CD2 . PHE A 1 92  ? 1.700   -1.290  2.948   1.00 24.19 ? 92  PHE X CD2 1 
ATOM   744  C CE1 . PHE A 1 92  ? 4.416   -0.866  3.271   1.00 27.01 ? 92  PHE X CE1 1 
ATOM   745  C CE2 . PHE A 1 92  ? 2.158   -0.214  3.701   1.00 24.98 ? 92  PHE X CE2 1 
ATOM   746  C CZ  . PHE A 1 92  ? 3.520   -0.003  3.860   1.00 25.59 ? 92  PHE X CZ  1 
ATOM   747  N N   . GLY A 1 93  ? 1.565   -3.119  -1.925  1.00 17.76 ? 93  GLY X N   1 
ATOM   748  C CA  . GLY A 1 93  ? 2.143   -2.645  -3.177  1.00 22.48 ? 93  GLY X CA  1 
ATOM   749  C C   . GLY A 1 93  ? 3.075   -3.648  -3.836  1.00 23.70 ? 93  GLY X C   1 
ATOM   750  O O   . GLY A 1 93  ? 3.306   -4.733  -3.279  1.00 25.26 ? 93  GLY X O   1 
ATOM   751  N N   . GLY A 1 94  ? 3.595   -3.315  -5.023  1.00 26.96 ? 94  GLY X N   1 
ATOM   752  C CA  . GLY A 1 94  ? 3.292   -2.064  -5.712  1.00 24.11 ? 94  GLY X CA  1 
ATOM   753  C C   . GLY A 1 94  ? 2.228   -2.239  -6.789  1.00 18.98 ? 94  GLY X C   1 
ATOM   754  O O   . GLY A 1 94  ? 1.237   -2.933  -6.570  1.00 21.38 ? 94  GLY X O   1 
ATOM   755  N N   . GLN A 1 95  ? 2.428   -1.607  -7.948  1.00 22.94 ? 95  GLN X N   1 
ATOM   756  C CA  . GLN A 1 95  ? 1.426   -1.619  -9.023  1.00 17.31 ? 95  GLN X CA  1 
ATOM   757  C C   . GLN A 1 95  ? 0.935   -3.015  -9.377  1.00 23.21 ? 95  GLN X C   1 
ATOM   758  O O   . GLN A 1 95  ? -0.268  -3.241  -9.506  1.00 21.72 ? 95  GLN X O   1 
ATOM   759  C CB  . GLN A 1 95  ? 1.959   -0.944  -10.295 1.00 18.18 ? 95  GLN X CB  1 
ATOM   760  C CG  . GLN A 1 95  ? 1.116   -1.247  -11.541 1.00 21.92 ? 95  GLN X CG  1 
ATOM   761  C CD  . GLN A 1 95  ? 1.647   -0.582  -12.805 1.00 25.12 ? 95  GLN X CD  1 
ATOM   762  O OE1 . GLN A 1 95  ? 1.777   0.637   -12.871 1.00 21.77 ? 95  GLN X OE1 1 
ATOM   763  N NE2 . GLN A 1 95  ? 1.964   -1.390  -13.815 1.00 30.30 ? 95  GLN X NE2 1 
ATOM   764  N N   . THR A 1 96  ? 1.871   -3.951  -9.531  1.00 24.09 ? 96  THR X N   1 
ATOM   765  C CA  . THR A 1 96  ? 1.526   -5.308  -9.958  1.00 25.93 ? 96  THR X CA  1 
ATOM   766  C C   . THR A 1 96  ? 0.624   -6.009  -8.951  1.00 21.06 ? 96  THR X C   1 
ATOM   767  O O   . THR A 1 96  ? -0.358  -6.640  -9.318  1.00 23.39 ? 96  THR X O   1 
ATOM   768  C CB  . THR A 1 96  ? 2.797   -6.145  -10.210 1.00 26.83 ? 96  THR X CB  1 
ATOM   769  O OG1 . THR A 1 96  ? 3.587   -5.480  -11.203 1.00 23.49 ? 96  THR X OG1 1 
ATOM   770  C CG2 . THR A 1 96  ? 2.439   -7.514  -10.724 1.00 26.47 ? 96  THR X CG2 1 
ATOM   771  N N   . LEU A 1 97  ? 0.948   -5.878  -7.675  1.00 22.03 ? 97  LEU X N   1 
ATOM   772  C CA  . LEU A 1 97  ? 0.154   -6.518  -6.641  1.00 26.86 ? 97  LEU X CA  1 
ATOM   773  C C   . LEU A 1 97  ? -1.217  -5.850  -6.507  1.00 27.90 ? 97  LEU X C   1 
ATOM   774  O O   . LEU A 1 97  ? -2.228  -6.517  -6.241  1.00 24.36 ? 97  LEU X O   1 
ATOM   775  C CB  . LEU A 1 97  ? 0.903   -6.477  -5.305  1.00 27.48 ? 97  LEU X CB  1 
ATOM   776  C CG  . LEU A 1 97  ? 0.506   -7.507  -4.253  1.00 27.90 ? 97  LEU X CG  1 
ATOM   777  C CD1 . LEU A 1 97  ? 0.424   -8.903  -4.848  1.00 31.35 ? 97  LEU X CD1 1 
ATOM   778  C CD2 . LEU A 1 97  ? 1.510   -7.466  -3.117  1.00 37.88 ? 97  LEU X CD2 1 
ATOM   779  N N   . PHE A 1 98  ? -1.243  -4.531  -6.676  1.00 20.47 ? 98  PHE X N   1 
ATOM   780  C CA  . PHE A 1 98  ? -2.505  -3.799  -6.635  1.00 24.24 ? 98  PHE X CA  1 
ATOM   781  C C   . PHE A 1 98  ? -3.445  -4.313  -7.739  1.00 24.77 ? 98  PHE X C   1 
ATOM   782  O O   . PHE A 1 98  ? -4.611  -4.645  -7.474  1.00 24.52 ? 98  PHE X O   1 
ATOM   783  C CB  . PHE A 1 98  ? -2.256  -2.276  -6.719  1.00 17.24 ? 98  PHE X CB  1 
ATOM   784  C CG  . PHE A 1 98  ? -1.640  -1.686  -5.455  1.00 15.95 ? 98  PHE X CG  1 
ATOM   785  C CD1 . PHE A 1 98  ? -2.062  -2.108  -4.204  1.00 19.50 ? 98  PHE X CD1 1 
ATOM   786  C CD2 . PHE A 1 98  ? -0.645  -0.734  -5.524  1.00 13.71 ? 98  PHE X CD2 1 
ATOM   787  C CE1 . PHE A 1 98  ? -1.500  -1.580  -3.040  1.00 18.87 ? 98  PHE X CE1 1 
ATOM   788  C CE2 . PHE A 1 98  ? -0.076  -0.206  -4.372  1.00 17.62 ? 98  PHE X CE2 1 
ATOM   789  C CZ  . PHE A 1 98  ? -0.517  -0.624  -3.120  1.00 17.57 ? 98  PHE X CZ  1 
ATOM   790  N N   . GLU A 1 99  ? -2.930  -4.397  -8.966  1.00 22.56 ? 99  GLU X N   1 
ATOM   791  C CA  . GLU A 1 99  ? -3.694  -4.892  -10.112 1.00 22.22 ? 99  GLU X CA  1 
ATOM   792  C C   . GLU A 1 99  ? -4.222  -6.289  -9.870  1.00 28.41 ? 99  GLU X C   1 
ATOM   793  O O   . GLU A 1 99  ? -5.365  -6.606  -10.217 1.00 24.54 ? 99  GLU X O   1 
ATOM   794  C CB  . GLU A 1 99  ? -2.832  -4.877  -11.377 1.00 21.05 ? 99  GLU X CB  1 
ATOM   795  C CG  . GLU A 1 99  ? -2.555  -3.470  -11.872 1.00 22.73 ? 99  GLU X CG  1 
ATOM   796  C CD  . GLU A 1 99  ? -1.517  -3.389  -12.980 1.00 34.47 ? 99  GLU X CD  1 
ATOM   797  O OE1 . GLU A 1 99  ? -1.479  -2.336  -13.656 1.00 30.63 ? 99  GLU X OE1 1 
ATOM   798  O OE2 . GLU A 1 99  ? -0.738  -4.357  -13.170 1.00 35.06 ? 99  GLU X OE2 1 
ATOM   799  N N   . GLU A 1 100 ? -3.392  -7.121  -9.253  1.00 24.34 ? 100 GLU X N   1 
ATOM   800  C CA  . GLU A 1 100 ? -3.776  -8.492  -9.003  1.00 26.00 ? 100 GLU X CA  1 
ATOM   801  C C   . GLU A 1 100 ? -4.792  -8.590  -7.874  1.00 32.21 ? 100 GLU X C   1 
ATOM   802  O O   . GLU A 1 100 ? -5.634  -9.486  -7.870  1.00 27.78 ? 100 GLU X O   1 
ATOM   803  C CB  . GLU A 1 100 ? -2.541  -9.342  -8.694  1.00 27.43 ? 100 GLU X CB  1 
ATOM   804  C CG  . GLU A 1 100 ? -1.575  -9.474  -9.860  1.00 30.85 ? 100 GLU X CG  1 
ATOM   805  C CD  . GLU A 1 100 ? -0.317  -10.251 -9.502  1.00 33.14 ? 100 GLU X CD  1 
ATOM   806  O OE1 . GLU A 1 100 ? 0.576   -9.676  -8.837  1.00 31.10 ? 100 GLU X OE1 1 
ATOM   807  O OE2 . GLU A 1 100 ? -0.225  -11.443 -9.880  1.00 34.51 ? 100 GLU X OE2 1 
ATOM   808  N N   . MET A 1 101 ? -4.733  -7.670  -6.916  1.00 26.89 ? 101 MET X N   1 
ATOM   809  C CA  . MET A 1 101 ? -5.572  -7.841  -5.725  1.00 27.94 ? 101 MET X CA  1 
ATOM   810  C C   . MET A 1 101 ? -6.814  -6.938  -5.593  1.00 30.60 ? 101 MET X C   1 
ATOM   811  O O   . MET A 1 101 ? -7.657  -7.190  -4.730  1.00 32.77 ? 101 MET X O   1 
ATOM   812  C CB  . MET A 1 101 ? -4.715  -7.777  -4.454  1.00 28.07 ? 101 MET X CB  1 
ATOM   813  C CG  . MET A 1 101 ? -3.613  -8.840  -4.384  1.00 29.58 ? 101 MET X CG  1 
ATOM   814  S SD  . MET A 1 101 ? -4.261  -10.531 -4.371  1.00 36.11 ? 101 MET X SD  1 
ATOM   815  C CE  . MET A 1 101 ? -5.238  -10.471 -2.871  1.00 24.52 ? 101 MET X CE  1 
ATOM   816  N N   . ILE A 1 102 ? -6.954  -5.914  -6.435  1.00 29.18 ? 102 ILE X N   1 
ATOM   817  C CA  . ILE A 1 102 ? -8.029  -4.932  -6.204  1.00 28.38 ? 102 ILE X CA  1 
ATOM   818  C C   . ILE A 1 102 ? -9.442  -5.531  -6.263  1.00 32.51 ? 102 ILE X C   1 
ATOM   819  O O   . ILE A 1 102 ? -10.342 -5.080  -5.554  1.00 29.24 ? 102 ILE X O   1 
ATOM   820  C CB  . ILE A 1 102 ? -7.931  -3.659  -7.101  1.00 25.62 ? 102 ILE X CB  1 
ATOM   821  C CG1 . ILE A 1 102 ? -8.930  -2.589  -6.603  1.00 26.72 ? 102 ILE X CG1 1 
ATOM   822  C CG2 . ILE A 1 102 ? -8.125  -4.010  -8.581  1.00 21.63 ? 102 ILE X CG2 1 
ATOM   823  C CD1 . ILE A 1 102 ? -8.652  -1.171  -7.089  1.00 26.34 ? 102 ILE X CD1 1 
ATOM   824  N N   . ASP A 1 103 ? -9.625  -6.574  -7.065  1.00 27.74 ? 103 ASP X N   1 
ATOM   825  C CA  . ASP A 1 103 ? -10.930 -7.240  -7.134  1.00 31.11 ? 103 ASP X CA  1 
ATOM   826  C C   . ASP A 1 103 ? -11.158 -8.262  -6.032  1.00 29.11 ? 103 ASP X C   1 
ATOM   827  O O   . ASP A 1 103 ? -12.197 -8.910  -6.001  1.00 32.61 ? 103 ASP X O   1 
ATOM   828  C CB  . ASP A 1 103 ? -11.125 -7.899  -8.502  1.00 34.74 ? 103 ASP X CB  1 
ATOM   829  C CG  . ASP A 1 103 ? -11.343 -6.877  -9.617  1.00 44.34 ? 103 ASP X CG  1 
ATOM   830  O OD1 . ASP A 1 103 ? -10.739 -7.027  -10.702 1.00 46.66 ? 103 ASP X OD1 1 
ATOM   831  O OD2 . ASP A 1 103 ? -12.121 -5.916  -9.406  1.00 49.24 ? 103 ASP X OD2 1 
ATOM   832  N N   . LYS A 1 104 ? -10.207 -8.402  -5.114  1.00 31.22 ? 104 LYS X N   1 
ATOM   833  C CA  . LYS A 1 104 ? -10.277 -9.480  -4.127  1.00 28.70 ? 104 LYS X CA  1 
ATOM   834  C C   . LYS A 1 104 ? -10.325 -8.950  -2.700  1.00 34.21 ? 104 LYS X C   1 
ATOM   835  O O   . LYS A 1 104 ? -10.662 -9.677  -1.761  1.00 31.57 ? 104 LYS X O   1 
ATOM   836  C CB  . LYS A 1 104 ? -9.065  -10.415 -4.265  1.00 38.73 ? 104 LYS X CB  1 
ATOM   837  C CG  . LYS A 1 104 ? -8.722  -10.847 -5.701  1.00 39.52 ? 104 LYS X CG  1 
ATOM   838  C CD  . LYS A 1 104 ? -9.572  -12.024 -6.133  1.00 41.14 ? 104 LYS X CD  1 
ATOM   839  C CE  . LYS A 1 104 ? -9.237  -12.465 -7.552  1.00 50.23 ? 104 LYS X CE  1 
ATOM   840  N NZ  . LYS A 1 104 ? -10.140 -13.573 -8.002  1.00 58.75 ? 104 LYS X NZ  1 
ATOM   841  N N   . VAL A 1 105 ? -9.977  -7.685  -2.514  1.00 25.88 ? 105 VAL X N   1 
ATOM   842  C CA  . VAL A 1 105 ? -9.934  -7.163  -1.161  1.00 24.73 ? 105 VAL X CA  1 
ATOM   843  C C   . VAL A 1 105 ? -11.312 -6.749  -0.600  1.00 27.20 ? 105 VAL X C   1 
ATOM   844  O O   . VAL A 1 105 ? -12.246 -6.473  -1.347  1.00 27.08 ? 105 VAL X O   1 
ATOM   845  C CB  . VAL A 1 105 ? -8.934  -6.019  -1.046  1.00 26.28 ? 105 VAL X CB  1 
ATOM   846  C CG1 . VAL A 1 105 ? -7.520  -6.547  -1.308  1.00 22.37 ? 105 VAL X CG1 1 
ATOM   847  C CG2 . VAL A 1 105 ? -9.314  -4.887  -2.005  1.00 18.23 ? 105 VAL X CG2 1 
ATOM   848  N N   . ASP A 1 106 ? -11.411 -6.732  0.730   1.00 31.59 ? 106 ASP X N   1 
ATOM   849  C CA  . ASP A 1 106 ? -12.614 -6.317  1.444   1.00 32.38 ? 106 ASP X CA  1 
ATOM   850  C C   . ASP A 1 106 ? -12.729 -4.796  1.446   1.00 27.61 ? 106 ASP X C   1 
ATOM   851  O O   . ASP A 1 106 ? -13.803 -4.230  1.215   1.00 28.02 ? 106 ASP X O   1 
ATOM   852  C CB  . ASP A 1 106 ? -12.549 -6.823  2.892   1.00 29.63 ? 106 ASP X CB  1 
ATOM   853  C CG  . ASP A 1 106 ? -12.407 -8.349  2.976   1.00 33.88 ? 106 ASP X CG  1 
ATOM   854  O OD1 . ASP A 1 106 ? -13.178 -9.051  2.293   1.00 40.77 ? 106 ASP X OD1 1 
ATOM   855  O OD2 . ASP A 1 106 ? -11.517 -8.847  3.703   1.00 31.60 ? 106 ASP X OD2 1 
ATOM   856  N N   . ASP A 1 107 ? -11.611 -4.132  1.712   1.00 28.13 ? 107 ASP X N   1 
ATOM   857  C CA  . ASP A 1 107 ? -11.627 -2.683  1.829   1.00 24.13 ? 107 ASP X CA  1 
ATOM   858  C C   . ASP A 1 107 ? -10.291 -2.058  1.409   1.00 28.10 ? 107 ASP X C   1 
ATOM   859  O O   . ASP A 1 107 ? -9.287  -2.760  1.173   1.00 22.59 ? 107 ASP X O   1 
ATOM   860  C CB  . ASP A 1 107 ? -12.024 -2.284  3.258   1.00 20.39 ? 107 ASP X CB  1 
ATOM   861  C CG  . ASP A 1 107 ? -11.072 -2.818  4.308   1.00 24.77 ? 107 ASP X CG  1 
ATOM   862  O OD1 . ASP A 1 107 ? -11.077 -2.268  5.437   1.00 27.35 ? 107 ASP X OD1 1 
ATOM   863  O OD2 . ASP A 1 107 ? -10.315 -3.779  4.024   1.00 24.66 ? 107 ASP X OD2 1 
ATOM   864  N N   . MET A 1 108 ? -10.284 -0.735  1.291   1.00 24.09 ? 108 MET X N   1 
ATOM   865  C CA  . MET A 1 108 ? -9.085  -0.026  0.868   1.00 16.11 ? 108 MET X CA  1 
ATOM   866  C C   . MET A 1 108 ? -8.816  1.157   1.779   1.00 21.94 ? 108 MET X C   1 
ATOM   867  O O   . MET A 1 108 ? -9.709  1.953   2.041   1.00 20.37 ? 108 MET X O   1 
ATOM   868  C CB  . MET A 1 108 ? -9.240  0.445   -0.582  1.00 17.53 ? 108 MET X CB  1 
ATOM   869  C CG  . MET A 1 108 ? -9.615  -0.668  -1.553  1.00 16.71 ? 108 MET X CG  1 
ATOM   870  S SD  . MET A 1 108 ? -9.221  -0.329  -3.286  1.00 20.74 ? 108 MET X SD  1 
ATOM   871  C CE  . MET A 1 108 ? -10.379 0.978   -3.715  1.00 20.39 ? 108 MET X CE  1 
ATOM   872  N N   . TYR A 1 109 ? -7.590  1.262   2.278   1.00 20.34 ? 109 TYR X N   1 
ATOM   873  C CA  . TYR A 1 109 ? -7.156  2.480   2.952   1.00 20.29 ? 109 TYR X CA  1 
ATOM   874  C C   . TYR A 1 109 ? -6.309  3.311   1.986   1.00 21.34 ? 109 TYR X C   1 
ATOM   875  O O   . TYR A 1 109 ? -5.138  3.007   1.722   1.00 18.23 ? 109 TYR X O   1 
ATOM   876  C CB  . TYR A 1 109 ? -6.345  2.154   4.206   1.00 24.43 ? 109 TYR X CB  1 
ATOM   877  C CG  . TYR A 1 109 ? -7.151  1.475   5.274   1.00 27.78 ? 109 TYR X CG  1 
ATOM   878  C CD1 . TYR A 1 109 ? -7.805  2.219   6.250   1.00 20.62 ? 109 TYR X CD1 1 
ATOM   879  C CD2 . TYR A 1 109 ? -7.275  0.092   5.300   1.00 26.16 ? 109 TYR X CD2 1 
ATOM   880  C CE1 . TYR A 1 109 ? -8.546  1.602   7.233   1.00 24.75 ? 109 TYR X CE1 1 
ATOM   881  C CE2 . TYR A 1 109 ? -8.030  -0.532  6.276   1.00 29.38 ? 109 TYR X CE2 1 
ATOM   882  C CZ  . TYR A 1 109 ? -8.660  0.232   7.241   1.00 30.00 ? 109 TYR X CZ  1 
ATOM   883  O OH  . TYR A 1 109 ? -9.412  -0.378  8.216   1.00 30.42 ? 109 TYR X OH  1 
ATOM   884  N N   . ILE A 1 110 ? -6.893  4.372   1.457   1.00 17.76 ? 110 ILE X N   1 
ATOM   885  C CA  . ILE A 1 110 ? -6.214  5.128   0.415   1.00 16.87 ? 110 ILE X CA  1 
ATOM   886  C C   . ILE A 1 110 ? -5.874  6.506   0.938   1.00 21.37 ? 110 ILE X C   1 
ATOM   887  O O   . ILE A 1 110 ? -6.721  7.176   1.519   1.00 21.27 ? 110 ILE X O   1 
ATOM   888  C CB  . ILE A 1 110 ? -7.120  5.261   -0.817  1.00 16.99 ? 110 ILE X CB  1 
ATOM   889  C CG1 . ILE A 1 110 ? -7.523  3.875   -1.318  1.00 16.57 ? 110 ILE X CG1 1 
ATOM   890  C CG2 . ILE A 1 110 ? -6.457  6.141   -1.922  1.00 17.79 ? 110 ILE X CG2 1 
ATOM   891  C CD1 . ILE A 1 110 ? -8.405  3.917   -2.576  1.00 19.46 ? 110 ILE X CD1 1 
ATOM   892  N N   . THR A 1 111 ? -4.624  6.914   0.776   1.00 17.14 ? 111 THR X N   1 
ATOM   893  C CA  . THR A 1 111 ? -4.263  8.312   0.997   1.00 18.68 ? 111 THR X CA  1 
ATOM   894  C C   . THR A 1 111 ? -4.268  9.017   -0.360  1.00 22.22 ? 111 THR X C   1 
ATOM   895  O O   . THR A 1 111 ? -3.424  8.734   -1.217  1.00 18.27 ? 111 THR X O   1 
ATOM   896  C CB  . THR A 1 111 ? -2.865  8.438   1.625   1.00 23.83 ? 111 THR X CB  1 
ATOM   897  O OG1 . THR A 1 111 ? -2.813  7.658   2.824   1.00 22.99 ? 111 THR X OG1 1 
ATOM   898  C CG2 . THR A 1 111 ? -2.527  9.919   1.936   1.00 20.89 ? 111 THR X CG2 1 
ATOM   899  N N   . VAL A 1 112 ? -5.241  9.893   -0.582  1.00 18.63 ? 112 VAL X N   1 
ATOM   900  C CA  . VAL A 1 112 ? -5.269  10.665  -1.822  1.00 22.65 ? 112 VAL X CA  1 
ATOM   901  C C   . VAL A 1 112 ? -4.348  11.875  -1.698  1.00 21.85 ? 112 VAL X C   1 
ATOM   902  O O   . VAL A 1 112 ? -4.567  12.738  -0.865  1.00 21.34 ? 112 VAL X O   1 
ATOM   903  C CB  . VAL A 1 112 ? -6.691  11.124  -2.204  1.00 23.19 ? 112 VAL X CB  1 
ATOM   904  C CG1 . VAL A 1 112 ? -6.635  11.950  -3.498  1.00 24.00 ? 112 VAL X CG1 1 
ATOM   905  C CG2 . VAL A 1 112 ? -7.614  9.914   -2.369  1.00 16.98 ? 112 VAL X CG2 1 
ATOM   906  N N   . ILE A 1 113 ? -3.300  11.904  -2.508  1.00 24.55 ? 113 ILE X N   1 
ATOM   907  C CA  . ILE A 1 113 ? -2.349  13.014  -2.517  1.00 22.56 ? 113 ILE X CA  1 
ATOM   908  C C   . ILE A 1 113 ? -2.855  13.990  -3.580  1.00 24.82 ? 113 ILE X C   1 
ATOM   909  O O   . ILE A 1 113 ? -2.927  13.657  -4.765  1.00 24.27 ? 113 ILE X O   1 
ATOM   910  C CB  . ILE A 1 113 ? -0.926  12.525  -2.899  1.00 24.31 ? 113 ILE X CB  1 
ATOM   911  C CG1 . ILE A 1 113 ? -0.500  11.300  -2.068  1.00 25.02 ? 113 ILE X CG1 1 
ATOM   912  C CG2 . ILE A 1 113 ? 0.093   13.664  -2.837  1.00 20.75 ? 113 ILE X CG2 1 
ATOM   913  C CD1 . ILE A 1 113 ? -0.088  11.608  -0.656  1.00 24.25 ? 113 ILE X CD1 1 
ATOM   914  N N   . GLU A 1 114 ? -3.234  15.187  -3.162  1.00 30.36 ? 114 GLU X N   1 
ATOM   915  C CA  . GLU A 1 114 ? -3.936  16.099  -4.051  1.00 23.63 ? 114 GLU X CA  1 
ATOM   916  C C   . GLU A 1 114 ? -2.973  16.920  -4.872  1.00 24.38 ? 114 GLU X C   1 
ATOM   917  O O   . GLU A 1 114 ? -2.972  18.151  -4.787  1.00 21.20 ? 114 GLU X O   1 
ATOM   918  C CB  . GLU A 1 114 ? -4.810  17.032  -3.235  1.00 21.86 ? 114 GLU X CB  1 
ATOM   919  C CG  . GLU A 1 114 ? -5.532  16.305  -2.150  1.00 29.96 ? 114 GLU X CG  1 
ATOM   920  C CD  . GLU A 1 114 ? -6.891  15.819  -2.575  1.00 43.70 ? 114 GLU X CD  1 
ATOM   921  O OE1 . GLU A 1 114 ? -7.287  16.089  -3.740  1.00 38.15 ? 114 GLU X OE1 1 
ATOM   922  O OE2 . GLU A 1 114 ? -7.567  15.169  -1.734  1.00 49.51 ? 114 GLU X OE2 1 
ATOM   923  N N   . GLY A 1 115 ? -2.161  16.230  -5.668  1.00 18.63 ? 115 GLY X N   1 
ATOM   924  C CA  . GLY A 1 115 ? -1.217  16.871  -6.570  1.00 23.33 ? 115 GLY X CA  1 
ATOM   925  C C   . GLY A 1 115 ? -1.086  16.051  -7.844  1.00 20.30 ? 115 GLY X C   1 
ATOM   926  O O   . GLY A 1 115 ? -1.654  14.962  -7.944  1.00 16.35 ? 115 GLY X O   1 
ATOM   927  N N   . LYS A 1 116 ? -0.341  16.568  -8.817  1.00 20.96 ? 116 LYS X N   1 
ATOM   928  C CA  . LYS A 1 116 ? -0.058  15.814  -10.040 1.00 25.28 ? 116 LYS X CA  1 
ATOM   929  C C   . LYS A 1 116 ? 1.447   15.647  -10.235 1.00 23.08 ? 116 LYS X C   1 
ATOM   930  O O   . LYS A 1 116 ? 2.141   16.606  -10.563 1.00 21.42 ? 116 LYS X O   1 
ATOM   931  C CB  . LYS A 1 116 ? -0.675  16.503  -11.257 1.00 16.94 ? 116 LYS X CB  1 
ATOM   932  C CG  . LYS A 1 116 ? -2.204  16.443  -11.272 1.00 25.79 ? 116 LYS X CG  1 
ATOM   933  C CD  . LYS A 1 116 ? -2.778  17.179  -12.467 1.00 29.99 ? 116 LYS X CD  1 
ATOM   934  C CE  . LYS A 1 116 ? -4.291  16.957  -12.596 1.00 43.47 ? 116 LYS X CE  1 
ATOM   935  N NZ  . LYS A 1 116 ? -4.834  17.678  -13.801 1.00 47.08 ? 116 LYS X NZ  1 
ATOM   936  N N   . PHE A 1 117 ? 1.940   14.431  -10.022 1.00 22.59 ? 117 PHE X N   1 
ATOM   937  C CA  . PHE A 1 117 ? 3.378   14.152  -10.043 1.00 20.57 ? 117 PHE X CA  1 
ATOM   938  C C   . PHE A 1 117 ? 3.708   13.395  -11.300 1.00 19.39 ? 117 PHE X C   1 
ATOM   939  O O   . PHE A 1 117 ? 2.829   12.797  -11.906 1.00 22.91 ? 117 PHE X O   1 
ATOM   940  C CB  . PHE A 1 117 ? 3.763   13.290  -8.838  1.00 20.35 ? 117 PHE X CB  1 
ATOM   941  C CG  . PHE A 1 117 ? 3.634   13.999  -7.523  1.00 25.33 ? 117 PHE X CG  1 
ATOM   942  C CD1 . PHE A 1 117 ? 4.764   14.467  -6.855  1.00 22.25 ? 117 PHE X CD1 1 
ATOM   943  C CD2 . PHE A 1 117 ? 2.385   14.224  -6.961  1.00 15.98 ? 117 PHE X CD2 1 
ATOM   944  C CE1 . PHE A 1 117 ? 4.645   15.147  -5.644  1.00 23.36 ? 117 PHE X CE1 1 
ATOM   945  C CE2 . PHE A 1 117 ? 2.266   14.897  -5.751  1.00 18.84 ? 117 PHE X CE2 1 
ATOM   946  C CZ  . PHE A 1 117 ? 3.392   15.357  -5.095  1.00 21.54 ? 117 PHE X CZ  1 
ATOM   947  N N   . ARG A 1 118 ? 4.974   13.408  -11.701 1.00 21.78 ? 118 ARG X N   1 
ATOM   948  C CA  . ARG A 1 118 ? 5.407   12.515  -12.774 1.00 28.05 ? 118 ARG X CA  1 
ATOM   949  C C   . ARG A 1 118 ? 5.541   11.092  -12.202 1.00 18.17 ? 118 ARG X C   1 
ATOM   950  O O   . ARG A 1 118 ? 6.158   10.899  -11.159 1.00 24.51 ? 118 ARG X O   1 
ATOM   951  C CB  . ARG A 1 118 ? 6.731   12.990  -13.388 1.00 28.61 ? 118 ARG X CB  1 
ATOM   952  C CG  . ARG A 1 118 ? 7.355   11.956  -14.334 1.00 37.67 ? 118 ARG X CG  1 
ATOM   953  C CD  . ARG A 1 118 ? 8.740   12.364  -14.848 1.00 44.90 ? 118 ARG X CD  1 
ATOM   954  N NE  . ARG A 1 118 ? 8.680   13.590  -15.634 1.00 52.73 ? 118 ARG X NE  1 
ATOM   955  C CZ  . ARG A 1 118 ? 9.060   14.780  -15.182 1.00 56.29 ? 118 ARG X CZ  1 
ATOM   956  N NH1 . ARG A 1 118 ? 9.553   14.896  -13.953 1.00 61.15 ? 118 ARG X NH1 1 
ATOM   957  N NH2 . ARG A 1 118 ? 8.955   15.852  -15.957 1.00 57.79 ? 118 ARG X NH2 1 
ATOM   958  N N   . GLY A 1 119 ? 4.943   10.106  -12.858 1.00 18.15 ? 119 GLY X N   1 
ATOM   959  C CA  . GLY A 1 119 ? 5.037   8.734   -12.385 1.00 19.01 ? 119 GLY X CA  1 
ATOM   960  C C   . GLY A 1 119 ? 5.363   7.710   -13.472 1.00 22.25 ? 119 GLY X C   1 
ATOM   961  O O   . GLY A 1 119 ? 5.291   7.996   -14.670 1.00 18.46 ? 119 GLY X O   1 
ATOM   962  N N   . ASP A 1 120 ? 5.729   6.506   -13.061 1.00 14.94 ? 120 ASP X N   1 
ATOM   963  C CA  . ASP A 1 120 ? 5.875   5.424   -14.017 1.00 18.99 ? 120 ASP X CA  1 
ATOM   964  C C   . ASP A 1 120 ? 5.099   4.188   -13.564 1.00 19.36 ? 120 ASP X C   1 
ATOM   965  O O   . ASP A 1 120 ? 5.095   3.162   -14.249 1.00 16.93 ? 120 ASP X O   1 
ATOM   966  C CB  . ASP A 1 120 ? 7.362   5.106   -14.335 1.00 20.49 ? 120 ASP X CB  1 
ATOM   967  C CG  . ASP A 1 120 ? 8.162   4.669   -13.111 1.00 22.04 ? 120 ASP X CG  1 
ATOM   968  O OD1 . ASP A 1 120 ? 9.408   4.699   -13.167 1.00 20.03 ? 120 ASP X OD1 1 
ATOM   969  O OD2 . ASP A 1 120 ? 7.559   4.306   -12.084 1.00 24.70 ? 120 ASP X OD2 1 
ATOM   970  N N   . THR A 1 121 ? 4.448   4.293   -12.406 1.00 16.79 ? 121 THR X N   1 
ATOM   971  C CA  . THR A 1 121 ? 3.605   3.205   -11.887 1.00 23.79 ? 121 THR X CA  1 
ATOM   972  C C   . THR A 1 121 ? 2.321   3.782   -11.293 1.00 20.91 ? 121 THR X C   1 
ATOM   973  O O   . THR A 1 121 ? 2.316   4.909   -10.783 1.00 17.07 ? 121 THR X O   1 
ATOM   974  C CB  . THR A 1 121 ? 4.338   2.321   -10.831 1.00 20.34 ? 121 THR X CB  1 
ATOM   975  O OG1 . THR A 1 121 ? 5.179   3.147   -10.030 1.00 21.15 ? 121 THR X OG1 1 
ATOM   976  C CG2 . THR A 1 121 ? 5.189   1.258   -11.498 1.00 21.11 ? 121 THR X CG2 1 
ATOM   977  N N   . PHE A 1 122 ? 1.231   3.016   -11.379 1.00 18.51 ? 122 PHE X N   1 
ATOM   978  C CA  . PHE A 1 122 ? -0.104  3.547   -11.109 1.00 17.48 ? 122 PHE X CA  1 
ATOM   979  C C   . PHE A 1 122 ? -0.946  2.589   -10.295 1.00 24.08 ? 122 PHE X C   1 
ATOM   980  O O   . PHE A 1 122 ? -0.784  1.372   -10.389 1.00 20.55 ? 122 PHE X O   1 
ATOM   981  C CB  . PHE A 1 122 ? -0.848  3.826   -12.428 1.00 20.39 ? 122 PHE X CB  1 
ATOM   982  C CG  . PHE A 1 122 ? -0.355  5.039   -13.152 1.00 21.49 ? 122 PHE X CG  1 
ATOM   983  C CD1 . PHE A 1 122 ? -1.076  6.225   -13.106 1.00 18.44 ? 122 PHE X CD1 1 
ATOM   984  C CD2 . PHE A 1 122 ? 0.839   5.003   -13.868 1.00 22.02 ? 122 PHE X CD2 1 
ATOM   985  C CE1 . PHE A 1 122 ? -0.613  7.354   -13.756 1.00 18.68 ? 122 PHE X CE1 1 
ATOM   986  C CE2 . PHE A 1 122 ? 1.314   6.126   -14.519 1.00 19.52 ? 122 PHE X CE2 1 
ATOM   987  C CZ  . PHE A 1 122 ? 0.593   7.307   -14.457 1.00 21.52 ? 122 PHE X CZ  1 
ATOM   988  N N   . PHE A 1 123 ? -1.859  3.150   -9.509  1.00 18.44 ? 123 PHE X N   1 
ATOM   989  C CA  . PHE A 1 123 ? -2.922  2.371   -8.910  1.00 21.45 ? 123 PHE X CA  1 
ATOM   990  C C   . PHE A 1 123 ? -4.002  2.162   -9.972  1.00 21.24 ? 123 PHE X C   1 
ATOM   991  O O   . PHE A 1 123 ? -4.278  3.067   -10.749 1.00 19.40 ? 123 PHE X O   1 
ATOM   992  C CB  . PHE A 1 123 ? -3.506  3.103   -7.691  1.00 17.73 ? 123 PHE X CB  1 
ATOM   993  C CG  . PHE A 1 123 ? -4.370  2.230   -6.837  1.00 17.23 ? 123 PHE X CG  1 
ATOM   994  C CD1 . PHE A 1 123 ? -3.798  1.264   -6.017  1.00 20.97 ? 123 PHE X CD1 1 
ATOM   995  C CD2 . PHE A 1 123 ? -5.751  2.342   -6.874  1.00 21.69 ? 123 PHE X CD2 1 
ATOM   996  C CE1 . PHE A 1 123 ? -4.592  0.428   -5.230  1.00 20.83 ? 123 PHE X CE1 1 
ATOM   997  C CE2 . PHE A 1 123 ? -6.554  1.515   -6.086  1.00 20.18 ? 123 PHE X CE2 1 
ATOM   998  C CZ  . PHE A 1 123 ? -5.972  0.557   -5.266  1.00 20.05 ? 123 PHE X CZ  1 
ATOM   999  N N   . PRO A 1 124 ? -4.604  0.960   -10.028 1.00 23.08 ? 124 PRO X N   1 
ATOM   1000 C CA  . PRO A 1 124 ? -5.614  0.713   -11.063 1.00 18.46 ? 124 PRO X CA  1 
ATOM   1001 C C   . PRO A 1 124 ? -6.827  1.604   -10.860 1.00 24.58 ? 124 PRO X C   1 
ATOM   1002 O O   . PRO A 1 124 ? -7.079  2.001   -9.720  1.00 22.19 ? 124 PRO X O   1 
ATOM   1003 C CB  . PRO A 1 124 ? -6.007  -0.763  -10.839 1.00 23.89 ? 124 PRO X CB  1 
ATOM   1004 C CG  . PRO A 1 124 ? -5.495  -1.118  -9.507  1.00 25.02 ? 124 PRO X CG  1 
ATOM   1005 C CD  . PRO A 1 124 ? -4.296  -0.254  -9.252  1.00 19.82 ? 124 PRO X CD  1 
ATOM   1006 N N   . PRO A 1 125 ? -7.566  1.913   -11.942 1.00 20.28 ? 125 PRO X N   1 
ATOM   1007 C CA  . PRO A 1 125 ? -8.794  2.720   -11.878 1.00 24.49 ? 125 PRO X CA  1 
ATOM   1008 C C   . PRO A 1 125 ? -9.883  2.002   -11.073 1.00 28.30 ? 125 PRO X C   1 
ATOM   1009 O O   . PRO A 1 125 ? -9.979  0.776   -11.104 1.00 28.64 ? 125 PRO X O   1 
ATOM   1010 C CB  . PRO A 1 125 ? -9.229  2.825   -13.346 1.00 32.46 ? 125 PRO X CB  1 
ATOM   1011 C CG  . PRO A 1 125 ? -8.014  2.411   -14.156 1.00 30.47 ? 125 PRO X CG  1 
ATOM   1012 C CD  . PRO A 1 125 ? -7.302  1.416   -13.302 1.00 26.78 ? 125 PRO X CD  1 
ATOM   1013 N N   . TYR A 1 126 ? -10.692 2.767   -10.355 1.00 29.27 ? 126 TYR X N   1 
ATOM   1014 C CA  . TYR A 1 126 ? -11.818 2.213   -9.605  1.00 30.53 ? 126 TYR X CA  1 
ATOM   1015 C C   . TYR A 1 126 ? -12.941 3.249   -9.571  1.00 29.69 ? 126 TYR X C   1 
ATOM   1016 O O   . TYR A 1 126 ? -12.709 4.439   -9.819  1.00 26.93 ? 126 TYR X O   1 
ATOM   1017 C CB  . TYR A 1 126 ? -11.393 1.813   -8.179  1.00 23.02 ? 126 TYR X CB  1 
ATOM   1018 C CG  . TYR A 1 126 ? -10.848 2.966   -7.354  1.00 26.59 ? 126 TYR X CG  1 
ATOM   1019 C CD1 . TYR A 1 126 ? -11.657 3.630   -6.433  1.00 24.39 ? 126 TYR X CD1 1 
ATOM   1020 C CD2 . TYR A 1 126 ? -9.526  3.402   -7.501  1.00 21.22 ? 126 TYR X CD2 1 
ATOM   1021 C CE1 . TYR A 1 126 ? -11.178 4.699   -5.684  1.00 17.15 ? 126 TYR X CE1 1 
ATOM   1022 C CE2 . TYR A 1 126 ? -9.033  4.464   -6.740  1.00 24.57 ? 126 TYR X CE2 1 
ATOM   1023 C CZ  . TYR A 1 126 ? -9.871  5.110   -5.839  1.00 25.34 ? 126 TYR X CZ  1 
ATOM   1024 O OH  . TYR A 1 126 ? -9.403  6.161   -5.090  1.00 21.58 ? 126 TYR X OH  1 
ATOM   1025 N N   . THR A 1 127 ? -14.155 2.799   -9.279  1.00 29.57 ? 127 THR X N   1 
ATOM   1026 C CA  . THR A 1 127 ? -15.304 3.706   -9.228  1.00 41.43 ? 127 THR X CA  1 
ATOM   1027 C C   . THR A 1 127 ? -16.007 3.690   -7.866  1.00 34.26 ? 127 THR X C   1 
ATOM   1028 O O   . THR A 1 127 ? -16.129 2.636   -7.230  1.00 37.03 ? 127 THR X O   1 
ATOM   1029 C CB  . THR A 1 127 ? -16.319 3.378   -10.338 1.00 42.66 ? 127 THR X CB  1 
ATOM   1030 O OG1 . THR A 1 127 ? -17.530 4.109   -10.105 1.00 41.34 ? 127 THR X OG1 1 
ATOM   1031 C CG2 . THR A 1 127 ? -16.621 1.888   -10.355 1.00 42.25 ? 127 THR X CG2 1 
ATOM   1032 N N   . PHE A 1 128 ? -16.467 4.857   -7.410  1.00 39.15 ? 128 PHE X N   1 
ATOM   1033 C CA  . PHE A 1 128 ? -17.167 4.920   -6.124  1.00 39.96 ? 128 PHE X CA  1 
ATOM   1034 C C   . PHE A 1 128 ? -18.505 4.202   -6.183  1.00 38.50 ? 128 PHE X C   1 
ATOM   1035 O O   . PHE A 1 128 ? -19.081 3.871   -5.156  1.00 48.25 ? 128 PHE X O   1 
ATOM   1036 C CB  . PHE A 1 128 ? -17.324 6.360   -5.631  1.00 45.71 ? 128 PHE X CB  1 
ATOM   1037 C CG  . PHE A 1 128 ? -16.040 6.967   -5.139  1.00 47.89 ? 128 PHE X CG  1 
ATOM   1038 C CD1 . PHE A 1 128 ? -15.634 6.798   -3.824  1.00 36.08 ? 128 PHE X CD1 1 
ATOM   1039 C CD2 . PHE A 1 128 ? -15.221 7.685   -6.001  1.00 50.15 ? 128 PHE X CD2 1 
ATOM   1040 C CE1 . PHE A 1 128 ? -14.444 7.342   -3.375  1.00 33.26 ? 128 PHE X CE1 1 
ATOM   1041 C CE2 . PHE A 1 128 ? -14.029 8.235   -5.554  1.00 42.79 ? 128 PHE X CE2 1 
ATOM   1042 C CZ  . PHE A 1 128 ? -13.640 8.057   -4.239  1.00 29.92 ? 128 PHE X CZ  1 
ATOM   1043 N N   . GLU A 1 129 ? -18.984 3.937   -7.390  1.00 39.61 ? 129 GLU X N   1 
ATOM   1044 C CA  . GLU A 1 129 ? -20.152 3.079   -7.572  1.00 48.74 ? 129 GLU X CA  1 
ATOM   1045 C C   . GLU A 1 129 ? -19.991 1.700   -6.919  1.00 50.28 ? 129 GLU X C   1 
ATOM   1046 O O   . GLU A 1 129 ? -20.987 1.026   -6.667  1.00 49.75 ? 129 GLU X O   1 
ATOM   1047 C CB  . GLU A 1 129 ? -20.438 2.858   -9.060  1.00 57.06 ? 129 GLU X CB  1 
ATOM   1048 C CG  . GLU A 1 129 ? -21.115 4.005   -9.791  1.00 66.72 ? 129 GLU X CG  1 
ATOM   1049 C CD  . GLU A 1 129 ? -21.610 3.573   -11.166 1.00 75.21 ? 129 GLU X CD  1 
ATOM   1050 O OE1 . GLU A 1 129 ? -21.029 2.615   -11.725 1.00 72.36 ? 129 GLU X OE1 1 
ATOM   1051 O OE2 . GLU A 1 129 ? -22.583 4.170   -11.677 1.00 82.10 ? 129 GLU X OE2 1 
ATOM   1052 N N   . ASP A 1 130 ? -18.750 1.269   -6.680  1.00 38.97 ? 130 ASP X N   1 
ATOM   1053 C CA  . ASP A 1 130 ? -18.509 -0.053  -6.088  1.00 38.76 ? 130 ASP X CA  1 
ATOM   1054 C C   . ASP A 1 130 ? -18.016 0.025   -4.639  1.00 36.84 ? 130 ASP X C   1 
ATOM   1055 O O   . ASP A 1 130 ? -17.888 -1.005  -3.976  1.00 37.87 ? 130 ASP X O   1 
ATOM   1056 C CB  . ASP A 1 130 ? -17.498 -0.865  -6.908  1.00 38.17 ? 130 ASP X CB  1 
ATOM   1057 C CG  . ASP A 1 130 ? -17.834 -0.908  -8.390  1.00 54.71 ? 130 ASP X CG  1 
ATOM   1058 O OD1 . ASP A 1 130 ? -16.910 -1.165  -9.196  1.00 47.91 ? 130 ASP X OD1 1 
ATOM   1059 O OD2 . ASP A 1 130 ? -19.012 -0.679  -8.749  1.00 55.57 ? 130 ASP X OD2 1 
ATOM   1060 N N   . TRP A 1 131 ? -17.733 1.239   -4.161  1.00 38.04 ? 131 TRP X N   1 
ATOM   1061 C CA  . TRP A 1 131 ? -17.088 1.426   -2.856  1.00 29.55 ? 131 TRP X CA  1 
ATOM   1062 C C   . TRP A 1 131 ? -17.792 2.468   -2.009  1.00 31.69 ? 131 TRP X C   1 
ATOM   1063 O O   . TRP A 1 131 ? -18.001 3.599   -2.445  1.00 37.34 ? 131 TRP X O   1 
ATOM   1064 C CB  . TRP A 1 131 ? -15.608 1.819   -3.026  1.00 26.44 ? 131 TRP X CB  1 
ATOM   1065 C CG  . TRP A 1 131 ? -14.810 0.782   -3.757  1.00 28.45 ? 131 TRP X CG  1 
ATOM   1066 C CD1 . TRP A 1 131 ? -14.619 0.700   -5.104  1.00 26.13 ? 131 TRP X CD1 1 
ATOM   1067 C CD2 . TRP A 1 131 ? -14.110 -0.334  -3.184  1.00 25.45 ? 131 TRP X CD2 1 
ATOM   1068 N NE1 . TRP A 1 131 ? -13.847 -0.396  -5.407  1.00 24.30 ? 131 TRP X NE1 1 
ATOM   1069 C CE2 . TRP A 1 131 ? -13.518 -1.046  -4.247  1.00 27.59 ? 131 TRP X CE2 1 
ATOM   1070 C CE3 . TRP A 1 131 ? -13.918 -0.795  -1.879  1.00 24.91 ? 131 TRP X CE3 1 
ATOM   1071 C CZ2 . TRP A 1 131 ? -12.749 -2.193  -4.044  1.00 30.41 ? 131 TRP X CZ2 1 
ATOM   1072 C CZ3 . TRP A 1 131 ? -13.165 -1.942  -1.679  1.00 22.29 ? 131 TRP X CZ3 1 
ATOM   1073 C CH2 . TRP A 1 131 ? -12.587 -2.624  -2.756  1.00 27.95 ? 131 TRP X CH2 1 
ATOM   1074 N N   . GLU A 1 132 ? -18.150 2.083   -0.790  1.00 33.34 ? 132 GLU X N   1 
ATOM   1075 C CA  . GLU A 1 132 ? -18.739 3.019   0.146   1.00 31.26 ? 132 GLU X CA  1 
ATOM   1076 C C   . GLU A 1 132 ? -17.657 3.717   0.959   1.00 29.26 ? 132 GLU X C   1 
ATOM   1077 O O   . GLU A 1 132 ? -16.685 3.093   1.388   1.00 28.09 ? 132 GLU X O   1 
ATOM   1078 C CB  . GLU A 1 132 ? -19.704 2.314   1.100   1.00 26.87 ? 132 GLU X CB  1 
ATOM   1079 C CG  . GLU A 1 132 ? -20.541 3.309   1.868   1.00 36.92 ? 132 GLU X CG  1 
ATOM   1080 C CD  . GLU A 1 132 ? -21.453 2.672   2.876   1.00 43.88 ? 132 GLU X CD  1 
ATOM   1081 O OE1 . GLU A 1 132 ? -21.454 1.426   2.983   1.00 58.87 ? 132 GLU X OE1 1 
ATOM   1082 O OE2 . GLU A 1 132 ? -22.172 3.428   3.563   1.00 55.42 ? 132 GLU X OE2 1 
ATOM   1083 N N   . VAL A 1 133 ? -17.846 5.010   1.191   1.00 26.75 ? 133 VAL X N   1 
ATOM   1084 C CA  . VAL A 1 133 ? -16.898 5.799   1.957   1.00 23.50 ? 133 VAL X CA  1 
ATOM   1085 C C   . VAL A 1 133 ? -17.184 5.628   3.454   1.00 27.32 ? 133 VAL X C   1 
ATOM   1086 O O   . VAL A 1 133 ? -18.096 6.266   3.987   1.00 25.46 ? 133 VAL X O   1 
ATOM   1087 C CB  . VAL A 1 133 ? -16.988 7.297   1.563   1.00 25.38 ? 133 VAL X CB  1 
ATOM   1088 C CG1 . VAL A 1 133 ? -16.011 8.137   2.381   1.00 21.69 ? 133 VAL X CG1 1 
ATOM   1089 C CG2 . VAL A 1 133 ? -16.728 7.477   0.056   1.00 24.74 ? 133 VAL X CG2 1 
ATOM   1090 N N   . ALA A 1 134 ? -16.429 4.755   4.126   1.00 22.45 ? 134 ALA X N   1 
ATOM   1091 C CA  . ALA A 1 134 ? -16.622 4.544   5.568   1.00 18.68 ? 134 ALA X CA  1 
ATOM   1092 C C   . ALA A 1 134 ? -16.120 5.752   6.357   1.00 24.29 ? 134 ALA X C   1 
ATOM   1093 O O   . ALA A 1 134 ? -16.630 6.048   7.444   1.00 26.15 ? 134 ALA X O   1 
ATOM   1094 C CB  . ALA A 1 134 ? -15.922 3.283   6.029   1.00 18.51 ? 134 ALA X CB  1 
ATOM   1095 N N   . SER A 1 135 ? -15.123 6.442   5.793   1.00 17.53 ? 135 SER X N   1 
ATOM   1096 C CA  . SER A 1 135 ? -14.559 7.663   6.374   1.00 17.92 ? 135 SER X CA  1 
ATOM   1097 C C   . SER A 1 135 ? -13.617 8.427   5.421   1.00 25.42 ? 135 SER X C   1 
ATOM   1098 O O   . SER A 1 135 ? -12.977 7.856   4.526   1.00 18.21 ? 135 SER X O   1 
ATOM   1099 C CB  . SER A 1 135 ? -13.813 7.358   7.666   1.00 18.38 ? 135 SER X CB  1 
ATOM   1100 O OG  . SER A 1 135 ? -12.662 6.578   7.414   1.00 24.15 ? 135 SER X OG  1 
ATOM   1101 N N   . SER A 1 136 ? -13.533 9.731   5.638   1.00 20.85 ? 136 SER X N   1 
ATOM   1102 C CA  . SER A 1 136 ? -12.746 10.606  4.796   1.00 22.04 ? 136 SER X CA  1 
ATOM   1103 C C   . SER A 1 136 ? -12.284 11.752  5.675   1.00 22.78 ? 136 SER X C   1 
ATOM   1104 O O   . SER A 1 136 ? -13.099 12.526  6.167   1.00 27.89 ? 136 SER X O   1 
ATOM   1105 C CB  . SER A 1 136 ? -13.599 11.126  3.648   1.00 20.75 ? 136 SER X CB  1 
ATOM   1106 O OG  . SER A 1 136 ? -12.882 12.082  2.885   1.00 24.13 ? 136 SER X OG  1 
ATOM   1107 N N   . VAL A 1 137 ? -10.978 11.833  5.897   1.00 19.02 ? 137 VAL X N   1 
ATOM   1108 C CA  . VAL A 1 137 ? -10.404 12.752  6.858   1.00 19.44 ? 137 VAL X CA  1 
ATOM   1109 C C   . VAL A 1 137 ? -9.242  13.494  6.202   1.00 28.67 ? 137 VAL X C   1 
ATOM   1110 O O   . VAL A 1 137 ? -8.277  12.876  5.779   1.00 25.63 ? 137 VAL X O   1 
ATOM   1111 C CB  . VAL A 1 137 ? -9.869  11.978  8.066   1.00 23.79 ? 137 VAL X CB  1 
ATOM   1112 C CG1 . VAL A 1 137 ? -9.154  12.905  9.056   1.00 22.70 ? 137 VAL X CG1 1 
ATOM   1113 C CG2 . VAL A 1 137 ? -11.004 11.201  8.746   1.00 24.30 ? 137 VAL X CG2 1 
ATOM   1114 N N   . GLU A 1 138 ? -9.332  14.817  6.113   1.00 28.69 ? 138 GLU X N   1 
ATOM   1115 C CA  . GLU A 1 138 ? -8.233  15.606  5.556   1.00 29.08 ? 138 GLU X CA  1 
ATOM   1116 C C   . GLU A 1 138 ? -6.997  15.583  6.443   1.00 28.05 ? 138 GLU X C   1 
ATOM   1117 O O   . GLU A 1 138 ? -7.095  15.616  7.667   1.00 33.04 ? 138 GLU X O   1 
ATOM   1118 C CB  . GLU A 1 138 ? -8.659  17.047  5.336   1.00 34.67 ? 138 GLU X CB  1 
ATOM   1119 C CG  . GLU A 1 138 ? -9.825  17.219  4.398   1.00 40.46 ? 138 GLU X CG  1 
ATOM   1120 C CD  . GLU A 1 138 ? -10.248 18.670  4.323   1.00 58.49 ? 138 GLU X CD  1 
ATOM   1121 O OE1 . GLU A 1 138 ? -11.419 18.940  3.956   1.00 56.67 ? 138 GLU X OE1 1 
ATOM   1122 O OE2 . GLU A 1 138 ? -9.399  19.535  4.655   1.00 52.45 ? 138 GLU X OE2 1 
ATOM   1123 N N   . GLY A 1 139 ? -5.829  15.501  5.819   1.00 25.70 ? 139 GLY X N   1 
ATOM   1124 C CA  . GLY A 1 139 ? -4.590  15.547  6.564   1.00 25.11 ? 139 GLY X CA  1 
ATOM   1125 C C   . GLY A 1 139 ? -4.343  17.004  6.898   1.00 30.63 ? 139 GLY X C   1 
ATOM   1126 O O   . GLY A 1 139 ? -4.822  17.887  6.185   1.00 25.69 ? 139 GLY X O   1 
ATOM   1127 N N   . LYS A 1 140 ? -3.606  17.256  7.977   1.00 34.18 ? 140 LYS X N   1 
ATOM   1128 C CA  . LYS A 1 140 ? -3.235  18.616  8.330   1.00 36.27 ? 140 LYS X CA  1 
ATOM   1129 C C   . LYS A 1 140 ? -1.930  18.988  7.666   1.00 28.94 ? 140 LYS X C   1 
ATOM   1130 O O   . LYS A 1 140 ? -0.983  18.192  7.605   1.00 34.78 ? 140 LYS X O   1 
ATOM   1131 C CB  . LYS A 1 140 ? -3.134  18.814  9.847   1.00 44.91 ? 140 LYS X CB  1 
ATOM   1132 C CG  . LYS A 1 140 ? -4.400  19.393  10.487  1.00 52.50 ? 140 LYS X CG  1 
ATOM   1133 C CD  . LYS A 1 140 ? -5.329  18.294  11.036  1.00 53.46 ? 140 LYS X CD  1 
ATOM   1134 C CE  . LYS A 1 140 ? -6.671  18.876  11.508  1.00 50.33 ? 140 LYS X CE  1 
ATOM   1135 N NZ  . LYS A 1 140 ? -6.896  18.744  12.985  1.00 39.46 ? 140 LYS X NZ  1 
ATOM   1136 N N   . LEU A 1 141 ? -1.897  20.199  7.135   1.00 37.13 ? 141 LEU X N   1 
ATOM   1137 C CA  . LEU A 1 141 ? -0.687  20.724  6.536   1.00 39.73 ? 141 LEU X CA  1 
ATOM   1138 C C   . LEU A 1 141 ? 0.133   21.460  7.582   1.00 41.06 ? 141 LEU X C   1 
ATOM   1139 O O   . LEU A 1 141 ? -0.413  22.063  8.505   1.00 43.05 ? 141 LEU X O   1 
ATOM   1140 C CB  . LEU A 1 141 ? -1.029  21.642  5.376   1.00 40.86 ? 141 LEU X CB  1 
ATOM   1141 C CG  . LEU A 1 141 ? -1.771  20.933  4.254   1.00 37.18 ? 141 LEU X CG  1 
ATOM   1142 C CD1 . LEU A 1 141 ? -1.731  21.784  2.997   1.00 39.97 ? 141 LEU X CD1 1 
ATOM   1143 C CD2 . LEU A 1 141 ? -1.148  19.563  4.019   1.00 37.76 ? 141 LEU X CD2 1 
ATOM   1144 N N   . ASP A 1 142 ? 1.448   21.380  7.442   1.00 47.01 ? 142 ASP X N   1 
ATOM   1145 C CA  . ASP A 1 142 ? 2.361   22.023  8.371   1.00 39.44 ? 142 ASP X CA  1 
ATOM   1146 C C   . ASP A 1 142 ? 3.726   22.187  7.721   1.00 48.37 ? 142 ASP X C   1 
ATOM   1147 O O   . ASP A 1 142 ? 3.843   22.211  6.493   1.00 46.34 ? 142 ASP X O   1 
ATOM   1148 C CB  . ASP A 1 142 ? 2.480   21.228  9.672   1.00 38.91 ? 142 ASP X CB  1 
ATOM   1149 C CG  . ASP A 1 142 ? 3.068   19.839  9.470   1.00 42.61 ? 142 ASP X CG  1 
ATOM   1150 O OD1 . ASP A 1 142 ? 3.018   19.043  10.426  1.00 40.57 ? 142 ASP X OD1 1 
ATOM   1151 O OD2 . ASP A 1 142 ? 3.575   19.528  8.371   1.00 42.36 ? 142 ASP X OD2 1 
ATOM   1152 N N   . GLU A 1 143 ? 4.754   22.271  8.555   1.00 52.65 ? 143 GLU X N   1 
ATOM   1153 C CA  . GLU A 1 143 ? 6.114   22.471  8.080   1.00 53.04 ? 143 GLU X CA  1 
ATOM   1154 C C   . GLU A 1 143 ? 6.595   21.277  7.246   1.00 49.36 ? 143 GLU X C   1 
ATOM   1155 O O   . GLU A 1 143 ? 7.112   21.442  6.134   1.00 44.87 ? 143 GLU X O   1 
ATOM   1156 C CB  . GLU A 1 143 ? 7.040   22.725  9.276   1.00 59.79 ? 143 GLU X CB  1 
ATOM   1157 C CG  . GLU A 1 143 ? 8.503   22.919  8.915   1.00 75.76 ? 143 GLU X CG  1 
ATOM   1158 C CD  . GLU A 1 143 ? 9.414   22.880  10.129  1.00 73.60 ? 143 GLU X CD  1 
ATOM   1159 O OE1 . GLU A 1 143 ? 10.189  21.904  10.264  1.00 63.10 ? 143 GLU X OE1 1 
ATOM   1160 O OE2 . GLU A 1 143 ? 9.352   23.826  10.948  1.00 79.65 ? 143 GLU X OE2 1 
ATOM   1161 N N   . LYS A 1 144 ? 6.392   20.075  7.778   1.00 44.57 ? 144 LYS X N   1 
ATOM   1162 C CA  . LYS A 1 144 ? 6.924   18.861  7.161   1.00 46.14 ? 144 LYS X CA  1 
ATOM   1163 C C   . LYS A 1 144 ? 5.931   18.103  6.276   1.00 41.54 ? 144 LYS X C   1 
ATOM   1164 O O   . LYS A 1 144 ? 6.302   17.144  5.609   1.00 38.02 ? 144 LYS X O   1 
ATOM   1165 C CB  . LYS A 1 144 ? 7.474   17.933  8.242   1.00 42.30 ? 144 LYS X CB  1 
ATOM   1166 C CG  . LYS A 1 144 ? 8.489   18.605  9.157   1.00 48.15 ? 144 LYS X CG  1 
ATOM   1167 C CD  . LYS A 1 144 ? 9.468   17.591  9.734   1.00 64.09 ? 144 LYS X CD  1 
ATOM   1168 C CE  . LYS A 1 144 ? 10.425  18.240  10.727  1.00 62.71 ? 144 LYS X CE  1 
ATOM   1169 N NZ  . LYS A 1 144 ? 9.695   18.803  11.903  1.00 52.47 ? 144 LYS X NZ  1 
ATOM   1170 N N   . ASN A 1 145 ? 4.673   18.525  6.283   1.00 37.74 ? 145 ASN X N   1 
ATOM   1171 C CA  . ASN A 1 145 ? 3.647   17.896  5.451   1.00 38.20 ? 145 ASN X CA  1 
ATOM   1172 C C   . ASN A 1 145 ? 2.968   18.989  4.652   1.00 39.07 ? 145 ASN X C   1 
ATOM   1173 O O   . ASN A 1 145 ? 2.036   19.633  5.136   1.00 40.89 ? 145 ASN X O   1 
ATOM   1174 C CB  . ASN A 1 145 ? 2.614   17.143  6.306   1.00 37.78 ? 145 ASN X CB  1 
ATOM   1175 C CG  . ASN A 1 145 ? 3.233   16.004  7.121   1.00 33.44 ? 145 ASN X CG  1 
ATOM   1176 O OD1 . ASN A 1 145 ? 3.325   14.860  6.657   1.00 26.15 ? 145 ASN X OD1 1 
ATOM   1177 N ND2 . ASN A 1 145 ? 3.650   16.314  8.342   1.00 36.94 ? 145 ASN X ND2 1 
ATOM   1178 N N   . THR A 1 146 ? 3.450   19.210  3.434   1.00 32.74 ? 146 THR X N   1 
ATOM   1179 C CA  . THR A 1 146 ? 3.102   20.411  2.697   1.00 33.74 ? 146 THR X CA  1 
ATOM   1180 C C   . THR A 1 146 ? 2.366   20.130  1.393   1.00 36.91 ? 146 THR X C   1 
ATOM   1181 O O   . THR A 1 146 ? 2.170   21.032  0.572   1.00 32.18 ? 146 THR X O   1 
ATOM   1182 C CB  . THR A 1 146 ? 4.355   21.263  2.422   1.00 35.66 ? 146 THR X CB  1 
ATOM   1183 O OG1 . THR A 1 146 ? 5.329   20.469  1.744   1.00 39.34 ? 146 THR X OG1 1 
ATOM   1184 C CG2 . THR A 1 146 ? 4.961   21.738  3.727   1.00 41.02 ? 146 THR X CG2 1 
ATOM   1185 N N   . ILE A 1 147 ? 1.955   18.879  1.211   1.00 39.61 ? 147 ILE X N   1 
ATOM   1186 C CA  . ILE A 1 147 ? 1.039   18.522  0.135   1.00 32.39 ? 147 ILE X CA  1 
ATOM   1187 C C   . ILE A 1 147 ? -0.306  18.157  0.754   1.00 23.89 ? 147 ILE X C   1 
ATOM   1188 O O   . ILE A 1 147 ? -0.362  17.319  1.647   1.00 27.94 ? 147 ILE X O   1 
ATOM   1189 C CB  . ILE A 1 147 ? 1.549   17.313  -0.665  1.00 28.79 ? 147 ILE X CB  1 
ATOM   1190 C CG1 . ILE A 1 147 ? 3.005   17.539  -1.110  1.00 50.56 ? 147 ILE X CG1 1 
ATOM   1191 C CG2 . ILE A 1 147 ? 0.645   17.072  -1.873  1.00 26.45 ? 147 ILE X CG2 1 
ATOM   1192 C CD1 . ILE A 1 147 ? 4.055   16.630  -0.426  1.00 38.79 ? 147 ILE X CD1 1 
ATOM   1193 N N   . PRO A 1 148 ? -1.393  18.785  0.281   1.00 22.73 ? 148 PRO X N   1 
ATOM   1194 C CA  . PRO A 1 148 ? -2.737  18.407  0.732   1.00 21.92 ? 148 PRO X CA  1 
ATOM   1195 C C   . PRO A 1 148 ? -3.006  16.927  0.485   1.00 25.59 ? 148 PRO X C   1 
ATOM   1196 O O   . PRO A 1 148 ? -2.620  16.355  -0.545  1.00 23.78 ? 148 PRO X O   1 
ATOM   1197 C CB  . PRO A 1 148 ? -3.668  19.264  -0.140  1.00 27.41 ? 148 PRO X CB  1 
ATOM   1198 C CG  . PRO A 1 148 ? -2.792  20.322  -0.762  1.00 25.89 ? 148 PRO X CG  1 
ATOM   1199 C CD  . PRO A 1 148 ? -1.414  19.786  -0.803  1.00 27.78 ? 148 PRO X CD  1 
ATOM   1200 N N   . HIS A 1 149 ? -3.666  16.293  1.440   1.00 21.06 ? 149 HIS X N   1 
ATOM   1201 C CA  . HIS A 1 149 ? -3.843  14.854  1.370   1.00 21.48 ? 149 HIS X CA  1 
ATOM   1202 C C   . HIS A 1 149 ? -5.052  14.429  2.207   1.00 25.73 ? 149 HIS X C   1 
ATOM   1203 O O   . HIS A 1 149 ? -5.390  15.065  3.211   1.00 24.08 ? 149 HIS X O   1 
ATOM   1204 C CB  . HIS A 1 149 ? -2.556  14.153  1.816   1.00 17.42 ? 149 HIS X CB  1 
ATOM   1205 C CG  . HIS A 1 149 ? -2.085  14.564  3.181   1.00 26.44 ? 149 HIS X CG  1 
ATOM   1206 N ND1 . HIS A 1 149 ? -1.457  15.769  3.425   1.00 22.77 ? 149 HIS X ND1 1 
ATOM   1207 C CD2 . HIS A 1 149 ? -2.138  13.920  4.372   1.00 21.70 ? 149 HIS X CD2 1 
ATOM   1208 C CE1 . HIS A 1 149 ? -1.163  15.858  4.712   1.00 24.07 ? 149 HIS X CE1 1 
ATOM   1209 N NE2 . HIS A 1 149 ? -1.560  14.749  5.308   1.00 23.44 ? 149 HIS X NE2 1 
ATOM   1210 N N   . THR A 1 150 ? -5.715  13.363  1.776   1.00 22.41 ? 150 THR X N   1 
ATOM   1211 C CA  . THR A 1 150 ? -6.943  12.913  2.424   1.00 19.93 ? 150 THR X CA  1 
ATOM   1212 C C   . THR A 1 150 ? -6.925  11.420  2.661   1.00 21.92 ? 150 THR X C   1 
ATOM   1213 O O   . THR A 1 150 ? -6.704  10.646  1.736   1.00 20.21 ? 150 THR X O   1 
ATOM   1214 C CB  . THR A 1 150 ? -8.161  13.218  1.546   1.00 28.10 ? 150 THR X CB  1 
ATOM   1215 O OG1 . THR A 1 150 ? -8.181  14.617  1.225   1.00 35.06 ? 150 THR X OG1 1 
ATOM   1216 C CG2 . THR A 1 150 ? -9.456  12.818  2.254   1.00 23.56 ? 150 THR X CG2 1 
ATOM   1217 N N   . PHE A 1 151 ? -7.186  11.011  3.899   1.00 21.28 ? 151 PHE X N   1 
ATOM   1218 C CA  . PHE A 1 151 ? -7.263  9.591   4.229   1.00 22.31 ? 151 PHE X CA  1 
ATOM   1219 C C   . PHE A 1 151 ? -8.667  9.062   3.995   1.00 22.57 ? 151 PHE X C   1 
ATOM   1220 O O   . PHE A 1 151 ? -9.600  9.491   4.667   1.00 22.38 ? 151 PHE X O   1 
ATOM   1221 C CB  . PHE A 1 151 ? -6.835  9.357   5.686   1.00 23.17 ? 151 PHE X CB  1 
ATOM   1222 C CG  . PHE A 1 151 ? -5.453  9.858   5.985   1.00 24.92 ? 151 PHE X CG  1 
ATOM   1223 C CD1 . PHE A 1 151 ? -4.337  9.153   5.545   1.00 23.07 ? 151 PHE X CD1 1 
ATOM   1224 C CD2 . PHE A 1 151 ? -5.265  11.048  6.675   1.00 27.80 ? 151 PHE X CD2 1 
ATOM   1225 C CE1 . PHE A 1 151 ? -3.043  9.619   5.810   1.00 20.39 ? 151 PHE X CE1 1 
ATOM   1226 C CE2 . PHE A 1 151 ? -3.985  11.530  6.939   1.00 25.32 ? 151 PHE X CE2 1 
ATOM   1227 C CZ  . PHE A 1 151 ? -2.871  10.811  6.508   1.00 24.85 ? 151 PHE X CZ  1 
ATOM   1228 N N   . LEU A 1 152 ? -8.804  8.137   3.041   1.00 16.54 ? 152 LEU X N   1 
ATOM   1229 C CA  . LEU A 1 152 ? -10.076 7.492   2.730   1.00 17.15 ? 152 LEU X CA  1 
ATOM   1230 C C   . LEU A 1 152 ? -10.045 6.070   3.199   1.00 23.92 ? 152 LEU X C   1 
ATOM   1231 O O   . LEU A 1 152 ? -9.061  5.374   2.974   1.00 20.63 ? 152 LEU X O   1 
ATOM   1232 C CB  . LEU A 1 152 ? -10.294 7.412   1.224   1.00 22.84 ? 152 LEU X CB  1 
ATOM   1233 C CG  . LEU A 1 152 ? -10.505 8.678   0.415   1.00 26.35 ? 152 LEU X CG  1 
ATOM   1234 C CD1 . LEU A 1 152 ? -10.822 8.286   -1.022  1.00 26.46 ? 152 LEU X CD1 1 
ATOM   1235 C CD2 . LEU A 1 152 ? -11.625 9.515   1.026   1.00 21.71 ? 152 LEU X CD2 1 
ATOM   1236 N N   . HIS A 1 153 ? -11.130 5.628   3.827   1.00 18.57 ? 153 HIS X N   1 
ATOM   1237 C CA  . HIS A 1 153 ? -11.354 4.208   4.040   1.00 18.78 ? 153 HIS X CA  1 
ATOM   1238 C C   . HIS A 1 153 ? -12.553 3.854   3.188   1.00 17.14 ? 153 HIS X C   1 
ATOM   1239 O O   . HIS A 1 153 ? -13.646 4.353   3.431   1.00 21.75 ? 153 HIS X O   1 
ATOM   1240 C CB  . HIS A 1 153 ? -11.635 3.929   5.514   1.00 19.98 ? 153 HIS X CB  1 
ATOM   1241 C CG  . HIS A 1 153 ? -11.807 2.476   5.838   1.00 28.21 ? 153 HIS X CG  1 
ATOM   1242 N ND1 . HIS A 1 153 ? -12.345 2.040   7.034   1.00 27.65 ? 153 HIS X ND1 1 
ATOM   1243 C CD2 . HIS A 1 153 ? -11.496 1.361   5.135   1.00 21.96 ? 153 HIS X CD2 1 
ATOM   1244 C CE1 . HIS A 1 153 ? -12.371 0.720   7.044   1.00 23.14 ? 153 HIS X CE1 1 
ATOM   1245 N NE2 . HIS A 1 153 ? -11.861 0.283   5.906   1.00 23.03 ? 153 HIS X NE2 1 
ATOM   1246 N N   . LEU A 1 154 ? -12.341 3.019   2.175   1.00 19.09 ? 154 LEU X N   1 
ATOM   1247 C CA  . LEU A 1 154 ? -13.419 2.566   1.287   1.00 18.29 ? 154 LEU X CA  1 
ATOM   1248 C C   . LEU A 1 154 ? -13.728 1.087   1.522   1.00 27.63 ? 154 LEU X C   1 
ATOM   1249 O O   . LEU A 1 154 ? -12.819 0.258   1.702   1.00 21.12 ? 154 LEU X O   1 
ATOM   1250 C CB  . LEU A 1 154 ? -13.041 2.760   -0.180  1.00 18.68 ? 154 LEU X CB  1 
ATOM   1251 C CG  . LEU A 1 154 ? -12.631 4.164   -0.620  1.00 27.97 ? 154 LEU X CG  1 
ATOM   1252 C CD1 . LEU A 1 154 ? -12.359 4.168   -2.122  1.00 29.44 ? 154 LEU X CD1 1 
ATOM   1253 C CD2 . LEU A 1 154 ? -13.715 5.166   -0.276  1.00 21.18 ? 154 LEU X CD2 1 
ATOM   1254 N N   . ILE A 1 155 ? -15.017 0.766   1.513   1.00 23.45 ? 155 ILE X N   1 
ATOM   1255 C CA  . ILE A 1 155 ? -15.481 -0.588  1.763   1.00 23.23 ? 155 ILE X CA  1 
ATOM   1256 C C   . ILE A 1 155 ? -16.296 -1.049  0.566   1.00 25.67 ? 155 ILE X C   1 
ATOM   1257 O O   . ILE A 1 155 ? -17.169 -0.329  0.094   1.00 28.86 ? 155 ILE X O   1 
ATOM   1258 C CB  . ILE A 1 155 ? -16.325 -0.647  3.024   1.00 24.04 ? 155 ILE X CB  1 
ATOM   1259 C CG1 . ILE A 1 155 ? -15.459 -0.318  4.242   1.00 22.14 ? 155 ILE X CG1 1 
ATOM   1260 C CG2 . ILE A 1 155 ? -16.914 -2.047  3.206   1.00 36.52 ? 155 ILE X CG2 1 
ATOM   1261 C CD1 . ILE A 1 155 ? -16.252 -0.332  5.520   1.00 34.78 ? 155 ILE X CD1 1 
ATOM   1262 N N   . ARG A 1 156 ? -15.974 -2.228  0.042   1.00 24.27 ? 156 ARG X N   1 
ATOM   1263 C CA  . ARG A 1 156 ? -16.656 -2.715  -1.140  1.00 25.76 ? 156 ARG X CA  1 
ATOM   1264 C C   . ARG A 1 156 ? -18.135 -2.885  -0.836  1.00 35.35 ? 156 ARG X C   1 
ATOM   1265 O O   . ARG A 1 156 ? -18.498 -3.436  0.209   1.00 32.32 ? 156 ARG X O   1 
ATOM   1266 C CB  . ARG A 1 156 ? -16.073 -4.051  -1.581  1.00 33.18 ? 156 ARG X CB  1 
ATOM   1267 C CG  . ARG A 1 156 ? -16.673 -4.552  -2.884  1.00 37.08 ? 156 ARG X CG  1 
ATOM   1268 C CD  . ARG A 1 156 ? -16.251 -5.977  -3.176  1.00 38.25 ? 156 ARG X CD  1 
ATOM   1269 N NE  . ARG A 1 156 ? -14.802 -6.121  -3.185  1.00 41.78 ? 156 ARG X NE  1 
ATOM   1270 C CZ  . ARG A 1 156 ? -14.022 -5.802  -4.213  1.00 34.46 ? 156 ARG X CZ  1 
ATOM   1271 N NH1 . ARG A 1 156 ? -14.548 -5.306  -5.323  1.00 32.80 ? 156 ARG X NH1 1 
ATOM   1272 N NH2 . ARG A 1 156 ? -12.708 -5.976  -4.118  1.00 34.16 ? 156 ARG X NH2 1 
ATOM   1273 N N   . LYS A 1 157 ? -18.986 -2.409  -1.739  1.00 36.48 ? 157 LYS X N   1 
ATOM   1274 C CA  . LYS A 1 157 ? -20.431 -2.539  -1.552  1.00 38.25 ? 157 LYS X CA  1 
ATOM   1275 C C   . LYS A 1 157 ? -20.888 -3.987  -1.766  1.00 46.90 ? 157 LYS X C   1 
ATOM   1276 O O   . LYS A 1 157 ? -21.872 -4.450  -1.170  1.00 46.08 ? 157 LYS X O   1 
ATOM   1277 C CB  . LYS A 1 157 ? -21.186 -1.588  -2.486  1.00 42.21 ? 157 LYS X CB  1 
ATOM   1278 C CG  . LYS A 1 157 ? -20.910 -0.116  -2.225  1.00 40.98 ? 157 LYS X CG  1 
ATOM   1279 C CD  . LYS A 1 157 ? -21.770 0.792   -3.101  1.00 35.95 ? 157 LYS X CD  1 
ATOM   1280 C CE  . LYS A 1 157 ? -21.548 2.261   -2.741  1.00 38.80 ? 157 LYS X CE  1 
ATOM   1281 N NZ  . LYS A 1 157 ? -22.148 3.221   -3.732  1.00 41.40 ? 157 LYS X NZ  1 
ATOM   1282 O OXT . LYS A 1 157 ? -20.266 -4.733  -2.530  1.00 40.55 ? 157 LYS X OXT 1 
HETATM 1283 P PA  . NDP B 2 .   ? 5.952   -4.691  -7.373  1.00 23.21 ? 201 NDP X PA  1 
HETATM 1284 O O1A . NDP B 2 .   ? 4.498   -4.936  -7.452  1.00 23.50 ? 201 NDP X O1A 1 
HETATM 1285 O O2A . NDP B 2 .   ? 6.341   -4.145  -6.054  1.00 23.73 ? 201 NDP X O2A 1 
HETATM 1286 O O5B . NDP B 2 .   ? 6.823   -6.036  -7.604  1.00 27.31 ? 201 NDP X O5B 1 
HETATM 1287 C C5B . NDP B 2 .   ? 6.698   -6.818  -8.776  1.00 22.72 ? 201 NDP X C5B 1 
HETATM 1288 C C4B . NDP B 2 .   ? 7.358   -8.158  -8.502  1.00 20.78 ? 201 NDP X C4B 1 
HETATM 1289 O O4B . NDP B 2 .   ? 6.612   -8.848  -7.528  1.00 24.14 ? 201 NDP X O4B 1 
HETATM 1290 C C3B . NDP B 2 .   ? 7.388   -9.119  -9.685  1.00 27.22 ? 201 NDP X C3B 1 
HETATM 1291 O O3B . NDP B 2 .   ? 8.446   -8.838  -10.576 1.00 22.38 ? 201 NDP X O3B 1 
HETATM 1292 C C2B . NDP B 2 .   ? 7.538   -10.452 -8.970  1.00 24.61 ? 201 NDP X C2B 1 
HETATM 1293 O O2B . NDP B 2 .   ? 8.842   -10.610 -8.446  1.00 25.57 ? 201 NDP X O2B 1 
HETATM 1294 C C1B . NDP B 2 .   ? 6.649   -10.249 -7.768  1.00 24.61 ? 201 NDP X C1B 1 
HETATM 1295 N N9A . NDP B 2 .   ? 5.320   -10.767 -8.115  1.00 24.65 ? 201 NDP X N9A 1 
HETATM 1296 C C8A . NDP B 2 .   ? 4.183   -10.045 -8.382  1.00 27.14 ? 201 NDP X C8A 1 
HETATM 1297 N N7A . NDP B 2 .   ? 3.177   -10.910 -8.637  1.00 30.06 ? 201 NDP X N7A 1 
HETATM 1298 C C5A . NDP B 2 .   ? 3.665   -12.171 -8.547  1.00 30.17 ? 201 NDP X C5A 1 
HETATM 1299 C C6A . NDP B 2 .   ? 3.087   -13.420 -8.720  1.00 31.92 ? 201 NDP X C6A 1 
HETATM 1300 N N6A . NDP B 2 .   ? 1.799   -13.515 -9.038  1.00 36.57 ? 201 NDP X N6A 1 
HETATM 1301 N N1A . NDP B 2 .   ? 3.849   -14.561 -8.551  1.00 28.04 ? 201 NDP X N1A 1 
HETATM 1302 C C2A . NDP B 2 .   ? 5.187   -14.464 -8.221  1.00 29.89 ? 201 NDP X C2A 1 
HETATM 1303 N N3A . NDP B 2 .   ? 5.760   -13.217 -8.062  1.00 34.07 ? 201 NDP X N3A 1 
HETATM 1304 C C4A . NDP B 2 .   ? 5.010   -12.094 -8.224  1.00 31.18 ? 201 NDP X C4A 1 
HETATM 1305 O O3  . NDP B 2 .   ? 6.468   -3.798  -8.607  1.00 28.49 ? 201 NDP X O3  1 
HETATM 1306 P PN  . NDP B 2 .   ? 5.876   -2.651  -9.573  1.00 25.79 ? 201 NDP X PN  1 
HETATM 1307 O O1N . NDP B 2 .   ? 6.982   -2.293  -10.492 1.00 26.99 ? 201 NDP X O1N 1 
HETATM 1308 O O2N . NDP B 2 .   ? 4.595   -3.153  -10.125 1.00 28.22 ? 201 NDP X O2N 1 
HETATM 1309 O O5D . NDP B 2 .   ? 5.625   -1.394  -8.564  1.00 26.94 ? 201 NDP X O5D 1 
HETATM 1310 C C5D . NDP B 2 .   ? 6.723   -0.703  -7.975  1.00 23.09 ? 201 NDP X C5D 1 
HETATM 1311 C C4D . NDP B 2 .   ? 6.432   0.783   -7.766  1.00 25.78 ? 201 NDP X C4D 1 
HETATM 1312 O O4D . NDP B 2 .   ? 5.307   1.018   -6.910  1.00 25.17 ? 201 NDP X O4D 1 
HETATM 1313 C C3D . NDP B 2 .   ? 7.595   1.500   -7.101  1.00 29.14 ? 201 NDP X C3D 1 
HETATM 1314 O O3D . NDP B 2 .   ? 7.710   2.754   -7.744  1.00 20.51 ? 201 NDP X O3D 1 
HETATM 1315 C C2D . NDP B 2 .   ? 7.142   1.715   -5.664  1.00 22.16 ? 201 NDP X C2D 1 
HETATM 1316 O O2D . NDP B 2 .   ? 7.709   2.880   -5.144  1.00 21.53 ? 201 NDP X O2D 1 
HETATM 1317 C C1D . NDP B 2 .   ? 5.645   1.909   -5.844  1.00 26.32 ? 201 NDP X C1D 1 
HETATM 1318 N N1N . NDP B 2 .   ? 4.799   1.714   -4.630  1.00 20.96 ? 201 NDP X N1N 1 
HETATM 1319 C C2N . NDP B 2 .   ? 3.987   2.741   -4.228  1.00 22.73 ? 201 NDP X C2N 1 
HETATM 1320 C C3N . NDP B 2 .   ? 3.146   2.622   -3.118  1.00 26.33 ? 201 NDP X C3N 1 
HETATM 1321 C C7N . NDP B 2 .   ? 2.226   3.755   -2.749  1.00 22.48 ? 201 NDP X C7N 1 
HETATM 1322 O O7N . NDP B 2 .   ? 1.150   3.506   -1.880  1.00 23.01 ? 201 NDP X O7N 1 
HETATM 1323 N N7N . NDP B 2 .   ? 2.434   4.974   -3.263  1.00 22.88 ? 201 NDP X N7N 1 
HETATM 1324 C C4N . NDP B 2 .   ? 3.118   1.430   -2.399  1.00 22.85 ? 201 NDP X C4N 1 
HETATM 1325 C C5N . NDP B 2 .   ? 3.953   0.390   -2.815  1.00 24.09 ? 201 NDP X C5N 1 
HETATM 1326 C C6N . NDP B 2 .   ? 4.781   0.542   -3.927  1.00 23.93 ? 201 NDP X C6N 1 
HETATM 1327 P P2B . NDP B 2 .   ? 10.006  -11.411 -9.242  1.00 25.26 ? 201 NDP X P2B 1 
HETATM 1328 O O1X . NDP B 2 .   ? 10.269  -10.616 -10.506 1.00 22.03 ? 201 NDP X O1X 1 
HETATM 1329 O O2X . NDP B 2 .   ? 11.213  -11.408 -8.326  1.00 24.35 ? 201 NDP X O2X 1 
HETATM 1330 O O3X . NDP B 2 .   ? 9.494   -12.794 -9.584  1.00 26.00 ? 201 NDP X O3X 1 
HETATM 1331 N N1  . 06W C 3 .   ? 0.420   3.110   1.563   1.00 21.85 ? 202 06W X N1  1 
HETATM 1332 C C2  . 06W C 3 .   ? 0.508   4.371   1.985   1.00 20.45 ? 202 06W X C2  1 
HETATM 1333 N N3  . 06W C 3 .   ? 1.716   4.977   2.088   1.00 22.87 ? 202 06W X N3  1 
HETATM 1334 C C4  . 06W C 3 .   ? 2.861   4.336   1.758   1.00 21.97 ? 202 06W X C4  1 
HETATM 1335 C C5  . 06W C 3 .   ? 2.784   3.031   1.316   1.00 22.30 ? 202 06W X C5  1 
HETATM 1336 C C6  . 06W C 3 .   ? 1.533   2.438   1.224   1.00 21.60 ? 202 06W X C6  1 
HETATM 1337 C CAA . 06W C 3 .   ? 8.517   3.662   3.882   1.00 57.98 ? 202 06W X CAA 1 
HETATM 1338 N NAH . 06W C 3 .   ? -0.623  5.011   2.310   1.00 24.23 ? 202 06W X NAH 1 
HETATM 1339 C CAI . 06W C 3 .   ? 4.108   4.958   1.850   1.00 25.49 ? 202 06W X CAI 1 
HETATM 1340 N NAJ . 06W C 3 .   ? 1.482   1.185   0.792   1.00 17.79 ? 202 06W X NAJ 1 
HETATM 1341 C CAK . 06W C 3 .   ? 3.949   2.324   0.977   1.00 27.46 ? 202 06W X CAK 1 
HETATM 1342 C CAL . 06W C 3 .   ? 4.936   1.697   0.675   1.00 28.33 ? 202 06W X CAL 1 
HETATM 1343 C CAM . 06W C 3 .   ? 6.122   0.908   0.291   1.00 26.54 ? 202 06W X CAM 1 
HETATM 1344 C CAN . 06W C 3 .   ? 6.960   1.664   -0.753  1.00 24.66 ? 202 06W X CAN 1 
HETATM 1345 C CAO . 06W C 3 .   ? 6.908   0.641   1.395   1.00 34.46 ? 202 06W X CAO 1 
HETATM 1346 C CAP . 06W C 3 .   ? 7.264   -0.684  1.637   1.00 37.94 ? 202 06W X CAP 1 
HETATM 1347 C CAQ . 06W C 3 .   ? 8.066   -1.010  2.720   1.00 40.20 ? 202 06W X CAQ 1 
HETATM 1348 C CAR . 06W C 3 .   ? 8.519   0.006   3.561   1.00 44.88 ? 202 06W X CAR 1 
HETATM 1349 C CAS . 06W C 3 .   ? 8.160   1.333   3.330   1.00 48.26 ? 202 06W X CAS 1 
HETATM 1350 C CAT . 06W C 3 .   ? 7.367   1.666   2.226   1.00 35.72 ? 202 06W X CAT 1 
HETATM 1351 C CAU . 06W C 3 .   ? 8.678   2.308   4.178   1.00 52.34 ? 202 06W X CAU 1 
HETATM 1352 C CAV . 06W C 3 .   ? 9.437   1.914   5.280   1.00 50.06 ? 202 06W X CAV 1 
HETATM 1353 C CAW . 06W C 3 .   ? 9.989   2.869   6.128   1.00 58.17 ? 202 06W X CAW 1 
HETATM 1354 N NAX . 06W C 3 .   ? 9.807   4.234   5.848   1.00 60.43 ? 202 06W X NAX 1 
HETATM 1355 C CAY . 06W C 3 .   ? 9.071   4.627   4.720   1.00 58.66 ? 202 06W X CAY 1 
HETATM 1356 C CAZ . 06W C 3 .   ? 4.556   5.019   3.314   1.00 31.87 ? 202 06W X CAZ 1 
HETATM 1357 O OBA . 06W C 3 .   ? 8.389   -2.318  2.943   1.00 43.13 ? 202 06W X OBA 1 
HETATM 1358 C CBB . 06W C 3 .   ? 9.224   -2.491  4.105   1.00 44.48 ? 202 06W X CBB 1 
HETATM 1359 O O   . HOH D 4 .   ? 5.385   19.755  -0.265  0.50 37.85 ? 301 HOH X O   1 
HETATM 1360 O O   . HOH D 4 .   ? -6.336  19.378  -13.632 1.00 48.60 ? 302 HOH X O   1 
HETATM 1361 O O   . HOH D 4 .   ? 11.969  -2.158  -9.567  1.00 46.99 ? 303 HOH X O   1 
HETATM 1362 O O   . HOH D 4 .   ? 14.576  2.320   -4.969  1.00 47.98 ? 304 HOH X O   1 
HETATM 1363 O O   . HOH D 4 .   ? 17.713  -13.860 -0.114  1.00 38.53 ? 305 HOH X O   1 
HETATM 1364 O O   . HOH D 4 .   ? 17.438  -4.536  -0.841  1.00 51.00 ? 306 HOH X O   1 
HETATM 1365 O O   . HOH D 4 .   ? -6.790  16.589  0.520   1.00 49.04 ? 307 HOH X O   1 
HETATM 1366 O O   . HOH D 4 .   ? 13.755  -11.802 -8.722  1.00 25.22 ? 308 HOH X O   1 
HETATM 1367 O O   . HOH D 4 .   ? 15.092  -11.714 -6.348  1.00 29.49 ? 309 HOH X O   1 
HETATM 1368 O O   . HOH D 4 .   ? 8.745   -0.383  -10.831 1.00 27.12 ? 310 HOH X O   1 
HETATM 1369 O O   . HOH D 4 .   ? 6.408   9.312   -16.677 1.00 26.86 ? 311 HOH X O   1 
HETATM 1370 O O   . HOH D 4 .   ? 13.884  9.179   -9.230  1.00 43.19 ? 312 HOH X O   1 
HETATM 1371 O O   . HOH D 4 .   ? -9.851  0.954   10.495  1.00 41.38 ? 313 HOH X O   1 
HETATM 1372 O O   . HOH D 4 .   ? 8.749   2.613   -10.226 1.00 22.23 ? 314 HOH X O   1 
HETATM 1373 O O   . HOH D 4 .   ? 14.948  6.431   -7.948  1.00 42.93 ? 315 HOH X O   1 
HETATM 1374 O O   . HOH D 4 .   ? -4.066  8.885   -14.838 1.00 25.67 ? 316 HOH X O   1 
HETATM 1375 O O   . HOH D 4 .   ? -12.734 14.697  3.599   1.00 31.88 ? 317 HOH X O   1 
HETATM 1376 O O   . HOH D 4 .   ? 17.630  -16.759 -8.304  1.00 40.82 ? 318 HOH X O   1 
HETATM 1377 O O   . HOH D 4 .   ? 12.687  -18.231 -1.748  1.00 37.97 ? 319 HOH X O   1 
HETATM 1378 O O   . HOH D 4 .   ? -8.696  16.553  9.699   1.00 37.75 ? 320 HOH X O   1 
HETATM 1379 O O   . HOH D 4 .   ? 10.681  5.349   -15.527 1.00 30.39 ? 321 HOH X O   1 
HETATM 1380 O O   . HOH D 4 .   ? 13.109  -1.959  -6.645  1.00 34.19 ? 322 HOH X O   1 
HETATM 1381 O O   . HOH D 4 .   ? 3.781   -4.749  17.165  1.00 42.87 ? 323 HOH X O   1 
HETATM 1382 O O   . HOH D 4 .   ? 7.107   -3.679  -12.960 1.00 45.25 ? 324 HOH X O   1 
HETATM 1383 O O   . HOH D 4 .   ? -2.651  -0.016  -12.484 1.00 22.48 ? 325 HOH X O   1 
HETATM 1384 O O   . HOH D 4 .   ? -13.171 4.019   8.917   1.00 23.84 ? 326 HOH X O   1 
HETATM 1385 O O   . HOH D 4 .   ? -15.993 4.235   9.577   1.00 27.15 ? 327 HOH X O   1 
HETATM 1386 O O   . HOH D 4 .   ? 7.760   -6.442  17.336  1.00 46.44 ? 328 HOH X O   1 
HETATM 1387 O O   . HOH D 4 .   ? -8.960  8.033   -10.935 1.00 44.09 ? 329 HOH X O   1 
HETATM 1388 O O   . HOH D 4 .   ? 15.615  -6.925  -6.602  0.50 42.79 ? 330 HOH X O   1 
HETATM 1389 O O   . HOH D 4 .   ? -1.150  10.786  10.467  1.00 47.26 ? 331 HOH X O   1 
HETATM 1390 O O   . HOH D 4 .   ? 17.200  -9.517  -3.327  1.00 52.09 ? 332 HOH X O   1 
HETATM 1391 O O   . HOH D 4 .   ? 8.692   -19.728 -7.469  1.00 43.43 ? 333 HOH X O   1 
HETATM 1392 O O   . HOH D 4 .   ? 11.101  -3.483  17.144  1.00 47.00 ? 334 HOH X O   1 
HETATM 1393 O O   . HOH D 4 .   ? 16.836  -22.190 -5.539  1.00 38.17 ? 335 HOH X O   1 
HETATM 1394 O O   . HOH D 4 .   ? -9.324  16.615  -5.798  1.00 45.38 ? 336 HOH X O   1 
HETATM 1395 O O   . HOH D 4 .   ? 7.118   1.908   -15.990 1.00 39.25 ? 337 HOH X O   1 
HETATM 1396 O O   . HOH D 4 .   ? -20.107 6.630   0.183   1.00 32.45 ? 338 HOH X O   1 
HETATM 1397 O O   . HOH D 4 .   ? 11.518  -6.679  -14.141 1.00 35.87 ? 339 HOH X O   1 
HETATM 1398 O O   . HOH D 4 .   ? -10.559 6.468   -9.291  1.00 37.69 ? 340 HOH X O   1 
HETATM 1399 O O   . HOH D 4 .   ? 2.876   10.417  -15.063 1.00 25.12 ? 341 HOH X O   1 
HETATM 1400 O O   . HOH D 4 .   ? 5.860   17.451  2.519   1.00 36.53 ? 342 HOH X O   1 
HETATM 1401 O O   . HOH D 4 .   ? -10.214 5.678   -11.228 1.00 31.88 ? 343 HOH X O   1 
HETATM 1402 O O   . HOH D 4 .   ? -4.314  8.898   10.238  1.00 45.14 ? 344 HOH X O   1 
HETATM 1403 O O   . HOH D 4 .   ? 15.727  0.351   -7.968  1.00 35.89 ? 345 HOH X O   1 
HETATM 1404 O O   . HOH D 4 .   ? 0.273   10.938  -14.597 1.00 23.44 ? 346 HOH X O   1 
HETATM 1405 O O   . HOH D 4 .   ? 17.505  -7.421  0.040   1.00 48.38 ? 347 HOH X O   1 
HETATM 1406 O O   . HOH D 4 .   ? -3.317  -2.683  -16.243 1.00 37.83 ? 348 HOH X O   1 
HETATM 1407 O O   . HOH D 4 .   ? 14.474  -18.655 -8.923  1.00 36.19 ? 349 HOH X O   1 
HETATM 1408 O O   . HOH D 4 .   ? 1.207   -18.203 7.750   1.00 45.39 ? 350 HOH X O   1 
HETATM 1409 O O   . HOH D 4 .   ? -1.124  -3.200  -16.737 1.00 43.63 ? 351 HOH X O   1 
HETATM 1410 O O   . HOH D 4 .   ? -5.715  14.294  10.273  1.00 42.70 ? 352 HOH X O   1 
HETATM 1411 O O   . HOH D 4 .   ? 14.685  -3.990  -7.960  1.00 36.10 ? 353 HOH X O   1 
HETATM 1412 O O   . HOH D 4 .   ? 17.639  -9.420  -0.961  1.00 49.59 ? 354 HOH X O   1 
HETATM 1413 O O   . HOH D 4 .   ? 18.674  -6.658  1.863   1.00 52.16 ? 355 HOH X O   1 
HETATM 1414 O O   . HOH D 4 .   ? 2.993   -8.636  13.777  1.00 44.45 ? 356 HOH X O   1 
HETATM 1415 O O   . HOH D 4 .   ? -1.570  -7.207  17.351  1.00 41.86 ? 357 HOH X O   1 
HETATM 1416 O O   . HOH D 4 .   ? 2.030   1.550   -16.189 1.00 42.86 ? 358 HOH X O   1 
HETATM 1417 O O   . HOH D 4 .   ? -2.084  8.631   11.530  1.00 46.79 ? 359 HOH X O   1 
HETATM 1418 O O   . HOH D 4 .   ? -8.244  9.214   -13.141 1.00 43.29 ? 360 HOH X O   1 
HETATM 1419 O O   . HOH D 4 .   ? -9.890  18.406  7.965   1.00 49.55 ? 361 HOH X O   1 
HETATM 1420 O O   . HOH D 4 .   ? -2.738  12.011  -17.916 1.00 35.95 ? 362 HOH X O   1 
HETATM 1421 O O   . HOH D 4 .   ? 14.690  -0.010  -5.855  1.00 37.96 ? 363 HOH X O   1 
HETATM 1422 O O   . HOH D 4 .   ? -13.612 16.172  5.504   1.00 30.68 ? 364 HOH X O   1 
HETATM 1423 O O   . HOH D 4 .   ? -15.435 1.842   9.320   1.00 37.22 ? 365 HOH X O   1 
HETATM 1424 O O   . HOH D 4 .   ? 14.045  -12.529 12.357  1.00 44.92 ? 366 HOH X O   1 
HETATM 1425 O O   . HOH D 4 .   ? -1.899  10.186  -16.139 1.00 29.10 ? 367 HOH X O   1 
HETATM 1426 O O   . HOH D 4 .   ? 7.559   17.391  -11.279 1.00 32.81 ? 368 HOH X O   1 
HETATM 1427 O O   . HOH D 4 .   ? 18.097  2.434   -2.125  1.00 46.65 ? 369 HOH X O   1 
HETATM 1428 O O   . HOH D 4 .   ? -13.559 -0.957  9.706   1.00 43.83 ? 370 HOH X O   1 
HETATM 1429 O O   . HOH D 4 .   ? -8.497  19.619  8.876   1.00 36.78 ? 371 HOH X O   1 
HETATM 1430 O O   . HOH D 4 .   ? -7.301  8.827   9.693   1.00 41.15 ? 372 HOH X O   1 
HETATM 1431 O O   . HOH D 4 .   ? 6.025   -16.456 12.100  1.00 58.02 ? 373 HOH X O   1 
HETATM 1432 O O   . HOH D 4 .   ? -9.935  -2.773  7.850   1.00 26.50 ? 374 HOH X O   1 
HETATM 1433 O O   . HOH D 4 .   ? -10.323 7.927   6.946   1.00 18.12 ? 375 HOH X O   1 
HETATM 1434 O O   . HOH D 4 .   ? 13.388  -15.443 6.211   1.00 33.26 ? 376 HOH X O   1 
HETATM 1435 O O   . HOH D 4 .   ? -19.516 6.001   -2.638  1.00 38.42 ? 377 HOH X O   1 
HETATM 1436 O O   . HOH D 4 .   ? -0.870  -7.417  -13.139 1.00 36.96 ? 378 HOH X O   1 
HETATM 1437 O O   . HOH D 4 .   ? -8.421  5.793   6.840   1.00 20.47 ? 379 HOH X O   1 
HETATM 1438 O O   . HOH D 4 .   ? 12.509  -19.163 9.020   1.00 58.10 ? 380 HOH X O   1 
HETATM 1439 O O   . HOH D 4 .   ? -3.504  5.131   3.264   1.00 20.65 ? 381 HOH X O   1 
HETATM 1440 O O   . HOH D 4 .   ? -4.952  18.439  3.357   1.00 24.13 ? 382 HOH X O   1 
HETATM 1441 O O   . HOH D 4 .   ? 0.041   12.453  -11.971 1.00 25.25 ? 383 HOH X O   1 
HETATM 1442 O O   . HOH D 4 .   ? -6.578  5.613   4.635   1.00 26.49 ? 384 HOH X O   1 
HETATM 1443 O O   . HOH D 4 .   ? 9.179   2.731   -2.573  1.00 24.07 ? 385 HOH X O   1 
HETATM 1444 O O   . HOH D 4 .   ? -14.220 0.092   -9.070  1.00 30.10 ? 386 HOH X O   1 
HETATM 1445 O O   . HOH D 4 .   ? 0.190   -16.330 -8.568  1.00 36.19 ? 387 HOH X O   1 
HETATM 1446 O O   . HOH D 4 .   ? 3.632   8.845   1.361   1.00 28.59 ? 388 HOH X O   1 
HETATM 1447 O O   . HOH D 4 .   ? 11.504  -0.202  6.450   1.00 39.06 ? 389 HOH X O   1 
HETATM 1448 O O   . HOH D 4 .   ? -0.125  -13.201 8.863   1.00 34.41 ? 390 HOH X O   1 
HETATM 1449 O O   . HOH D 4 .   ? 11.264  8.809   -7.616  1.00 39.19 ? 391 HOH X O   1 
HETATM 1450 O O   . HOH D 4 .   ? -10.302 8.492   -5.396  1.00 34.10 ? 392 HOH X O   1 
HETATM 1451 O O   . HOH D 4 .   ? -7.293  17.460  2.350   1.00 36.93 ? 393 HOH X O   1 
HETATM 1452 O O   . HOH D 4 .   ? -7.885  -8.023  -8.968  1.00 33.62 ? 394 HOH X O   1 
HETATM 1453 O O   . HOH D 4 .   ? -12.897 -3.995  -7.777  1.00 37.35 ? 395 HOH X O   1 
HETATM 1454 O O   . HOH D 4 .   ? 8.442   -10.402 9.322   1.00 38.04 ? 396 HOH X O   1 
HETATM 1455 O O   . HOH D 4 .   ? 2.842   -16.835 -9.288  1.00 34.93 ? 397 HOH X O   1 
HETATM 1456 O O   . HOH D 4 .   ? 10.106  4.673   -1.651  1.00 33.90 ? 398 HOH X O   1 
HETATM 1457 O O   . HOH D 4 .   ? 7.652   -13.162 -11.580 1.00 30.86 ? 399 HOH X O   1 
HETATM 1458 O O   . HOH D 4 .   ? 6.683   15.017  -10.355 1.00 33.56 ? 400 HOH X O   1 
HETATM 1459 O O   . HOH D 4 .   ? 8.178   12.100  -10.068 1.00 31.02 ? 401 HOH X O   1 
HETATM 1460 O O   . HOH D 4 .   ? -5.561  -1.783  11.910  1.00 38.04 ? 402 HOH X O   1 
HETATM 1461 O O   . HOH D 4 .   ? -12.661 -1.615  -7.908  1.00 39.08 ? 403 HOH X O   1 
HETATM 1462 O O   . HOH D 4 .   ? -1.780  -10.431 10.434  1.00 38.60 ? 404 HOH X O   1 
HETATM 1463 O O   . HOH D 4 .   ? 5.604   -11.141 -11.592 1.00 29.74 ? 405 HOH X O   1 
HETATM 1464 O O   . HOH D 4 .   ? 5.889   7.029   11.735  1.00 38.22 ? 406 HOH X O   1 
HETATM 1465 O O   . HOH D 4 .   ? -1.876  -6.892  -14.974 1.00 47.89 ? 407 HOH X O   1 
HETATM 1466 O O   . HOH D 4 .   ? -1.669  -1.569  14.754  1.00 40.12 ? 408 HOH X O   1 
HETATM 1467 O O   . HOH D 4 .   ? 15.172  2.920   -2.368  1.00 47.01 ? 409 HOH X O   1 
HETATM 1468 O O   . HOH D 4 .   ? 1.834   -4.018  -14.028 1.00 34.30 ? 410 HOH X O   1 
HETATM 1469 O O   . HOH D 4 .   ? 9.908   11.330  -7.977  1.00 33.43 ? 411 HOH X O   1 
HETATM 1470 O O   . HOH D 4 .   ? 2.391   5.974   13.886  1.00 47.06 ? 412 HOH X O   1 
HETATM 1471 O O   . HOH D 4 .   ? -9.484  14.078  -4.610  1.00 46.24 ? 413 HOH X O   1 
HETATM 1472 O O   . HOH D 4 .   ? 2.640   14.269  -14.616 1.00 35.32 ? 414 HOH X O   1 
HETATM 1473 O O   . HOH D 4 .   ? -5.302  -2.695  14.988  1.00 45.33 ? 415 HOH X O   1 
HETATM 1474 O O   . HOH D 4 .   ? -11.038 16.020  1.410   1.00 42.81 ? 416 HOH X O   1 
HETATM 1475 O O   . HOH D 4 .   ? -6.997  -4.050  12.148  1.00 43.74 ? 417 HOH X O   1 
HETATM 1476 O O   . HOH D 4 .   ? 5.207   1.067   14.390  1.00 47.00 ? 418 HOH X O   1 
HETATM 1477 O O   . HOH D 4 .   ? 11.249  11.330  -4.679  1.00 48.13 ? 419 HOH X O   1 
HETATM 1478 O O   . HOH D 4 .   ? 10.731  -5.929  14.753  1.00 46.33 ? 420 HOH X O   1 
HETATM 1479 O O   . HOH D 4 .   ? 12.746  -14.138 3.383   1.00 40.28 ? 421 HOH X O   1 
HETATM 1480 O O   . HOH D 4 .   ? 13.462  -18.696 7.163   1.00 47.44 ? 422 HOH X O   1 
HETATM 1481 O O   . HOH D 4 .   ? -2.041  -12.721 -10.843 1.00 37.79 ? 423 HOH X O   1 
HETATM 1482 O O   . HOH D 4 .   ? -3.901  -10.853 -12.370 1.00 42.50 ? 424 HOH X O   1 
HETATM 1483 O O   . HOH D 4 .   ? -9.972  -15.946 -2.954  1.00 49.23 ? 425 HOH X O   1 
HETATM 1484 O O   . HOH D 4 .   ? -9.445  -18.417 -0.791  1.00 54.04 ? 426 HOH X O   1 
HETATM 1485 O O   . HOH D 4 .   ? -3.886  -9.456  12.289  1.00 43.41 ? 427 HOH X O   1 
HETATM 1486 O O   . HOH D 4 .   ? -9.300  -12.171 5.905   1.00 44.66 ? 428 HOH X O   1 
HETATM 1487 O O   . HOH D 4 .   ? -15.936 7.066   -8.925  1.00 48.52 ? 429 HOH X O   1 
HETATM 1488 O O   . HOH D 4 .   ? 7.135   3.354   7.399   1.00 58.02 ? 430 HOH X O   1 
HETATM 1489 O O   . HOH D 4 .   ? -4.605  -20.497 -0.131  1.00 50.48 ? 431 HOH X O   1 
HETATM 1490 O O   . HOH D 4 .   ? 12.027  -0.113  9.058   1.00 48.59 ? 432 HOH X O   1 
HETATM 1491 O O   . HOH D 4 .   ? -7.689  -1.690  10.346  1.00 40.14 ? 433 HOH X O   1 
HETATM 1492 O O   . HOH D 4 .   ? -13.405 12.551  0.240   1.00 41.02 ? 434 HOH X O   1 
HETATM 1493 O O   . HOH D 4 .   ? 8.180   13.804  -7.667  1.00 43.42 ? 435 HOH X O   1 
HETATM 1494 O O   . HOH D 4 .   ? 11.217  12.916  7.671   1.00 49.53 ? 436 HOH X O   1 
HETATM 1495 O O   . HOH D 4 .   ? 11.991  -16.935 4.204   1.00 45.22 ? 437 HOH X O   1 
HETATM 1496 O O   . HOH D 4 .   ? -20.128 -7.092  -3.768  1.00 49.01 ? 438 HOH X O   1 
# 
loop_
_pdbx_poly_seq_scheme.asym_id 
_pdbx_poly_seq_scheme.entity_id 
_pdbx_poly_seq_scheme.seq_id 
_pdbx_poly_seq_scheme.mon_id 
_pdbx_poly_seq_scheme.ndb_seq_num 
_pdbx_poly_seq_scheme.pdb_seq_num 
_pdbx_poly_seq_scheme.auth_seq_num 
_pdbx_poly_seq_scheme.pdb_mon_id 
_pdbx_poly_seq_scheme.auth_mon_id 
_pdbx_poly_seq_scheme.pdb_strand_id 
_pdbx_poly_seq_scheme.pdb_ins_code 
_pdbx_poly_seq_scheme.hetero 
A 1 1   THR 1   1   1   THR THR X . n 
A 1 2   LEU 2   2   2   LEU LEU X . n 
A 1 3   SER 3   3   3   SER SER X . n 
A 1 4   ILE 4   4   4   ILE ILE X . n 
A 1 5   LEU 5   5   5   LEU LEU X . n 
A 1 6   VAL 6   6   6   VAL VAL X . n 
A 1 7   ALA 7   7   7   ALA ALA X . n 
A 1 8   HIS 8   8   8   HIS HIS X . n 
A 1 9   ASP 9   9   9   ASP ASP X . n 
A 1 10  LEU 10  10  10  LEU LEU X . n 
A 1 11  GLN 11  11  11  GLN GLN X . n 
A 1 12  ARG 12  12  12  ARG ARG X . n 
A 1 13  VAL 13  13  13  VAL VAL X . n 
A 1 14  ILE 14  14  14  ILE ILE X . n 
A 1 15  GLY 15  15  15  GLY GLY X . n 
A 1 16  PHE 16  16  16  PHE PHE X . n 
A 1 17  GLU 17  17  17  GLU GLU X . n 
A 1 18  ASN 18  18  18  ASN ASN X . n 
A 1 19  GLN 19  19  19  GLN GLN X . n 
A 1 20  LEU 20  20  20  LEU LEU X . n 
A 1 21  PRO 21  21  21  PRO PRO X . n 
A 1 22  TRP 22  22  22  TRP TRP X . n 
A 1 23  HIS 23  23  23  HIS HIS X . n 
A 1 24  LEU 24  24  24  LEU LEU X . n 
A 1 25  PRO 25  25  25  PRO PRO X . n 
A 1 26  ASN 26  26  26  ASN ASN X . n 
A 1 27  ASP 27  27  27  ASP ASP X . n 
A 1 28  LEU 28  28  28  LEU LEU X . n 
A 1 29  LYS 29  29  29  LYS LYS X . n 
A 1 30  HIS 30  30  30  HIS HIS X . n 
A 1 31  VAL 31  31  31  VAL VAL X . n 
A 1 32  LYS 32  32  32  LYS LYS X . n 
A 1 33  LYS 33  33  33  LYS LYS X . n 
A 1 34  LEU 34  34  34  LEU LEU X . n 
A 1 35  SER 35  35  35  SER SER X . n 
A 1 36  THR 36  36  36  THR THR X . n 
A 1 37  GLY 37  37  37  GLY GLY X . n 
A 1 38  HIS 38  38  38  HIS HIS X . n 
A 1 39  THR 39  39  39  THR THR X . n 
A 1 40  LEU 40  40  40  LEU LEU X . n 
A 1 41  VAL 41  41  41  VAL VAL X . n 
A 1 42  MET 42  42  42  MET MET X . n 
A 1 43  GLY 43  43  43  GLY GLY X . n 
A 1 44  ARG 44  44  44  ARG ARG X . n 
A 1 45  LYS 45  45  45  LYS LYS X . n 
A 1 46  THR 46  46  46  THR THR X . n 
A 1 47  PHE 47  47  47  PHE PHE X . n 
A 1 48  GLU 48  48  48  GLU GLU X . n 
A 1 49  SER 49  49  49  SER SER X . n 
A 1 50  ILE 50  50  50  ILE ILE X . n 
A 1 51  GLY 51  51  51  GLY GLY X . n 
A 1 52  LYS 52  52  52  LYS LYS X . n 
A 1 53  PRO 53  53  53  PRO PRO X . n 
A 1 54  LEU 54  54  54  LEU LEU X . n 
A 1 55  PRO 55  55  55  PRO PRO X . n 
A 1 56  ASN 56  56  56  ASN ASN X . n 
A 1 57  ARG 57  57  57  ARG ARG X . n 
A 1 58  ARG 58  58  58  ARG ARG X . n 
A 1 59  ASN 59  59  59  ASN ASN X . n 
A 1 60  VAL 60  60  60  VAL VAL X . n 
A 1 61  VAL 61  61  61  VAL VAL X . n 
A 1 62  LEU 62  62  62  LEU LEU X . n 
A 1 63  THR 63  63  63  THR THR X . n 
A 1 64  SER 64  64  64  SER SER X . n 
A 1 65  ASP 65  65  65  ASP ASP X . n 
A 1 66  THR 66  66  66  THR THR X . n 
A 1 67  SER 67  67  67  SER SER X . n 
A 1 68  PHE 68  68  68  PHE PHE X . n 
A 1 69  ASN 69  69  69  ASN ASN X . n 
A 1 70  VAL 70  70  70  VAL VAL X . n 
A 1 71  GLU 71  71  71  GLU GLU X . n 
A 1 72  GLY 72  72  72  GLY GLY X . n 
A 1 73  VAL 73  73  73  VAL VAL X . n 
A 1 74  ASP 74  74  74  ASP ASP X . n 
A 1 75  VAL 75  75  75  VAL VAL X . n 
A 1 76  ILE 76  76  76  ILE ILE X . n 
A 1 77  HIS 77  77  77  HIS HIS X . n 
A 1 78  SER 78  78  78  SER SER X . n 
A 1 79  ILE 79  79  79  ILE ILE X . n 
A 1 80  GLU 80  80  80  GLU GLU X . n 
A 1 81  ASP 81  81  81  ASP ASP X . n 
A 1 82  ILE 82  82  82  ILE ILE X . n 
A 1 83  TYR 83  83  83  TYR TYR X . n 
A 1 84  GLN 84  84  84  GLN GLN X . n 
A 1 85  LEU 85  85  85  LEU LEU X . n 
A 1 86  PRO 86  86  86  PRO PRO X . n 
A 1 87  GLY 87  87  87  GLY GLY X . n 
A 1 88  HIS 88  88  88  HIS HIS X . n 
A 1 89  VAL 89  89  89  VAL VAL X . n 
A 1 90  PHE 90  90  90  PHE PHE X . n 
A 1 91  ILE 91  91  91  ILE ILE X . n 
A 1 92  PHE 92  92  92  PHE PHE X . n 
A 1 93  GLY 93  93  93  GLY GLY X . n 
A 1 94  GLY 94  94  94  GLY GLY X . n 
A 1 95  GLN 95  95  95  GLN GLN X . n 
A 1 96  THR 96  96  96  THR THR X . n 
A 1 97  LEU 97  97  97  LEU LEU X . n 
A 1 98  PHE 98  98  98  PHE PHE X . n 
A 1 99  GLU 99  99  99  GLU GLU X . n 
A 1 100 GLU 100 100 100 GLU GLU X . n 
A 1 101 MET 101 101 101 MET MET X . n 
A 1 102 ILE 102 102 102 ILE ILE X . n 
A 1 103 ASP 103 103 103 ASP ASP X . n 
A 1 104 LYS 104 104 104 LYS LYS X . n 
A 1 105 VAL 105 105 105 VAL VAL X . n 
A 1 106 ASP 106 106 106 ASP ASP X . n 
A 1 107 ASP 107 107 107 ASP ASP X . n 
A 1 108 MET 108 108 108 MET MET X . n 
A 1 109 TYR 109 109 109 TYR TYR X . n 
A 1 110 ILE 110 110 110 ILE ILE X . n 
A 1 111 THR 111 111 111 THR THR X . n 
A 1 112 VAL 112 112 112 VAL VAL X . n 
A 1 113 ILE 113 113 113 ILE ILE X . n 
A 1 114 GLU 114 114 114 GLU GLU X . n 
A 1 115 GLY 115 115 115 GLY GLY X . n 
A 1 116 LYS 116 116 116 LYS LYS X . n 
A 1 117 PHE 117 117 117 PHE PHE X . n 
A 1 118 ARG 118 118 118 ARG ARG X . n 
A 1 119 GLY 119 119 119 GLY GLY X . n 
A 1 120 ASP 120 120 120 ASP ASP X . n 
A 1 121 THR 121 121 121 THR THR X . n 
A 1 122 PHE 122 122 122 PHE PHE X . n 
A 1 123 PHE 123 123 123 PHE PHE X . n 
A 1 124 PRO 124 124 124 PRO PRO X . n 
A 1 125 PRO 125 125 125 PRO PRO X . n 
A 1 126 TYR 126 126 126 TYR TYR X . n 
A 1 127 THR 127 127 127 THR THR X . n 
A 1 128 PHE 128 128 128 PHE PHE X . n 
A 1 129 GLU 129 129 129 GLU GLU X . n 
A 1 130 ASP 130 130 130 ASP ASP X . n 
A 1 131 TRP 131 131 131 TRP TRP X . n 
A 1 132 GLU 132 132 132 GLU GLU X . n 
A 1 133 VAL 133 133 133 VAL VAL X . n 
A 1 134 ALA 134 134 134 ALA ALA X . n 
A 1 135 SER 135 135 135 SER SER X . n 
A 1 136 SER 136 136 136 SER SER X . n 
A 1 137 VAL 137 137 137 VAL VAL X . n 
A 1 138 GLU 138 138 138 GLU GLU X . n 
A 1 139 GLY 139 139 139 GLY GLY X . n 
A 1 140 LYS 140 140 140 LYS LYS X . n 
A 1 141 LEU 141 141 141 LEU LEU X . n 
A 1 142 ASP 142 142 142 ASP ASP X . n 
A 1 143 GLU 143 143 143 GLU GLU X . n 
A 1 144 LYS 144 144 144 LYS LYS X . n 
A 1 145 ASN 145 145 145 ASN ASN X . n 
A 1 146 THR 146 146 146 THR THR X . n 
A 1 147 ILE 147 147 147 ILE ILE X . n 
A 1 148 PRO 148 148 148 PRO PRO X . n 
A 1 149 HIS 149 149 149 HIS HIS X . n 
A 1 150 THR 150 150 150 THR THR X . n 
A 1 151 PHE 151 151 151 PHE PHE X . n 
A 1 152 LEU 152 152 152 LEU LEU X . n 
A 1 153 HIS 153 153 153 HIS HIS X . n 
A 1 154 LEU 154 154 154 LEU LEU X . n 
A 1 155 ILE 155 155 155 ILE ILE X . n 
A 1 156 ARG 156 156 156 ARG ARG X . n 
A 1 157 LYS 157 157 157 LYS LYS X . n 
# 
loop_
_pdbx_nonpoly_scheme.asym_id 
_pdbx_nonpoly_scheme.entity_id 
_pdbx_nonpoly_scheme.mon_id 
_pdbx_nonpoly_scheme.ndb_seq_num 
_pdbx_nonpoly_scheme.pdb_seq_num 
_pdbx_nonpoly_scheme.auth_seq_num 
_pdbx_nonpoly_scheme.pdb_mon_id 
_pdbx_nonpoly_scheme.auth_mon_id 
_pdbx_nonpoly_scheme.pdb_strand_id 
_pdbx_nonpoly_scheme.pdb_ins_code 
B 2 NDP 1   201 207 NDP NAP X . 
C 3 06W 1   202 1   06W DRG X . 
D 4 HOH 1   301 9   HOH HOH X . 
D 4 HOH 2   302 31  HOH HOH X . 
D 4 HOH 3   303 20  HOH HOH X . 
D 4 HOH 4   304 8   HOH HOH X . 
D 4 HOH 5   305 24  HOH HOH X . 
D 4 HOH 6   306 21  HOH HOH X . 
D 4 HOH 7   307 3   HOH HOH X . 
D 4 HOH 8   308 8   HOH HOH X . 
D 4 HOH 9   309 2   HOH HOH X . 
D 4 HOH 10  310 18  HOH HOH X . 
D 4 HOH 11  311 14  HOH HOH X . 
D 4 HOH 12  312 11  HOH HOH X . 
D 4 HOH 13  313 2   HOH HOH X . 
D 4 HOH 14  314 15  HOH HOH X . 
D 4 HOH 15  315 8   HOH HOH X . 
D 4 HOH 16  316 7   HOH HOH X . 
D 4 HOH 17  317 25  HOH HOH X . 
D 4 HOH 18  318 18  HOH HOH X . 
D 4 HOH 19  319 45  HOH HOH X . 
D 4 HOH 20  320 38  HOH HOH X . 
D 4 HOH 21  321 4   HOH HOH X . 
D 4 HOH 22  322 36  HOH HOH X . 
D 4 HOH 23  323 28  HOH HOH X . 
D 4 HOH 24  324 30  HOH HOH X . 
D 4 HOH 25  325 11  HOH HOH X . 
D 4 HOH 26  326 10  HOH HOH X . 
D 4 HOH 27  327 28  HOH HOH X . 
D 4 HOH 28  328 1   HOH HOH X . 
D 4 HOH 29  329 18  HOH HOH X . 
D 4 HOH 30  330 11  HOH HOH X . 
D 4 HOH 31  331 29  HOH HOH X . 
D 4 HOH 32  332 13  HOH HOH X . 
D 4 HOH 33  333 15  HOH HOH X . 
D 4 HOH 34  334 43  HOH HOH X . 
D 4 HOH 35  335 13  HOH HOH X . 
D 4 HOH 36  336 15  HOH HOH X . 
D 4 HOH 37  337 17  HOH HOH X . 
D 4 HOH 38  338 38  HOH HOH X . 
D 4 HOH 39  339 27  HOH HOH X . 
D 4 HOH 40  340 7   HOH HOH X . 
D 4 HOH 41  341 12  HOH HOH X . 
D 4 HOH 42  342 52  HOH HOH X . 
D 4 HOH 43  343 13  HOH HOH X . 
D 4 HOH 44  344 23  HOH HOH X . 
D 4 HOH 45  345 1   HOH HOH X . 
D 4 HOH 46  346 31  HOH HOH X . 
D 4 HOH 47  347 36  HOH HOH X . 
D 4 HOH 48  348 7   HOH HOH X . 
D 4 HOH 49  349 21  HOH HOH X . 
D 4 HOH 50  350 12  HOH HOH X . 
D 4 HOH 51  351 15  HOH HOH X . 
D 4 HOH 52  352 14  HOH HOH X . 
D 4 HOH 53  353 46  HOH HOH X . 
D 4 HOH 54  354 2   HOH HOH X . 
D 4 HOH 55  355 2   HOH HOH X . 
D 4 HOH 56  356 7   HOH HOH X . 
D 4 HOH 57  357 41  HOH HOH X . 
D 4 HOH 58  358 39  HOH HOH X . 
D 4 HOH 59  359 23  HOH HOH X . 
D 4 HOH 60  360 32  HOH HOH X . 
D 4 HOH 61  361 1   HOH HOH X . 
D 4 HOH 62  362 10  HOH HOH X . 
D 4 HOH 63  363 20  HOH HOH X . 
D 4 HOH 64  364 1   HOH HOH X . 
D 4 HOH 65  365 14  HOH HOH X . 
D 4 HOH 66  366 4   HOH HOH X . 
D 4 HOH 67  367 29  HOH HOH X . 
D 4 HOH 68  368 55  HOH HOH X . 
D 4 HOH 69  369 25  HOH HOH X . 
D 4 HOH 70  370 44  HOH HOH X . 
D 4 HOH 71  371 49  HOH HOH X . 
D 4 HOH 72  372 4   HOH HOH X . 
D 4 HOH 73  373 5   HOH HOH X . 
D 4 HOH 74  374 5   HOH HOH X . 
D 4 HOH 75  375 3   HOH HOH X . 
D 4 HOH 76  376 40  HOH HOH X . 
D 4 HOH 77  377 39  HOH HOH X . 
D 4 HOH 78  378 37  HOH HOH X . 
D 4 HOH 79  379 16  HOH HOH X . 
D 4 HOH 80  380 7   HOH HOH X . 
D 4 HOH 81  381 1   HOH HOH X . 
D 4 HOH 82  382 2   HOH HOH X . 
D 4 HOH 83  383 4   HOH HOH X . 
D 4 HOH 84  384 9   HOH HOH X . 
D 4 HOH 85  385 17  HOH HOH X . 
D 4 HOH 86  386 19  HOH HOH X . 
D 4 HOH 87  387 22  HOH HOH X . 
D 4 HOH 88  388 23  HOH HOH X . 
D 4 HOH 89  389 24  HOH HOH X . 
D 4 HOH 90  390 26  HOH HOH X . 
D 4 HOH 91  391 30  HOH HOH X . 
D 4 HOH 92  392 32  HOH HOH X . 
D 4 HOH 93  393 33  HOH HOH X . 
D 4 HOH 94  394 34  HOH HOH X . 
D 4 HOH 95  395 35  HOH HOH X . 
D 4 HOH 96  396 37  HOH HOH X . 
D 4 HOH 97  397 41  HOH HOH X . 
D 4 HOH 98  398 42  HOH HOH X . 
D 4 HOH 99  399 50  HOH HOH X . 
D 4 HOH 100 400 53  HOH HOH X . 
D 4 HOH 101 401 54  HOH HOH X . 
D 4 HOH 102 402 3   HOH HOH X . 
D 4 HOH 103 403 5   HOH HOH X . 
D 4 HOH 104 404 6   HOH HOH X . 
D 4 HOH 105 405 8   HOH HOH X . 
D 4 HOH 106 406 10  HOH HOH X . 
D 4 HOH 107 407 11  HOH HOH X . 
D 4 HOH 108 408 12  HOH HOH X . 
D 4 HOH 109 409 16  HOH HOH X . 
D 4 HOH 110 410 19  HOH HOH X . 
D 4 HOH 111 411 21  HOH HOH X . 
D 4 HOH 112 412 22  HOH HOH X . 
D 4 HOH 113 413 26  HOH HOH X . 
D 4 HOH 114 414 27  HOH HOH X . 
D 4 HOH 115 415 33  HOH HOH X . 
D 4 HOH 116 416 35  HOH HOH X . 
D 4 HOH 117 417 40  HOH HOH X . 
D 4 HOH 118 418 42  HOH HOH X . 
D 4 HOH 119 419 45  HOH HOH X . 
D 4 HOH 120 420 48  HOH HOH X . 
D 4 HOH 121 421 3   HOH HOH X . 
D 4 HOH 122 422 6   HOH HOH X . 
D 4 HOH 123 423 8   HOH HOH X . 
D 4 HOH 124 424 9   HOH HOH X . 
D 4 HOH 125 425 10  HOH HOH X . 
D 4 HOH 126 426 11  HOH HOH X . 
D 4 HOH 127 427 13  HOH HOH X . 
D 4 HOH 128 428 6   HOH HOH X . 
D 4 HOH 129 429 12  HOH HOH X . 
D 4 HOH 130 430 14  HOH HOH X . 
D 4 HOH 131 431 16  HOH HOH X . 
D 4 HOH 132 432 19  HOH HOH X . 
D 4 HOH 133 433 22  HOH HOH X . 
D 4 HOH 134 434 3   HOH HOH X . 
D 4 HOH 135 435 5   HOH HOH X . 
D 4 HOH 136 436 6   HOH HOH X . 
D 4 HOH 137 437 9   HOH HOH X . 
D 4 HOH 138 438 10  HOH HOH X . 
# 
_pdbx_struct_assembly.id                   1 
_pdbx_struct_assembly.details              author_and_software_defined_assembly 
_pdbx_struct_assembly.method_details       PISA 
_pdbx_struct_assembly.oligomeric_details   monomeric 
_pdbx_struct_assembly.oligomeric_count     1 
# 
_pdbx_struct_assembly_gen.assembly_id       1 
_pdbx_struct_assembly_gen.oper_expression   1 
_pdbx_struct_assembly_gen.asym_id_list      A,B,C,D 
# 
_pdbx_struct_oper_list.id                   1 
_pdbx_struct_oper_list.type                 'identity operation' 
_pdbx_struct_oper_list.name                 1_555 
_pdbx_struct_oper_list.symmetry_operation   x,y,z 
_pdbx_struct_oper_list.matrix[1][1]         1.0000000000 
_pdbx_struct_oper_list.matrix[1][2]         0.0000000000 
_pdbx_struct_oper_list.matrix[1][3]         0.0000000000 
_pdbx_struct_oper_list.vector[1]            0.0000000000 
_pdbx_struct_oper_list.matrix[2][1]         0.0000000000 
_pdbx_struct_oper_list.matrix[2][2]         1.0000000000 
_pdbx_struct_oper_list.matrix[2][3]         0.0000000000 
_pdbx_struct_oper_list.vector[2]            0.0000000000 
_pdbx_struct_oper_list.matrix[3][1]         0.0000000000 
_pdbx_struct_oper_list.matrix[3][2]         0.0000000000 
_pdbx_struct_oper_list.matrix[3][3]         1.0000000000 
_pdbx_struct_oper_list.vector[3]            0.0000000000 
# 
loop_
_pdbx_struct_special_symmetry.id 
_pdbx_struct_special_symmetry.PDB_model_num 
_pdbx_struct_special_symmetry.auth_asym_id 
_pdbx_struct_special_symmetry.auth_comp_id 
_pdbx_struct_special_symmetry.auth_seq_id 
_pdbx_struct_special_symmetry.PDB_ins_code 
_pdbx_struct_special_symmetry.label_asym_id 
_pdbx_struct_special_symmetry.label_comp_id 
_pdbx_struct_special_symmetry.label_seq_id 
1 1 X HOH 301 ? D HOH . 
2 1 X HOH 330 ? D HOH . 
# 
loop_
_pdbx_audit_revision_history.ordinal 
_pdbx_audit_revision_history.data_content_type 
_pdbx_audit_revision_history.major_revision 
_pdbx_audit_revision_history.minor_revision 
_pdbx_audit_revision_history.revision_date 
1 'Structure model' 1 0 2015-07-08 
2 'Structure model' 1 1 2015-07-29 
3 'Structure model' 1 2 2017-09-27 
4 'Structure model' 1 3 2019-12-11 
5 'Structure model' 1 4 2023-09-27 
# 
_pdbx_audit_revision_details.ordinal             1 
_pdbx_audit_revision_details.revision_ordinal    1 
_pdbx_audit_revision_details.data_content_type   'Structure model' 
_pdbx_audit_revision_details.provider            repository 
_pdbx_audit_revision_details.type                'Initial release' 
_pdbx_audit_revision_details.description         ? 
_pdbx_audit_revision_details.details             ? 
# 
loop_
_pdbx_audit_revision_group.ordinal 
_pdbx_audit_revision_group.revision_ordinal 
_pdbx_audit_revision_group.data_content_type 
_pdbx_audit_revision_group.group 
1  2 'Structure model' 'Database references'        
2  3 'Structure model' Advisory                     
3  3 'Structure model' 'Author supporting evidence' 
4  3 'Structure model' 'Data collection'            
5  3 'Structure model' 'Derived calculations'       
6  3 'Structure model' 'Refinement description'     
7  3 'Structure model' 'Source and taxonomy'        
8  4 'Structure model' 'Author supporting evidence' 
9  5 'Structure model' 'Data collection'            
10 5 'Structure model' 'Database references'        
11 5 'Structure model' 'Refinement description'     
# 
loop_
_pdbx_audit_revision_category.ordinal 
_pdbx_audit_revision_category.revision_ordinal 
_pdbx_audit_revision_category.data_content_type 
_pdbx_audit_revision_category.category 
1  3 'Structure model' diffrn_detector               
2  3 'Structure model' entity_src_gen                
3  3 'Structure model' pdbx_audit_support            
4  3 'Structure model' pdbx_struct_oper_list         
5  3 'Structure model' pdbx_validate_close_contact   
6  3 'Structure model' software                      
7  4 'Structure model' pdbx_audit_support            
8  5 'Structure model' chem_comp_atom                
9  5 'Structure model' chem_comp_bond                
10 5 'Structure model' database_2                    
11 5 'Structure model' pdbx_initial_refinement_model 
# 
loop_
_pdbx_audit_revision_item.ordinal 
_pdbx_audit_revision_item.revision_ordinal 
_pdbx_audit_revision_item.data_content_type 
_pdbx_audit_revision_item.item 
1 3 'Structure model' '_diffrn_detector.detector'                 
2 3 'Structure model' '_entity_src_gen.pdbx_alt_source_flag'      
3 3 'Structure model' '_pdbx_audit_support.funding_organization'  
4 3 'Structure model' '_pdbx_struct_oper_list.symmetry_operation' 
5 3 'Structure model' '_software.classification'                  
6 4 'Structure model' '_pdbx_audit_support.funding_organization'  
7 5 'Structure model' '_database_2.pdbx_DOI'                      
8 5 'Structure model' '_database_2.pdbx_database_accession'       
# 
loop_
_software.citation_id 
_software.classification 
_software.compiler_name 
_software.compiler_version 
_software.contact_author 
_software.contact_author_email 
_software.date 
_software.description 
_software.dependencies 
_software.hardware 
_software.language 
_software.location 
_software.mods 
_software.name 
_software.os 
_software.os_version 
_software.type 
_software.version 
_software.pdbx_ordinal 
? refinement        ? ? ? ? ? ? ? ? ? ? ? PHENIX          ? ? ? '(phenix.refine: 1.8.2_1309)' 1 
? 'data collection' ? ? ? ? ? ? ? ? ? ? ? StructureStudio ? ? ? .                             2 
? 'data scaling'    ? ? ? ? ? ? ? ? ? ? ? d*TREK          ? ? ? .                             3 
# 
loop_
_pdbx_validate_close_contact.id 
_pdbx_validate_close_contact.PDB_model_num 
_pdbx_validate_close_contact.auth_atom_id_1 
_pdbx_validate_close_contact.auth_asym_id_1 
_pdbx_validate_close_contact.auth_comp_id_1 
_pdbx_validate_close_contact.auth_seq_id_1 
_pdbx_validate_close_contact.PDB_ins_code_1 
_pdbx_validate_close_contact.label_alt_id_1 
_pdbx_validate_close_contact.auth_atom_id_2 
_pdbx_validate_close_contact.auth_asym_id_2 
_pdbx_validate_close_contact.auth_comp_id_2 
_pdbx_validate_close_contact.auth_seq_id_2 
_pdbx_validate_close_contact.PDB_ins_code_2 
_pdbx_validate_close_contact.label_alt_id_2 
_pdbx_validate_close_contact.dist 
1 1 O X HOH 361 ? ? O X HOH 371 ? ? 2.06 
2 1 O X HOH 307 ? ? O X HOH 393 ? ? 2.09 
3 1 O X SER 49  ? ? O X HOH 409 ? ? 2.10 
4 1 O X HOH 340 ? ? O X HOH 343 ? ? 2.12 
5 1 O X HOH 380 ? ? O X HOH 422 ? ? 2.14 
6 1 O X HOH 378 ? ? O X HOH 407 ? ? 2.16 
# 
_pdbx_validate_symm_contact.id                1 
_pdbx_validate_symm_contact.PDB_model_num     1 
_pdbx_validate_symm_contact.auth_atom_id_1    O 
_pdbx_validate_symm_contact.auth_asym_id_1    X 
_pdbx_validate_symm_contact.auth_comp_id_1    HOH 
_pdbx_validate_symm_contact.auth_seq_id_1     313 
_pdbx_validate_symm_contact.PDB_ins_code_1    ? 
_pdbx_validate_symm_contact.label_alt_id_1    ? 
_pdbx_validate_symm_contact.site_symmetry_1   1_555 
_pdbx_validate_symm_contact.auth_atom_id_2    O 
_pdbx_validate_symm_contact.auth_asym_id_2    X 
_pdbx_validate_symm_contact.auth_comp_id_2    HOH 
_pdbx_validate_symm_contact.auth_seq_id_2     351 
_pdbx_validate_symm_contact.PDB_ins_code_2    ? 
_pdbx_validate_symm_contact.label_alt_id_2    ? 
_pdbx_validate_symm_contact.site_symmetry_2   5_554 
_pdbx_validate_symm_contact.dist              2.16 
# 
loop_
_pdbx_validate_torsion.id 
_pdbx_validate_torsion.PDB_model_num 
_pdbx_validate_torsion.auth_comp_id 
_pdbx_validate_torsion.auth_asym_id 
_pdbx_validate_torsion.auth_seq_id 
_pdbx_validate_torsion.PDB_ins_code 
_pdbx_validate_torsion.label_alt_id 
_pdbx_validate_torsion.phi 
_pdbx_validate_torsion.psi 
1 1 HIS X 38  ? ? -119.25 -155.48 
2 1 ASN X 56  ? ? 81.62   20.53   
3 1 ASN X 69  ? ? -161.91 94.94   
4 1 ASP X 142 ? ? -160.01 -155.30 
# 
loop_
_chem_comp_atom.comp_id 
_chem_comp_atom.atom_id 
_chem_comp_atom.type_symbol 
_chem_comp_atom.pdbx_aromatic_flag 
_chem_comp_atom.pdbx_stereo_config 
_chem_comp_atom.pdbx_ordinal 
06W N1   N Y N 1   
06W C2   C Y N 2   
06W N3   N Y N 3   
06W C4   C Y N 4   
06W C5   C Y N 5   
06W C6   C Y N 6   
06W CAA  C Y N 7   
06W NAH  N N N 8   
06W CAI  C N N 9   
06W NAJ  N N N 10  
06W CAK  C N N 11  
06W CAL  C N N 12  
06W CAM  C N S 13  
06W CAN  C N N 14  
06W CAO  C Y N 15  
06W CAP  C Y N 16  
06W CAQ  C Y N 17  
06W CAR  C Y N 18  
06W CAS  C Y N 19  
06W CAT  C Y N 20  
06W CAU  C Y N 21  
06W CAV  C Y N 22  
06W CAW  C Y N 23  
06W NAX  N Y N 24  
06W CAY  C Y N 25  
06W CAZ  C N N 26  
06W OBA  O N N 27  
06W CBB  C N N 28  
06W HAA  H N N 29  
06W HNAH H N N 30  
06W HNAA H N N 31  
06W HAI  H N N 32  
06W HAIA H N N 33  
06W HNAJ H N N 34  
06W HNAB H N N 35  
06W HAM  H N N 36  
06W HAN  H N N 37  
06W HANA H N N 38  
06W HANB H N N 39  
06W HAP  H N N 40  
06W HAR  H N N 41  
06W HAT  H N N 42  
06W HAV  H N N 43  
06W HAW  H N N 44  
06W HAY  H N N 45  
06W HAZ  H N N 46  
06W HAZA H N N 47  
06W HAZB H N N 48  
06W HBB  H N N 49  
06W HBBA H N N 50  
06W HBBB H N N 51  
ALA N    N N N 52  
ALA CA   C N S 53  
ALA C    C N N 54  
ALA O    O N N 55  
ALA CB   C N N 56  
ALA OXT  O N N 57  
ALA H    H N N 58  
ALA H2   H N N 59  
ALA HA   H N N 60  
ALA HB1  H N N 61  
ALA HB2  H N N 62  
ALA HB3  H N N 63  
ALA HXT  H N N 64  
ARG N    N N N 65  
ARG CA   C N S 66  
ARG C    C N N 67  
ARG O    O N N 68  
ARG CB   C N N 69  
ARG CG   C N N 70  
ARG CD   C N N 71  
ARG NE   N N N 72  
ARG CZ   C N N 73  
ARG NH1  N N N 74  
ARG NH2  N N N 75  
ARG OXT  O N N 76  
ARG H    H N N 77  
ARG H2   H N N 78  
ARG HA   H N N 79  
ARG HB2  H N N 80  
ARG HB3  H N N 81  
ARG HG2  H N N 82  
ARG HG3  H N N 83  
ARG HD2  H N N 84  
ARG HD3  H N N 85  
ARG HE   H N N 86  
ARG HH11 H N N 87  
ARG HH12 H N N 88  
ARG HH21 H N N 89  
ARG HH22 H N N 90  
ARG HXT  H N N 91  
ASN N    N N N 92  
ASN CA   C N S 93  
ASN C    C N N 94  
ASN O    O N N 95  
ASN CB   C N N 96  
ASN CG   C N N 97  
ASN OD1  O N N 98  
ASN ND2  N N N 99  
ASN OXT  O N N 100 
ASN H    H N N 101 
ASN H2   H N N 102 
ASN HA   H N N 103 
ASN HB2  H N N 104 
ASN HB3  H N N 105 
ASN HD21 H N N 106 
ASN HD22 H N N 107 
ASN HXT  H N N 108 
ASP N    N N N 109 
ASP CA   C N S 110 
ASP C    C N N 111 
ASP O    O N N 112 
ASP CB   C N N 113 
ASP CG   C N N 114 
ASP OD1  O N N 115 
ASP OD2  O N N 116 
ASP OXT  O N N 117 
ASP H    H N N 118 
ASP H2   H N N 119 
ASP HA   H N N 120 
ASP HB2  H N N 121 
ASP HB3  H N N 122 
ASP HD2  H N N 123 
ASP HXT  H N N 124 
GLN N    N N N 125 
GLN CA   C N S 126 
GLN C    C N N 127 
GLN O    O N N 128 
GLN CB   C N N 129 
GLN CG   C N N 130 
GLN CD   C N N 131 
GLN OE1  O N N 132 
GLN NE2  N N N 133 
GLN OXT  O N N 134 
GLN H    H N N 135 
GLN H2   H N N 136 
GLN HA   H N N 137 
GLN HB2  H N N 138 
GLN HB3  H N N 139 
GLN HG2  H N N 140 
GLN HG3  H N N 141 
GLN HE21 H N N 142 
GLN HE22 H N N 143 
GLN HXT  H N N 144 
GLU N    N N N 145 
GLU CA   C N S 146 
GLU C    C N N 147 
GLU O    O N N 148 
GLU CB   C N N 149 
GLU CG   C N N 150 
GLU CD   C N N 151 
GLU OE1  O N N 152 
GLU OE2  O N N 153 
GLU OXT  O N N 154 
GLU H    H N N 155 
GLU H2   H N N 156 
GLU HA   H N N 157 
GLU HB2  H N N 158 
GLU HB3  H N N 159 
GLU HG2  H N N 160 
GLU HG3  H N N 161 
GLU HE2  H N N 162 
GLU HXT  H N N 163 
GLY N    N N N 164 
GLY CA   C N N 165 
GLY C    C N N 166 
GLY O    O N N 167 
GLY OXT  O N N 168 
GLY H    H N N 169 
GLY H2   H N N 170 
GLY HA2  H N N 171 
GLY HA3  H N N 172 
GLY HXT  H N N 173 
HIS N    N N N 174 
HIS CA   C N S 175 
HIS C    C N N 176 
HIS O    O N N 177 
HIS CB   C N N 178 
HIS CG   C Y N 179 
HIS ND1  N Y N 180 
HIS CD2  C Y N 181 
HIS CE1  C Y N 182 
HIS NE2  N Y N 183 
HIS OXT  O N N 184 
HIS H    H N N 185 
HIS H2   H N N 186 
HIS HA   H N N 187 
HIS HB2  H N N 188 
HIS HB3  H N N 189 
HIS HD1  H N N 190 
HIS HD2  H N N 191 
HIS HE1  H N N 192 
HIS HE2  H N N 193 
HIS HXT  H N N 194 
HOH O    O N N 195 
HOH H1   H N N 196 
HOH H2   H N N 197 
ILE N    N N N 198 
ILE CA   C N S 199 
ILE C    C N N 200 
ILE O    O N N 201 
ILE CB   C N S 202 
ILE CG1  C N N 203 
ILE CG2  C N N 204 
ILE CD1  C N N 205 
ILE OXT  O N N 206 
ILE H    H N N 207 
ILE H2   H N N 208 
ILE HA   H N N 209 
ILE HB   H N N 210 
ILE HG12 H N N 211 
ILE HG13 H N N 212 
ILE HG21 H N N 213 
ILE HG22 H N N 214 
ILE HG23 H N N 215 
ILE HD11 H N N 216 
ILE HD12 H N N 217 
ILE HD13 H N N 218 
ILE HXT  H N N 219 
LEU N    N N N 220 
LEU CA   C N S 221 
LEU C    C N N 222 
LEU O    O N N 223 
LEU CB   C N N 224 
LEU CG   C N N 225 
LEU CD1  C N N 226 
LEU CD2  C N N 227 
LEU OXT  O N N 228 
LEU H    H N N 229 
LEU H2   H N N 230 
LEU HA   H N N 231 
LEU HB2  H N N 232 
LEU HB3  H N N 233 
LEU HG   H N N 234 
LEU HD11 H N N 235 
LEU HD12 H N N 236 
LEU HD13 H N N 237 
LEU HD21 H N N 238 
LEU HD22 H N N 239 
LEU HD23 H N N 240 
LEU HXT  H N N 241 
LYS N    N N N 242 
LYS CA   C N S 243 
LYS C    C N N 244 
LYS O    O N N 245 
LYS CB   C N N 246 
LYS CG   C N N 247 
LYS CD   C N N 248 
LYS CE   C N N 249 
LYS NZ   N N N 250 
LYS OXT  O N N 251 
LYS H    H N N 252 
LYS H2   H N N 253 
LYS HA   H N N 254 
LYS HB2  H N N 255 
LYS HB3  H N N 256 
LYS HG2  H N N 257 
LYS HG3  H N N 258 
LYS HD2  H N N 259 
LYS HD3  H N N 260 
LYS HE2  H N N 261 
LYS HE3  H N N 262 
LYS HZ1  H N N 263 
LYS HZ2  H N N 264 
LYS HZ3  H N N 265 
LYS HXT  H N N 266 
MET N    N N N 267 
MET CA   C N S 268 
MET C    C N N 269 
MET O    O N N 270 
MET CB   C N N 271 
MET CG   C N N 272 
MET SD   S N N 273 
MET CE   C N N 274 
MET OXT  O N N 275 
MET H    H N N 276 
MET H2   H N N 277 
MET HA   H N N 278 
MET HB2  H N N 279 
MET HB3  H N N 280 
MET HG2  H N N 281 
MET HG3  H N N 282 
MET HE1  H N N 283 
MET HE2  H N N 284 
MET HE3  H N N 285 
MET HXT  H N N 286 
NDP PA   P N S 287 
NDP O1A  O N N 288 
NDP O2A  O N N 289 
NDP O5B  O N N 290 
NDP C5B  C N N 291 
NDP C4B  C N R 292 
NDP O4B  O N N 293 
NDP C3B  C N R 294 
NDP O3B  O N N 295 
NDP C2B  C N R 296 
NDP O2B  O N N 297 
NDP C1B  C N R 298 
NDP N9A  N Y N 299 
NDP C8A  C Y N 300 
NDP N7A  N Y N 301 
NDP C5A  C Y N 302 
NDP C6A  C Y N 303 
NDP N6A  N N N 304 
NDP N1A  N Y N 305 
NDP C2A  C Y N 306 
NDP N3A  N Y N 307 
NDP C4A  C Y N 308 
NDP O3   O N N 309 
NDP PN   P N S 310 
NDP O1N  O N N 311 
NDP O2N  O N N 312 
NDP O5D  O N N 313 
NDP C5D  C N N 314 
NDP C4D  C N R 315 
NDP O4D  O N N 316 
NDP C3D  C N S 317 
NDP O3D  O N N 318 
NDP C2D  C N R 319 
NDP O2D  O N N 320 
NDP C1D  C N R 321 
NDP N1N  N N N 322 
NDP C2N  C N N 323 
NDP C3N  C N N 324 
NDP C7N  C N N 325 
NDP O7N  O N N 326 
NDP N7N  N N N 327 
NDP C4N  C N N 328 
NDP C5N  C N N 329 
NDP C6N  C N N 330 
NDP P2B  P N N 331 
NDP O1X  O N N 332 
NDP O2X  O N N 333 
NDP O3X  O N N 334 
NDP HOA2 H N N 335 
NDP H51A H N N 336 
NDP H52A H N N 337 
NDP H4B  H N N 338 
NDP H3B  H N N 339 
NDP HO3A H N N 340 
NDP H2B  H N N 341 
NDP H1B  H N N 342 
NDP H8A  H N N 343 
NDP H61A H N N 344 
NDP H62A H N N 345 
NDP H2A  H N N 346 
NDP H21N H N N 347 
NDP H51N H N N 348 
NDP H52N H N N 349 
NDP H4D  H N N 350 
NDP H3D  H N N 351 
NDP HO3N H N N 352 
NDP H2D  H N N 353 
NDP HO2N H N N 354 
NDP H1D  H N N 355 
NDP H2N  H N N 356 
NDP H71N H N N 357 
NDP H72N H N N 358 
NDP H41N H N N 359 
NDP H42N H N N 360 
NDP H5N  H N N 361 
NDP H6N  H N N 362 
NDP HOP2 H N N 363 
NDP HOP3 H N N 364 
PHE N    N N N 365 
PHE CA   C N S 366 
PHE C    C N N 367 
PHE O    O N N 368 
PHE CB   C N N 369 
PHE CG   C Y N 370 
PHE CD1  C Y N 371 
PHE CD2  C Y N 372 
PHE CE1  C Y N 373 
PHE CE2  C Y N 374 
PHE CZ   C Y N 375 
PHE OXT  O N N 376 
PHE H    H N N 377 
PHE H2   H N N 378 
PHE HA   H N N 379 
PHE HB2  H N N 380 
PHE HB3  H N N 381 
PHE HD1  H N N 382 
PHE HD2  H N N 383 
PHE HE1  H N N 384 
PHE HE2  H N N 385 
PHE HZ   H N N 386 
PHE HXT  H N N 387 
PRO N    N N N 388 
PRO CA   C N S 389 
PRO C    C N N 390 
PRO O    O N N 391 
PRO CB   C N N 392 
PRO CG   C N N 393 
PRO CD   C N N 394 
PRO OXT  O N N 395 
PRO H    H N N 396 
PRO HA   H N N 397 
PRO HB2  H N N 398 
PRO HB3  H N N 399 
PRO HG2  H N N 400 
PRO HG3  H N N 401 
PRO HD2  H N N 402 
PRO HD3  H N N 403 
PRO HXT  H N N 404 
SER N    N N N 405 
SER CA   C N S 406 
SER C    C N N 407 
SER O    O N N 408 
SER CB   C N N 409 
SER OG   O N N 410 
SER OXT  O N N 411 
SER H    H N N 412 
SER H2   H N N 413 
SER HA   H N N 414 
SER HB2  H N N 415 
SER HB3  H N N 416 
SER HG   H N N 417 
SER HXT  H N N 418 
THR N    N N N 419 
THR CA   C N S 420 
THR C    C N N 421 
THR O    O N N 422 
THR CB   C N R 423 
THR OG1  O N N 424 
THR CG2  C N N 425 
THR OXT  O N N 426 
THR H    H N N 427 
THR H2   H N N 428 
THR HA   H N N 429 
THR HB   H N N 430 
THR HG1  H N N 431 
THR HG21 H N N 432 
THR HG22 H N N 433 
THR HG23 H N N 434 
THR HXT  H N N 435 
TRP N    N N N 436 
TRP CA   C N S 437 
TRP C    C N N 438 
TRP O    O N N 439 
TRP CB   C N N 440 
TRP CG   C Y N 441 
TRP CD1  C Y N 442 
TRP CD2  C Y N 443 
TRP NE1  N Y N 444 
TRP CE2  C Y N 445 
TRP CE3  C Y N 446 
TRP CZ2  C Y N 447 
TRP CZ3  C Y N 448 
TRP CH2  C Y N 449 
TRP OXT  O N N 450 
TRP H    H N N 451 
TRP H2   H N N 452 
TRP HA   H N N 453 
TRP HB2  H N N 454 
TRP HB3  H N N 455 
TRP HD1  H N N 456 
TRP HE1  H N N 457 
TRP HE3  H N N 458 
TRP HZ2  H N N 459 
TRP HZ3  H N N 460 
TRP HH2  H N N 461 
TRP HXT  H N N 462 
TYR N    N N N 463 
TYR CA   C N S 464 
TYR C    C N N 465 
TYR O    O N N 466 
TYR CB   C N N 467 
TYR CG   C Y N 468 
TYR CD1  C Y N 469 
TYR CD2  C Y N 470 
TYR CE1  C Y N 471 
TYR CE2  C Y N 472 
TYR CZ   C Y N 473 
TYR OH   O N N 474 
TYR OXT  O N N 475 
TYR H    H N N 476 
TYR H2   H N N 477 
TYR HA   H N N 478 
TYR HB2  H N N 479 
TYR HB3  H N N 480 
TYR HD1  H N N 481 
TYR HD2  H N N 482 
TYR HE1  H N N 483 
TYR HE2  H N N 484 
TYR HH   H N N 485 
TYR HXT  H N N 486 
VAL N    N N N 487 
VAL CA   C N S 488 
VAL C    C N N 489 
VAL O    O N N 490 
VAL CB   C N N 491 
VAL CG1  C N N 492 
VAL CG2  C N N 493 
VAL OXT  O N N 494 
VAL H    H N N 495 
VAL H2   H N N 496 
VAL HA   H N N 497 
VAL HB   H N N 498 
VAL HG11 H N N 499 
VAL HG12 H N N 500 
VAL HG13 H N N 501 
VAL HG21 H N N 502 
VAL HG22 H N N 503 
VAL HG23 H N N 504 
VAL HXT  H N N 505 
# 
loop_
_chem_comp_bond.comp_id 
_chem_comp_bond.atom_id_1 
_chem_comp_bond.atom_id_2 
_chem_comp_bond.value_order 
_chem_comp_bond.pdbx_aromatic_flag 
_chem_comp_bond.pdbx_stereo_config 
_chem_comp_bond.pdbx_ordinal 
06W C2  N1   doub Y N 1   
06W C6  N1   sing Y N 2   
06W N3  C2   sing Y N 3   
06W C2  NAH  sing N N 4   
06W C4  N3   doub Y N 5   
06W CAI C4   sing N N 6   
06W C4  C5   sing Y N 7   
06W CAK C5   sing N N 8   
06W C5  C6   doub Y N 9   
06W C6  NAJ  sing N N 10  
06W CAU CAA  doub Y N 11  
06W CAY CAA  sing Y N 12  
06W CAA HAA  sing N N 13  
06W NAH HNAH sing N N 14  
06W NAH HNAA sing N N 15  
06W CAI CAZ  sing N N 16  
06W CAI HAI  sing N N 17  
06W CAI HAIA sing N N 18  
06W NAJ HNAJ sing N N 19  
06W NAJ HNAB sing N N 20  
06W CAL CAK  trip N N 21  
06W CAM CAL  sing N N 22  
06W CAN CAM  sing N N 23  
06W CAM CAO  sing N N 24  
06W CAM HAM  sing N N 25  
06W CAN HAN  sing N N 26  
06W CAN HANA sing N N 27  
06W CAN HANB sing N N 28  
06W CAT CAO  doub Y N 29  
06W CAO CAP  sing Y N 30  
06W CAP CAQ  doub Y N 31  
06W CAP HAP  sing N N 32  
06W CAR CAQ  sing Y N 33  
06W CAQ OBA  sing N N 34  
06W CAS CAR  doub Y N 35  
06W CAR HAR  sing N N 36  
06W CAU CAS  sing N N 37  
06W CAT CAS  sing Y N 38  
06W CAT HAT  sing N N 39  
06W CAV CAU  sing Y N 40  
06W CAW CAV  doub Y N 41  
06W CAV HAV  sing N N 42  
06W CAW NAX  sing Y N 43  
06W CAW HAW  sing N N 44  
06W NAX CAY  doub Y N 45  
06W CAY HAY  sing N N 46  
06W CAZ HAZ  sing N N 47  
06W CAZ HAZA sing N N 48  
06W CAZ HAZB sing N N 49  
06W OBA CBB  sing N N 50  
06W CBB HBB  sing N N 51  
06W CBB HBBA sing N N 52  
06W CBB HBBB sing N N 53  
ALA N   CA   sing N N 54  
ALA N   H    sing N N 55  
ALA N   H2   sing N N 56  
ALA CA  C    sing N N 57  
ALA CA  CB   sing N N 58  
ALA CA  HA   sing N N 59  
ALA C   O    doub N N 60  
ALA C   OXT  sing N N 61  
ALA CB  HB1  sing N N 62  
ALA CB  HB2  sing N N 63  
ALA CB  HB3  sing N N 64  
ALA OXT HXT  sing N N 65  
ARG N   CA   sing N N 66  
ARG N   H    sing N N 67  
ARG N   H2   sing N N 68  
ARG CA  C    sing N N 69  
ARG CA  CB   sing N N 70  
ARG CA  HA   sing N N 71  
ARG C   O    doub N N 72  
ARG C   OXT  sing N N 73  
ARG CB  CG   sing N N 74  
ARG CB  HB2  sing N N 75  
ARG CB  HB3  sing N N 76  
ARG CG  CD   sing N N 77  
ARG CG  HG2  sing N N 78  
ARG CG  HG3  sing N N 79  
ARG CD  NE   sing N N 80  
ARG CD  HD2  sing N N 81  
ARG CD  HD3  sing N N 82  
ARG NE  CZ   sing N N 83  
ARG NE  HE   sing N N 84  
ARG CZ  NH1  sing N N 85  
ARG CZ  NH2  doub N N 86  
ARG NH1 HH11 sing N N 87  
ARG NH1 HH12 sing N N 88  
ARG NH2 HH21 sing N N 89  
ARG NH2 HH22 sing N N 90  
ARG OXT HXT  sing N N 91  
ASN N   CA   sing N N 92  
ASN N   H    sing N N 93  
ASN N   H2   sing N N 94  
ASN CA  C    sing N N 95  
ASN CA  CB   sing N N 96  
ASN CA  HA   sing N N 97  
ASN C   O    doub N N 98  
ASN C   OXT  sing N N 99  
ASN CB  CG   sing N N 100 
ASN CB  HB2  sing N N 101 
ASN CB  HB3  sing N N 102 
ASN CG  OD1  doub N N 103 
ASN CG  ND2  sing N N 104 
ASN ND2 HD21 sing N N 105 
ASN ND2 HD22 sing N N 106 
ASN OXT HXT  sing N N 107 
ASP N   CA   sing N N 108 
ASP N   H    sing N N 109 
ASP N   H2   sing N N 110 
ASP CA  C    sing N N 111 
ASP CA  CB   sing N N 112 
ASP CA  HA   sing N N 113 
ASP C   O    doub N N 114 
ASP C   OXT  sing N N 115 
ASP CB  CG   sing N N 116 
ASP CB  HB2  sing N N 117 
ASP CB  HB3  sing N N 118 
ASP CG  OD1  doub N N 119 
ASP CG  OD2  sing N N 120 
ASP OD2 HD2  sing N N 121 
ASP OXT HXT  sing N N 122 
GLN N   CA   sing N N 123 
GLN N   H    sing N N 124 
GLN N   H2   sing N N 125 
GLN CA  C    sing N N 126 
GLN CA  CB   sing N N 127 
GLN CA  HA   sing N N 128 
GLN C   O    doub N N 129 
GLN C   OXT  sing N N 130 
GLN CB  CG   sing N N 131 
GLN CB  HB2  sing N N 132 
GLN CB  HB3  sing N N 133 
GLN CG  CD   sing N N 134 
GLN CG  HG2  sing N N 135 
GLN CG  HG3  sing N N 136 
GLN CD  OE1  doub N N 137 
GLN CD  NE2  sing N N 138 
GLN NE2 HE21 sing N N 139 
GLN NE2 HE22 sing N N 140 
GLN OXT HXT  sing N N 141 
GLU N   CA   sing N N 142 
GLU N   H    sing N N 143 
GLU N   H2   sing N N 144 
GLU CA  C    sing N N 145 
GLU CA  CB   sing N N 146 
GLU CA  HA   sing N N 147 
GLU C   O    doub N N 148 
GLU C   OXT  sing N N 149 
GLU CB  CG   sing N N 150 
GLU CB  HB2  sing N N 151 
GLU CB  HB3  sing N N 152 
GLU CG  CD   sing N N 153 
GLU CG  HG2  sing N N 154 
GLU CG  HG3  sing N N 155 
GLU CD  OE1  doub N N 156 
GLU CD  OE2  sing N N 157 
GLU OE2 HE2  sing N N 158 
GLU OXT HXT  sing N N 159 
GLY N   CA   sing N N 160 
GLY N   H    sing N N 161 
GLY N   H2   sing N N 162 
GLY CA  C    sing N N 163 
GLY CA  HA2  sing N N 164 
GLY CA  HA3  sing N N 165 
GLY C   O    doub N N 166 
GLY C   OXT  sing N N 167 
GLY OXT HXT  sing N N 168 
HIS N   CA   sing N N 169 
HIS N   H    sing N N 170 
HIS N   H2   sing N N 171 
HIS CA  C    sing N N 172 
HIS CA  CB   sing N N 173 
HIS CA  HA   sing N N 174 
HIS C   O    doub N N 175 
HIS C   OXT  sing N N 176 
HIS CB  CG   sing N N 177 
HIS CB  HB2  sing N N 178 
HIS CB  HB3  sing N N 179 
HIS CG  ND1  sing Y N 180 
HIS CG  CD2  doub Y N 181 
HIS ND1 CE1  doub Y N 182 
HIS ND1 HD1  sing N N 183 
HIS CD2 NE2  sing Y N 184 
HIS CD2 HD2  sing N N 185 
HIS CE1 NE2  sing Y N 186 
HIS CE1 HE1  sing N N 187 
HIS NE2 HE2  sing N N 188 
HIS OXT HXT  sing N N 189 
HOH O   H1   sing N N 190 
HOH O   H2   sing N N 191 
ILE N   CA   sing N N 192 
ILE N   H    sing N N 193 
ILE N   H2   sing N N 194 
ILE CA  C    sing N N 195 
ILE CA  CB   sing N N 196 
ILE CA  HA   sing N N 197 
ILE C   O    doub N N 198 
ILE C   OXT  sing N N 199 
ILE CB  CG1  sing N N 200 
ILE CB  CG2  sing N N 201 
ILE CB  HB   sing N N 202 
ILE CG1 CD1  sing N N 203 
ILE CG1 HG12 sing N N 204 
ILE CG1 HG13 sing N N 205 
ILE CG2 HG21 sing N N 206 
ILE CG2 HG22 sing N N 207 
ILE CG2 HG23 sing N N 208 
ILE CD1 HD11 sing N N 209 
ILE CD1 HD12 sing N N 210 
ILE CD1 HD13 sing N N 211 
ILE OXT HXT  sing N N 212 
LEU N   CA   sing N N 213 
LEU N   H    sing N N 214 
LEU N   H2   sing N N 215 
LEU CA  C    sing N N 216 
LEU CA  CB   sing N N 217 
LEU CA  HA   sing N N 218 
LEU C   O    doub N N 219 
LEU C   OXT  sing N N 220 
LEU CB  CG   sing N N 221 
LEU CB  HB2  sing N N 222 
LEU CB  HB3  sing N N 223 
LEU CG  CD1  sing N N 224 
LEU CG  CD2  sing N N 225 
LEU CG  HG   sing N N 226 
LEU CD1 HD11 sing N N 227 
LEU CD1 HD12 sing N N 228 
LEU CD1 HD13 sing N N 229 
LEU CD2 HD21 sing N N 230 
LEU CD2 HD22 sing N N 231 
LEU CD2 HD23 sing N N 232 
LEU OXT HXT  sing N N 233 
LYS N   CA   sing N N 234 
LYS N   H    sing N N 235 
LYS N   H2   sing N N 236 
LYS CA  C    sing N N 237 
LYS CA  CB   sing N N 238 
LYS CA  HA   sing N N 239 
LYS C   O    doub N N 240 
LYS C   OXT  sing N N 241 
LYS CB  CG   sing N N 242 
LYS CB  HB2  sing N N 243 
LYS CB  HB3  sing N N 244 
LYS CG  CD   sing N N 245 
LYS CG  HG2  sing N N 246 
LYS CG  HG3  sing N N 247 
LYS CD  CE   sing N N 248 
LYS CD  HD2  sing N N 249 
LYS CD  HD3  sing N N 250 
LYS CE  NZ   sing N N 251 
LYS CE  HE2  sing N N 252 
LYS CE  HE3  sing N N 253 
LYS NZ  HZ1  sing N N 254 
LYS NZ  HZ2  sing N N 255 
LYS NZ  HZ3  sing N N 256 
LYS OXT HXT  sing N N 257 
MET N   CA   sing N N 258 
MET N   H    sing N N 259 
MET N   H2   sing N N 260 
MET CA  C    sing N N 261 
MET CA  CB   sing N N 262 
MET CA  HA   sing N N 263 
MET C   O    doub N N 264 
MET C   OXT  sing N N 265 
MET CB  CG   sing N N 266 
MET CB  HB2  sing N N 267 
MET CB  HB3  sing N N 268 
MET CG  SD   sing N N 269 
MET CG  HG2  sing N N 270 
MET CG  HG3  sing N N 271 
MET SD  CE   sing N N 272 
MET CE  HE1  sing N N 273 
MET CE  HE2  sing N N 274 
MET CE  HE3  sing N N 275 
MET OXT HXT  sing N N 276 
NDP PA  O1A  doub N N 277 
NDP PA  O2A  sing N N 278 
NDP PA  O5B  sing N N 279 
NDP PA  O3   sing N N 280 
NDP O2A HOA2 sing N N 281 
NDP O5B C5B  sing N N 282 
NDP C5B C4B  sing N N 283 
NDP C5B H51A sing N N 284 
NDP C5B H52A sing N N 285 
NDP C4B O4B  sing N N 286 
NDP C4B C3B  sing N N 287 
NDP C4B H4B  sing N N 288 
NDP O4B C1B  sing N N 289 
NDP C3B O3B  sing N N 290 
NDP C3B C2B  sing N N 291 
NDP C3B H3B  sing N N 292 
NDP O3B HO3A sing N N 293 
NDP C2B O2B  sing N N 294 
NDP C2B C1B  sing N N 295 
NDP C2B H2B  sing N N 296 
NDP O2B P2B  sing N N 297 
NDP C1B N9A  sing N N 298 
NDP C1B H1B  sing N N 299 
NDP N9A C8A  sing Y N 300 
NDP N9A C4A  sing Y N 301 
NDP C8A N7A  doub Y N 302 
NDP C8A H8A  sing N N 303 
NDP N7A C5A  sing Y N 304 
NDP C5A C6A  sing Y N 305 
NDP C5A C4A  doub Y N 306 
NDP C6A N6A  sing N N 307 
NDP C6A N1A  doub Y N 308 
NDP N6A H61A sing N N 309 
NDP N6A H62A sing N N 310 
NDP N1A C2A  sing Y N 311 
NDP C2A N3A  doub Y N 312 
NDP C2A H2A  sing N N 313 
NDP N3A C4A  sing Y N 314 
NDP O3  PN   sing N N 315 
NDP PN  O1N  doub N N 316 
NDP PN  O2N  sing N N 317 
NDP PN  O5D  sing N N 318 
NDP O2N H21N sing N N 319 
NDP O5D C5D  sing N N 320 
NDP C5D C4D  sing N N 321 
NDP C5D H51N sing N N 322 
NDP C5D H52N sing N N 323 
NDP C4D O4D  sing N N 324 
NDP C4D C3D  sing N N 325 
NDP C4D H4D  sing N N 326 
NDP O4D C1D  sing N N 327 
NDP C3D O3D  sing N N 328 
NDP C3D C2D  sing N N 329 
NDP C3D H3D  sing N N 330 
NDP O3D HO3N sing N N 331 
NDP C2D O2D  sing N N 332 
NDP C2D C1D  sing N N 333 
NDP C2D H2D  sing N N 334 
NDP O2D HO2N sing N N 335 
NDP C1D N1N  sing N N 336 
NDP C1D H1D  sing N N 337 
NDP N1N C2N  sing N N 338 
NDP N1N C6N  sing N N 339 
NDP C2N C3N  doub N N 340 
NDP C2N H2N  sing N N 341 
NDP C3N C7N  sing N N 342 
NDP C3N C4N  sing N N 343 
NDP C7N O7N  doub N N 344 
NDP C7N N7N  sing N N 345 
NDP N7N H71N sing N N 346 
NDP N7N H72N sing N N 347 
NDP C4N C5N  sing N N 348 
NDP C4N H41N sing N N 349 
NDP C4N H42N sing N N 350 
NDP C5N C6N  doub N N 351 
NDP C5N H5N  sing N N 352 
NDP C6N H6N  sing N N 353 
NDP P2B O1X  doub N N 354 
NDP P2B O2X  sing N N 355 
NDP P2B O3X  sing N N 356 
NDP O2X HOP2 sing N N 357 
NDP O3X HOP3 sing N N 358 
PHE N   CA   sing N N 359 
PHE N   H    sing N N 360 
PHE N   H2   sing N N 361 
PHE CA  C    sing N N 362 
PHE CA  CB   sing N N 363 
PHE CA  HA   sing N N 364 
PHE C   O    doub N N 365 
PHE C   OXT  sing N N 366 
PHE CB  CG   sing N N 367 
PHE CB  HB2  sing N N 368 
PHE CB  HB3  sing N N 369 
PHE CG  CD1  doub Y N 370 
PHE CG  CD2  sing Y N 371 
PHE CD1 CE1  sing Y N 372 
PHE CD1 HD1  sing N N 373 
PHE CD2 CE2  doub Y N 374 
PHE CD2 HD2  sing N N 375 
PHE CE1 CZ   doub Y N 376 
PHE CE1 HE1  sing N N 377 
PHE CE2 CZ   sing Y N 378 
PHE CE2 HE2  sing N N 379 
PHE CZ  HZ   sing N N 380 
PHE OXT HXT  sing N N 381 
PRO N   CA   sing N N 382 
PRO N   CD   sing N N 383 
PRO N   H    sing N N 384 
PRO CA  C    sing N N 385 
PRO CA  CB   sing N N 386 
PRO CA  HA   sing N N 387 
PRO C   O    doub N N 388 
PRO C   OXT  sing N N 389 
PRO CB  CG   sing N N 390 
PRO CB  HB2  sing N N 391 
PRO CB  HB3  sing N N 392 
PRO CG  CD   sing N N 393 
PRO CG  HG2  sing N N 394 
PRO CG  HG3  sing N N 395 
PRO CD  HD2  sing N N 396 
PRO CD  HD3  sing N N 397 
PRO OXT HXT  sing N N 398 
SER N   CA   sing N N 399 
SER N   H    sing N N 400 
SER N   H2   sing N N 401 
SER CA  C    sing N N 402 
SER CA  CB   sing N N 403 
SER CA  HA   sing N N 404 
SER C   O    doub N N 405 
SER C   OXT  sing N N 406 
SER CB  OG   sing N N 407 
SER CB  HB2  sing N N 408 
SER CB  HB3  sing N N 409 
SER OG  HG   sing N N 410 
SER OXT HXT  sing N N 411 
THR N   CA   sing N N 412 
THR N   H    sing N N 413 
THR N   H2   sing N N 414 
THR CA  C    sing N N 415 
THR CA  CB   sing N N 416 
THR CA  HA   sing N N 417 
THR C   O    doub N N 418 
THR C   OXT  sing N N 419 
THR CB  OG1  sing N N 420 
THR CB  CG2  sing N N 421 
THR CB  HB   sing N N 422 
THR OG1 HG1  sing N N 423 
THR CG2 HG21 sing N N 424 
THR CG2 HG22 sing N N 425 
THR CG2 HG23 sing N N 426 
THR OXT HXT  sing N N 427 
TRP N   CA   sing N N 428 
TRP N   H    sing N N 429 
TRP N   H2   sing N N 430 
TRP CA  C    sing N N 431 
TRP CA  CB   sing N N 432 
TRP CA  HA   sing N N 433 
TRP C   O    doub N N 434 
TRP C   OXT  sing N N 435 
TRP CB  CG   sing N N 436 
TRP CB  HB2  sing N N 437 
TRP CB  HB3  sing N N 438 
TRP CG  CD1  doub Y N 439 
TRP CG  CD2  sing Y N 440 
TRP CD1 NE1  sing Y N 441 
TRP CD1 HD1  sing N N 442 
TRP CD2 CE2  doub Y N 443 
TRP CD2 CE3  sing Y N 444 
TRP NE1 CE2  sing Y N 445 
TRP NE1 HE1  sing N N 446 
TRP CE2 CZ2  sing Y N 447 
TRP CE3 CZ3  doub Y N 448 
TRP CE3 HE3  sing N N 449 
TRP CZ2 CH2  doub Y N 450 
TRP CZ2 HZ2  sing N N 451 
TRP CZ3 CH2  sing Y N 452 
TRP CZ3 HZ3  sing N N 453 
TRP CH2 HH2  sing N N 454 
TRP OXT HXT  sing N N 455 
TYR N   CA   sing N N 456 
TYR N   H    sing N N 457 
TYR N   H2   sing N N 458 
TYR CA  C    sing N N 459 
TYR CA  CB   sing N N 460 
TYR CA  HA   sing N N 461 
TYR C   O    doub N N 462 
TYR C   OXT  sing N N 463 
TYR CB  CG   sing N N 464 
TYR CB  HB2  sing N N 465 
TYR CB  HB3  sing N N 466 
TYR CG  CD1  doub Y N 467 
TYR CG  CD2  sing Y N 468 
TYR CD1 CE1  sing Y N 469 
TYR CD1 HD1  sing N N 470 
TYR CD2 CE2  doub Y N 471 
TYR CD2 HD2  sing N N 472 
TYR CE1 CZ   doub Y N 473 
TYR CE1 HE1  sing N N 474 
TYR CE2 CZ   sing Y N 475 
TYR CE2 HE2  sing N N 476 
TYR CZ  OH   sing N N 477 
TYR OH  HH   sing N N 478 
TYR OXT HXT  sing N N 479 
VAL N   CA   sing N N 480 
VAL N   H    sing N N 481 
VAL N   H2   sing N N 482 
VAL CA  C    sing N N 483 
VAL CA  CB   sing N N 484 
VAL CA  HA   sing N N 485 
VAL C   O    doub N N 486 
VAL C   OXT  sing N N 487 
VAL CB  CG1  sing N N 488 
VAL CB  CG2  sing N N 489 
VAL CB  HB   sing N N 490 
VAL CG1 HG11 sing N N 491 
VAL CG1 HG12 sing N N 492 
VAL CG1 HG13 sing N N 493 
VAL CG2 HG21 sing N N 494 
VAL CG2 HG22 sing N N 495 
VAL CG2 HG23 sing N N 496 
VAL OXT HXT  sing N N 497 
# 
_pdbx_audit_support.funding_organization   
'National Institutes of Health/National Institute Of Allergy and Infectious Diseases (NIH/NIAID)' 
_pdbx_audit_support.country                'United States' 
_pdbx_audit_support.grant_number           1R01AI111957 
_pdbx_audit_support.ordinal                1 
# 
loop_
_pdbx_entity_nonpoly.entity_id 
_pdbx_entity_nonpoly.name 
_pdbx_entity_nonpoly.comp_id 
2 'NADPH DIHYDRO-NICOTINAMIDE-ADENINE-DINUCLEOTIDE PHOSPHATE'                                NDP 
3 '6-ethyl-5-{(3S)-3-[3-methoxy-5-(pyridin-4-yl)phenyl]but-1-yn-1-yl}pyrimidine-2,4-diamine' 06W 
4 water                                                                                      HOH 
# 
_pdbx_initial_refinement_model.id               1 
_pdbx_initial_refinement_model.entity_id_list   ? 
_pdbx_initial_refinement_model.type             'experimental model' 
_pdbx_initial_refinement_model.source_name      PDB 
_pdbx_initial_refinement_model.accession_code   3F0Q 
_pdbx_initial_refinement_model.details          ? 
# 
